data_3KK5
#
_entry.id   3KK5
#
_entity_poly.entity_id   1
_entity_poly.type   'polypeptide(L)'
_entity_poly.pdbx_seq_one_letter_code
;MAGGLSQLVAYGAQDVYLTGNPQITFFKTVYRRYTNFAIESIQQTINGSVGFGNKVSTQISRNGDLITDIVVEFVLTKGG
NGGTTYYPAEELLQDVELEIGGQRIDKHYNDWFRTYDALFRMNDDRYNYRRMTDWVNNELVGAQKRFYVPLIFFFNQTPG
LALPLIALQYHEVKLYFTLASQVQGVNYNGSSAIAGAAQPTMSVWVDYIFLDTQERTRFAQLPHEYLIEQLQFTGSETAT
PSATTQASQNIRLNFNHPTKYLAWNFNNPTNYGQYTALANIPGACSGAGTAAATVTTPDYGNTGTYNEQLAVLDSAKIQL
NGQDRFATRKGSYFNKVQPYQSIGGVTPAGVYLYSFALKPAGRQPSGTCNFSRIDNATLSLTYKTCSIDATSPAAVLGNT
ETVTANTATLLTALNIYAKNYNVLRIMSGMGGLAYAN
;
_entity_poly.pdbx_strand_id   A,B,C,D,E,F,G,H,I,J,K,L,M
#
# COMPACT_ATOMS: atom_id res chain seq x y z
CA THR A 25 -34.83 -58.23 83.45
CA PHE A 26 -31.29 -59.60 83.24
CA PHE A 27 -32.37 -63.19 83.74
CA LYS A 28 -34.48 -64.02 80.69
CA THR A 29 -32.77 -62.90 77.50
CA VAL A 30 -34.80 -63.36 74.32
CA TYR A 31 -32.25 -63.80 71.53
CA ARG A 32 -33.18 -62.66 68.04
CA ARG A 33 -33.86 -64.79 64.98
CA TYR A 34 -31.79 -64.03 61.90
CA THR A 35 -31.65 -64.65 58.17
CA ASN A 36 -30.34 -68.09 57.17
CA PHE A 37 -26.92 -67.95 55.52
CA ALA A 38 -23.63 -69.73 54.89
CA ILE A 39 -20.05 -68.54 54.52
CA GLU A 40 -17.16 -69.76 52.42
CA SER A 41 -13.67 -68.45 51.70
CA ILE A 42 -12.86 -68.90 48.02
CA GLN A 43 -9.49 -68.22 46.40
CA GLN A 44 -9.21 -65.48 43.81
CA THR A 45 -7.44 -65.53 40.46
CA ILE A 46 -4.47 -63.19 40.68
CA ASN A 47 -3.82 -61.34 37.41
CA GLY A 48 -0.28 -60.45 36.38
CA SER A 49 3.13 -61.63 37.51
CA VAL A 50 3.68 -61.68 41.28
CA GLY A 51 6.99 -60.20 42.37
CA PHE A 52 8.68 -57.30 44.14
CA GLY A 53 7.79 -54.05 42.38
CA ASN A 54 5.02 -55.56 40.30
CA LYS A 55 1.42 -54.38 39.99
CA VAL A 56 -1.17 -57.14 40.11
CA SER A 57 -4.97 -57.17 40.11
CA THR A 58 -8.01 -59.36 40.66
CA GLN A 59 -11.64 -59.26 39.57
CA ILE A 60 -13.72 -60.79 42.35
CA SER A 61 -15.50 -63.85 40.98
CA ARG A 62 -19.26 -64.13 41.45
CA ASN A 63 -19.38 -67.29 43.55
CA GLY A 64 -21.37 -65.97 46.48
CA ASP A 65 -24.11 -63.43 46.99
CA LEU A 66 -22.21 -61.08 49.30
CA ILE A 67 -18.55 -60.60 50.16
CA THR A 68 -17.02 -59.58 53.46
CA ASP A 69 -13.47 -60.50 54.52
CA ILE A 70 -10.57 -60.56 52.07
CA VAL A 71 -7.17 -61.93 53.07
CA VAL A 72 -3.96 -61.69 51.09
CA GLU A 73 -1.58 -64.60 51.71
CA PHE A 74 2.16 -64.25 51.27
CA VAL A 75 5.01 -66.71 51.71
CA LEU A 76 8.39 -65.10 52.38
CA THR A 77 11.82 -66.22 53.58
CA LYS A 78 13.97 -64.28 56.07
CA GLY A 79 17.31 -62.92 54.86
CA GLY A 80 18.57 -62.05 58.33
CA ASN A 81 18.45 -63.23 61.93
CA GLY A 82 16.47 -61.97 64.93
CA GLY A 83 14.96 -58.50 65.04
CA THR A 84 15.80 -57.94 61.39
CA THR A 85 12.20 -57.80 60.22
CA TYR A 86 9.30 -55.40 60.89
CA TYR A 87 5.85 -56.18 59.50
CA PRO A 88 7.22 -57.44 56.12
CA ALA A 89 3.88 -58.77 54.86
CA GLU A 90 2.26 -55.46 55.72
CA GLU A 91 4.96 -53.48 53.90
CA LEU A 92 4.84 -55.77 50.85
CA LEU A 93 1.27 -54.57 50.26
CA GLN A 94 2.33 -51.05 49.30
CA ASP A 95 -1.27 -50.19 48.34
CA VAL A 96 -4.66 -51.72 47.54
CA GLU A 97 -7.38 -50.09 45.43
CA LEU A 98 -11.03 -51.14 45.45
CA GLU A 99 -12.83 -50.45 42.18
CA ILE A 100 -16.50 -51.07 41.32
CA GLY A 101 -17.80 -50.70 37.76
CA GLY A 102 -14.56 -48.98 36.80
CA GLN A 103 -15.07 -46.42 39.56
CA ARG A 104 -12.66 -46.25 42.49
CA ILE A 105 -14.34 -46.64 45.90
CA ASP A 106 -11.29 -46.55 48.18
CA LYS A 107 -7.53 -47.10 48.25
CA HIS A 108 -5.21 -48.01 51.13
CA TYR A 109 -1.46 -47.76 51.61
CA ASN A 110 1.45 -49.28 53.49
CA ASP A 111 1.70 -46.51 56.02
CA TRP A 112 -2.07 -46.52 56.54
CA PHE A 113 -2.12 -50.15 57.66
CA ARG A 114 0.77 -49.28 59.98
CA THR A 115 -1.03 -46.19 61.31
CA TYR A 116 -4.29 -48.09 61.61
CA ASP A 117 -2.61 -50.82 63.64
CA ALA A 118 -0.91 -48.27 65.91
CA LEU A 119 -4.18 -46.47 66.53
CA PHE A 120 -7.11 -48.92 66.21
CA ARG A 121 -5.81 -52.40 66.93
CA MET A 122 -4.94 -53.40 70.50
CA ASN A 123 -4.03 -56.06 73.01
CA ASP A 124 -3.89 -59.72 71.86
CA ASP A 125 -5.66 -58.84 68.61
CA ARG A 126 -2.79 -56.51 67.74
CA TYR A 127 -0.27 -59.19 68.68
CA ASN A 128 -2.12 -61.77 66.58
CA TYR A 129 -1.96 -59.29 63.70
CA ARG A 130 1.83 -59.14 63.98
CA ARG A 131 2.00 -62.94 63.97
CA MET A 132 0.07 -62.79 60.69
CA THR A 133 2.28 -60.00 59.39
CA ASP A 134 5.80 -61.15 60.33
CA TRP A 135 8.27 -63.31 62.19
CA VAL A 136 7.74 -63.04 65.94
CA ASN A 137 9.76 -66.00 67.27
CA ASN A 138 13.36 -64.88 66.67
CA GLU A 139 13.67 -66.75 63.39
CA LEU A 140 17.02 -66.87 61.62
CA VAL A 141 18.12 -66.61 58.00
CA GLY A 142 16.26 -68.96 55.68
CA ALA A 143 13.11 -69.22 57.80
CA GLN A 144 10.01 -69.40 55.54
CA LYS A 145 6.61 -68.26 56.83
CA ARG A 146 2.98 -67.96 55.71
CA PHE A 147 1.64 -64.41 56.07
CA TYR A 148 -1.96 -63.23 56.11
CA VAL A 149 -2.70 -59.57 55.54
CA PRO A 150 -6.38 -58.72 56.22
CA LEU A 151 -7.83 -55.83 54.20
CA ILE A 152 -9.75 -53.06 55.97
CA PHE A 153 -12.27 -51.69 53.45
CA PHE A 154 -15.81 -50.84 54.58
CA PHE A 155 -17.21 -54.26 53.71
CA ASN A 156 -14.21 -56.00 55.35
CA GLN A 157 -14.88 -54.38 58.73
CA THR A 158 -18.57 -55.22 59.22
CA PRO A 159 -20.84 -57.96 57.92
CA GLY A 160 -23.52 -55.24 58.03
CA LEU A 161 -21.83 -53.49 55.12
CA ALA A 162 -21.31 -56.71 53.13
CA LEU A 163 -20.90 -55.77 49.46
CA PRO A 164 -23.87 -57.34 47.56
CA LEU A 165 -22.45 -58.98 44.42
CA ILE A 166 -25.90 -60.16 43.37
CA ALA A 167 -26.94 -56.51 43.28
CA LEU A 168 -23.96 -55.55 41.10
CA GLN A 169 -24.76 -57.83 38.18
CA TYR A 170 -23.33 -55.24 35.76
CA HIS A 171 -20.51 -53.76 37.83
CA GLU A 172 -17.20 -55.58 38.12
CA VAL A 173 -15.49 -55.49 41.50
CA LYS A 174 -11.71 -55.32 41.24
CA LEU A 175 -8.67 -54.95 43.46
CA TYR A 176 -5.35 -53.45 42.41
CA PHE A 177 -2.22 -54.29 44.42
CA THR A 178 1.23 -52.77 44.12
CA LEU A 179 3.94 -54.82 45.82
CA ALA A 180 6.83 -53.05 47.53
CA SER A 181 10.13 -53.42 45.70
CA GLN A 182 12.38 -53.52 48.78
CA VAL A 183 11.33 -55.13 52.04
CA GLN A 184 13.82 -55.03 54.92
CA GLY A 185 14.98 -58.38 56.26
CA VAL A 186 13.55 -60.20 53.25
CA ASN A 187 14.50 -58.48 50.01
CA TYR A 188 17.26 -56.15 51.20
CA ASN A 189 19.23 -55.33 54.33
CA GLY A 190 19.29 -51.56 54.37
CA SER A 191 20.21 -50.37 50.87
CA SER A 192 22.05 -53.64 50.12
CA ALA A 193 20.15 -56.34 48.24
CA ILE A 194 20.22 -59.82 49.80
CA ALA A 195 21.54 -62.37 47.30
CA GLY A 196 19.42 -65.43 46.61
CA ALA A 197 16.42 -63.57 48.03
CA ALA A 198 13.35 -65.50 46.89
CA GLN A 199 10.45 -63.72 45.22
CA PRO A 200 7.13 -63.51 47.07
CA THR A 201 4.28 -65.98 46.58
CA MET A 202 0.84 -64.38 46.70
CA SER A 203 -2.72 -65.64 47.13
CA VAL A 204 -6.01 -63.72 47.45
CA TRP A 205 -8.96 -65.12 49.40
CA VAL A 206 -12.49 -63.72 49.64
CA ASP A 207 -15.27 -64.68 52.07
CA TYR A 208 -18.69 -65.13 50.46
CA ILE A 209 -22.08 -65.14 52.10
CA PHE A 210 -24.70 -67.39 50.53
CA LEU A 211 -28.17 -66.10 51.30
CA ASP A 212 -31.54 -67.78 51.42
CA THR A 213 -34.14 -67.37 48.65
CA GLN A 214 -36.18 -64.83 50.59
CA GLU A 215 -33.38 -62.33 51.17
CA ARG A 216 -31.70 -63.09 47.83
CA THR A 217 -34.75 -61.84 45.97
CA ARG A 218 -34.74 -58.65 47.99
CA PHE A 219 -31.02 -58.00 47.51
CA ALA A 220 -31.59 -58.43 43.78
CA GLN A 221 -34.84 -56.52 43.56
CA LEU A 222 -34.57 -53.43 45.76
CA PRO A 223 -32.29 -50.35 45.64
CA HIS A 224 -29.56 -50.21 48.29
CA GLU A 225 -27.81 -47.38 50.09
CA TYR A 226 -24.75 -48.13 52.20
CA LEU A 227 -23.12 -45.60 54.46
CA ILE A 228 -19.44 -46.48 54.03
CA GLU A 229 -16.08 -45.02 54.97
CA GLN A 230 -13.11 -43.99 52.90
CA LEU A 231 -9.49 -43.07 53.44
CA GLN A 232 -7.89 -39.82 52.28
CA PHE A 233 -4.16 -39.13 52.05
CA THR A 234 -1.30 -36.90 50.70
CA GLY A 235 2.48 -36.97 51.38
CA SER A 236 4.10 -33.83 52.91
CA GLU A 237 7.67 -32.86 53.87
CA THR A 238 8.55 -32.16 57.51
CA ALA A 239 11.20 -29.64 58.49
CA THR A 240 12.38 -30.19 62.08
CA PRO A 241 14.82 -27.61 63.65
CA SER A 242 18.28 -29.10 63.93
CA ALA A 243 18.81 -27.00 67.07
CA THR A 244 18.84 -23.50 68.58
CA THR A 245 15.38 -23.25 67.02
CA GLN A 246 11.92 -24.83 67.00
CA ALA A 247 10.72 -24.97 63.39
CA SER A 248 7.05 -24.66 62.46
CA GLN A 249 4.71 -25.20 59.52
CA ASN A 250 1.13 -24.90 58.31
CA ILE A 251 0.09 -27.83 56.18
CA ARG A 252 -2.99 -26.80 54.21
CA LEU A 253 -5.19 -29.91 54.43
CA ASN A 254 -7.10 -30.88 51.28
CA PHE A 255 -9.88 -33.15 52.53
CA ASN A 256 -13.61 -33.44 51.88
CA HIS A 257 -16.87 -35.01 53.07
CA PRO A 258 -18.01 -35.67 56.68
CA THR A 259 -14.77 -36.66 58.44
CA LYS A 260 -14.58 -38.83 61.61
CA TYR A 261 -10.98 -38.07 62.43
CA LEU A 262 -7.49 -37.13 61.29
CA ALA A 263 -4.43 -39.32 61.85
CA TRP A 264 -0.88 -38.34 61.08
CA ASN A 265 2.76 -39.31 61.58
CA PHE A 266 6.25 -38.02 60.78
CA ASN A 267 8.27 -40.85 59.23
CA ASN A 268 11.84 -41.45 58.08
CA PRO A 269 11.34 -42.63 54.47
CA THR A 270 14.45 -44.82 54.71
CA ASN A 271 12.90 -47.00 57.42
CA TYR A 272 9.37 -48.41 57.05
CA GLY A 273 7.45 -47.72 60.25
CA GLN A 274 10.02 -45.38 61.81
CA TYR A 275 7.93 -42.60 63.31
CA THR A 276 10.43 -41.88 66.07
CA ALA A 277 14.05 -40.65 66.27
CA LEU A 278 16.77 -43.30 66.53
CA ALA A 279 18.75 -43.18 69.77
CA ASN A 280 21.41 -45.03 71.73
CA ILE A 281 18.73 -46.52 73.97
CA PRO A 282 17.81 -50.22 74.18
CA GLY A 283 15.45 -50.92 71.30
CA ALA A 284 15.94 -47.45 69.83
CA CYS A 285 18.77 -48.31 67.40
CA SER A 286 20.90 -51.13 66.03
CA GLY A 287 23.25 -52.43 68.72
CA ALA A 288 21.85 -49.90 71.20
CA GLY A 289 23.35 -50.08 74.68
CA THR A 290 26.58 -51.58 73.43
CA ALA A 291 29.88 -50.87 71.65
CA ALA A 292 28.23 -51.75 68.33
CA ALA A 293 25.54 -49.11 68.88
CA THR A 294 24.71 -47.14 65.71
CA VAL A 295 22.18 -44.29 65.69
CA THR A 296 22.25 -44.64 61.89
CA THR A 297 20.30 -47.90 61.84
CA PRO A 298 17.07 -48.81 63.66
CA ASP A 299 16.55 -51.96 65.74
CA TYR A 300 14.24 -53.24 62.99
CA GLY A 301 12.43 -55.75 65.15
CA ASN A 302 11.69 -52.94 67.59
CA THR A 303 11.15 -49.92 65.34
CA GLY A 304 8.30 -48.63 67.51
CA THR A 305 8.43 -46.89 70.92
CA TYR A 306 6.18 -45.44 73.58
CA ASN A 307 8.86 -42.94 74.60
CA GLU A 308 7.57 -39.45 73.75
CA GLN A 309 11.11 -38.15 74.28
CA LEU A 310 11.82 -39.55 70.83
CA ALA A 311 8.86 -37.96 68.96
CA VAL A 312 9.36 -34.60 67.15
CA LEU A 313 6.03 -32.81 67.32
CA ASP A 314 6.09 -30.28 70.17
CA SER A 315 2.63 -28.76 69.75
CA ALA A 316 -0.16 -28.63 67.19
CA LYS A 317 -3.57 -27.20 66.35
CA ILE A 318 -6.00 -27.21 63.45
CA GLN A 319 -7.54 -24.10 61.92
CA LEU A 320 -10.80 -23.60 60.03
CA ASN A 321 -10.79 -20.60 57.73
CA GLY A 322 -8.00 -19.00 59.76
CA GLN A 323 -10.01 -19.60 62.92
CA ASP A 324 -8.60 -21.90 65.62
CA ARG A 325 -10.59 -25.15 65.80
CA PHE A 326 -9.05 -25.56 69.23
CA ALA A 327 -6.24 -24.21 71.38
CA THR A 328 -2.70 -25.57 70.93
CA ARG A 329 -1.86 -28.82 72.66
CA LYS A 330 1.48 -30.66 72.95
CA GLY A 331 2.21 -33.60 70.69
CA SER A 332 1.77 -35.97 73.64
CA TYR A 333 -1.90 -34.93 73.86
CA PHE A 334 -2.77 -36.24 70.38
CA ASN A 335 -0.71 -39.39 71.06
CA LYS A 336 -1.93 -40.24 74.58
CA VAL A 337 -5.13 -38.28 75.43
CA GLN A 338 -7.09 -38.22 72.16
CA PRO A 339 -6.67 -42.04 71.88
CA TYR A 340 -7.35 -42.67 75.59
CA GLN A 341 -10.59 -40.68 75.33
CA SER A 342 -11.89 -42.18 72.07
CA ILE A 343 -10.10 -45.49 71.48
CA GLY A 344 -8.98 -47.00 74.78
CA GLY A 345 -5.78 -48.73 73.72
CA VAL A 346 -2.20 -47.47 73.58
CA THR A 347 -0.53 -45.77 70.63
CA PRO A 348 3.26 -45.73 70.15
CA ALA A 349 4.95 -42.33 70.14
CA GLY A 350 4.99 -40.73 66.69
CA VAL A 351 1.35 -41.39 65.85
CA TYR A 352 -1.20 -38.64 66.41
CA LEU A 353 -4.96 -38.54 66.33
CA TYR A 354 -7.63 -35.88 66.53
CA SER A 355 -11.16 -37.18 66.52
CA PHE A 356 -14.32 -35.37 65.46
CA ALA A 357 -16.25 -38.42 66.71
CA LEU A 358 -17.09 -39.85 70.12
CA LYS A 359 -16.13 -43.36 68.96
CA PRO A 360 -13.78 -43.18 65.91
CA ALA A 361 -13.28 -46.93 65.90
CA GLY A 362 -17.04 -47.49 65.67
CA ARG A 363 -18.79 -48.03 62.35
CA GLN A 364 -21.93 -46.16 63.40
CA PRO A 365 -21.46 -42.36 63.07
CA SER A 366 -20.95 -40.44 66.31
CA GLY A 367 -19.39 -37.12 65.43
CA THR A 368 -18.27 -35.75 62.09
CA CYS A 369 -16.86 -32.65 60.40
CA ASN A 370 -17.68 -31.73 56.81
CA PHE A 371 -14.52 -30.74 54.95
CA SER A 372 -16.55 -30.25 51.79
CA ARG A 373 -17.65 -27.07 53.50
CA ILE A 374 -14.36 -25.79 54.93
CA ASP A 375 -12.71 -23.59 52.34
CA ASN A 376 -9.49 -23.61 54.32
CA ALA A 377 -8.33 -26.40 56.62
CA THR A 378 -4.78 -26.12 57.97
CA LEU A 379 -2.61 -28.05 60.41
CA SER A 380 -0.27 -25.74 62.34
CA LEU A 381 2.81 -27.66 63.49
CA THR A 382 5.67 -26.65 65.77
CA TYR A 383 8.54 -29.05 66.25
CA LYS A 384 10.82 -29.60 69.23
CA THR A 385 14.43 -28.47 69.04
CA CYS A 386 16.40 -31.59 68.13
CA SER A 387 19.40 -30.81 70.30
CA ILE A 388 19.78 -34.00 72.36
CA ASP A 389 22.84 -36.10 71.54
CA ALA A 390 21.25 -39.28 70.16
CA THR A 391 24.29 -41.44 70.99
CA SER A 392 24.15 -40.60 74.71
CA PRO A 393 21.84 -42.68 76.99
CA ALA A 394 22.22 -40.22 79.88
CA ALA A 395 21.10 -37.33 77.69
CA VAL A 396 18.11 -39.05 76.05
CA LEU A 397 16.78 -40.56 79.31
CA GLY A 398 17.19 -37.38 81.36
CA ASN A 399 15.85 -34.49 79.31
CA THR A 400 13.25 -31.74 78.83
CA GLU A 401 9.79 -31.82 77.20
CA THR A 402 10.63 -29.48 74.32
CA VAL A 403 13.65 -31.27 72.83
CA THR A 404 14.41 -34.55 71.03
CA ALA A 405 17.53 -36.20 69.65
CA ASN A 406 19.20 -34.61 66.58
CA THR A 407 18.35 -37.87 64.88
CA ALA A 408 14.85 -36.36 64.56
CA THR A 409 15.93 -34.48 61.42
CA LEU A 410 15.39 -37.60 59.33
CA LEU A 411 11.66 -37.72 60.10
CA THR A 412 10.68 -35.66 57.03
CA ALA A 413 7.72 -37.55 55.60
CA LEU A 414 4.52 -36.07 57.05
CA ASN A 415 1.64 -38.45 56.41
CA ILE A 416 -1.81 -37.08 57.16
CA TYR A 417 -4.88 -39.32 56.95
CA ALA A 418 -8.58 -38.54 57.13
CA LYS A 419 -11.30 -41.18 57.34
CA ASN A 420 -14.64 -40.07 55.99
CA TYR A 421 -18.18 -41.26 55.36
CA ASN A 422 -19.86 -41.53 51.97
CA VAL A 423 -22.87 -43.29 50.52
CA LEU A 424 -22.76 -46.22 48.12
CA ARG A 425 -26.07 -46.56 46.24
CA ILE A 426 -26.76 -49.84 44.43
CA MET A 427 -29.60 -50.41 42.00
CA SER A 428 -30.46 -51.90 38.62
CA GLY A 429 -27.32 -54.03 38.62
CA MET A 430 -24.79 -51.30 39.33
CA GLY A 431 -23.42 -49.08 42.08
CA GLY A 432 -21.81 -45.71 42.61
CA LEU A 433 -20.78 -43.26 45.28
CA ALA A 434 -23.30 -40.56 46.15
CA TYR A 435 -20.59 -37.95 46.65
CA ALA A 436 -17.38 -37.15 44.82
CA ASN A 437 -14.34 -35.12 45.98
CA THR B 25 -30.65 22.00 63.82
CA PHE B 26 -27.00 21.51 64.81
CA PHE B 27 -27.84 20.10 68.21
CA LYS B 28 -29.65 16.83 67.51
CA THR B 29 -27.80 14.78 64.93
CA VAL B 30 -29.54 11.58 63.83
CA TYR B 31 -26.77 9.20 62.77
CA ARG B 32 -27.52 6.63 60.10
CA ARG B 33 -27.80 2.87 60.47
CA TYR B 34 -25.58 0.78 58.23
CA THR B 35 -25.12 -2.76 56.95
CA ASN B 36 -23.48 -5.16 59.42
CA PHE B 37 -19.98 -6.17 58.39
CA ALA B 38 -16.52 -7.25 59.54
CA ILE B 39 -13.02 -6.62 58.21
CA GLU B 40 -9.89 -8.76 58.17
CA SER B 41 -6.47 -8.39 56.57
CA ILE B 42 -5.35 -11.72 55.14
CA GLN B 43 -1.94 -12.47 53.65
CA GLN B 44 -1.68 -13.35 49.98
CA THR B 45 0.34 -16.11 48.33
CA ILE B 46 3.09 -14.49 46.31
CA ASN B 47 3.85 -16.36 43.08
CA GLY B 48 7.38 -16.46 41.71
CA SER B 49 10.77 -15.71 43.18
CA VAL B 50 11.04 -12.40 45.06
CA GLY B 51 14.14 -10.40 44.20
CA PHE B 52 15.48 -7.28 42.49
CA GLY B 53 14.49 -7.33 38.84
CA ASN B 54 11.98 -10.14 39.21
CA LYS B 55 8.35 -10.21 38.13
CA VAL B 56 5.97 -11.70 40.67
CA SER B 57 2.19 -12.11 40.81
CA THR B 58 -0.71 -13.00 43.07
CA GLN B 59 -4.24 -14.27 42.56
CA ILE B 60 -6.40 -12.81 45.32
CA SER B 61 -7.84 -15.66 47.37
CA ARG B 62 -11.58 -15.78 47.95
CA ASN B 63 -11.64 -15.49 51.74
CA GLY B 64 -13.92 -12.51 52.07
CA ASP B 65 -16.88 -11.11 50.20
CA LEU B 66 -15.34 -7.77 49.23
CA ILE B 67 -11.80 -6.42 49.11
CA THR B 68 -10.60 -2.91 49.79
CA ASP B 69 -7.08 -2.07 51.01
CA ILE B 70 -4.01 -3.93 49.78
CA VAL B 71 -0.59 -3.39 51.37
CA VAL B 72 2.72 -4.67 50.09
CA GLU B 73 5.26 -5.29 52.86
CA PHE B 74 8.99 -5.12 52.24
CA VAL B 75 11.97 -5.64 54.52
CA LEU B 76 15.15 -3.94 53.34
CA THR B 77 18.57 -3.09 54.80
CA LYS B 78 20.39 0.24 54.26
CA GLY B 79 23.68 0.17 52.39
CA GLY B 80 24.61 3.74 53.30
CA ASN B 81 24.31 6.29 56.08
CA GLY B 82 22.02 9.30 56.52
CA GLY B 83 20.26 10.93 53.59
CA THR B 84 21.32 8.11 51.30
CA THR B 85 17.82 6.80 50.69
CA TYR B 86 14.71 8.25 49.02
CA TYR B 87 11.43 6.31 49.12
CA PRO B 88 13.15 2.91 48.53
CA ALA B 89 10.02 0.82 49.16
CA GLU B 90 8.09 3.01 46.75
CA GLU B 91 10.76 2.68 44.05
CA LEU B 92 11.05 -1.10 44.56
CA LEU B 93 7.45 -1.40 43.34
CA GLN B 94 8.31 -0.42 39.75
CA ASP B 95 4.73 -1.20 38.65
CA VAL B 96 1.54 -2.98 39.69
CA GLU B 97 -1.13 -4.30 37.32
CA LEU B 98 -4.68 -5.17 38.35
CA GLU B 99 -6.29 -7.85 36.20
CA ILE B 100 -9.82 -9.28 36.42
CA GLY B 101 -10.88 -12.32 34.39
CA GLY B 102 -7.71 -12.00 32.33
CA GLN B 103 -8.61 -8.40 31.47
CA ARG B 104 -6.47 -5.55 32.69
CA ILE B 105 -8.34 -2.93 34.74
CA ASP B 106 -5.50 -0.60 35.69
CA LYS B 107 -1.71 -0.42 36.09
CA HIS B 108 0.45 1.88 38.23
CA TYR B 109 4.11 2.79 38.13
CA ASN B 110 6.99 3.99 40.28
CA ASP B 111 6.84 7.55 39.11
CA TRP B 112 3.05 7.62 39.49
CA PHE B 113 3.19 6.82 43.20
CA ARG B 114 5.83 9.57 43.49
CA THR B 115 3.71 12.02 41.49
CA TYR B 116 0.58 11.04 43.40
CA ASP B 117 2.31 11.65 46.73
CA ALA B 118 3.64 15.03 45.57
CA LEU B 119 0.21 16.10 44.40
CA PHE B 120 -2.49 14.34 46.46
CA ARG B 121 -0.99 13.42 49.81
CA MET B 122 -0.32 16.11 52.40
CA ASN B 123 0.60 17.10 55.92
CA ASP B 124 1.10 14.34 58.55
CA ASP B 125 -0.48 11.77 56.24
CA ARG B 126 2.25 12.44 53.70
CA TYR B 127 4.90 12.21 56.42
CA ASN B 128 3.42 8.94 57.69
CA TYR B 129 3.59 7.66 54.12
CA ARG B 130 7.33 8.36 54.01
CA ARG B 131 7.79 6.54 57.31
CA MET B 132 6.09 3.56 55.63
CA THR B 133 8.19 4.01 52.51
CA ASP B 134 11.71 4.62 53.86
CA TRP B 135 14.18 5.44 56.58
CA VAL B 136 13.35 8.77 58.20
CA ASN B 137 15.48 8.71 61.36
CA ASN B 138 19.03 9.09 60.00
CA GLU B 139 19.71 5.37 60.01
CA LEU B 140 23.20 4.11 59.16
CA VAL B 141 24.53 1.20 57.11
CA GLY B 142 23.03 -2.14 58.08
CA ALA B 143 19.76 -0.74 59.44
CA GLN B 144 16.86 -3.11 58.59
CA LYS B 145 13.30 -1.79 58.32
CA ARG B 146 9.75 -2.98 57.61
CA PHE B 147 8.12 -1.09 54.74
CA TYR B 148 4.45 -0.85 53.83
CA VAL B 149 3.48 0.37 50.38
CA PRO B 150 -0.30 0.99 50.09
CA LEU B 151 -1.80 0.49 46.61
CA ILE B 152 -4.06 3.18 45.14
CA PHE B 153 -6.47 1.39 42.78
CA PHE B 154 -10.14 2.43 42.69
CA PHE B 155 -11.22 -0.13 45.29
CA ASN B 156 -8.22 0.75 47.52
CA GLN B 157 -9.26 4.41 47.79
CA THR B 158 -12.90 4.05 48.86
CA PRO B 159 -14.86 1.37 50.68
CA GLY B 160 -17.72 2.52 48.45
CA LEU B 161 -15.96 1.00 45.45
CA ALA B 162 -15.06 -2.23 47.27
CA LEU B 163 -14.44 -4.93 44.64
CA PRO B 164 -17.15 -7.64 45.16
CA LEU B 165 -15.38 -11.01 45.02
CA ILE B 166 -18.65 -12.85 45.63
CA ALA B 167 -19.94 -11.27 42.43
CA LEU B 168 -16.89 -12.39 40.44
CA GLN B 169 -17.30 -16.12 41.02
CA TYR B 170 -15.88 -16.82 37.54
CA HIS B 171 -13.35 -14.01 37.18
CA GLU B 172 -9.94 -14.31 38.81
CA VAL B 173 -8.50 -11.15 40.34
CA LYS B 174 -4.74 -10.92 39.95
CA LEU B 175 -1.91 -8.50 40.63
CA TYR B 176 1.36 -8.34 38.70
CA PHE B 177 4.39 -6.69 40.33
CA THR B 178 7.73 -5.86 38.77
CA LEU B 179 10.45 -5.10 41.30
CA ALA B 180 13.06 -2.46 40.51
CA SER B 181 16.52 -3.90 39.84
CA GLN B 182 18.53 -1.05 41.37
CA VAL B 183 17.36 0.90 44.40
CA GLN B 184 19.62 3.70 45.64
CA GLY B 185 20.93 3.35 49.18
CA VAL B 186 19.86 -0.29 49.33
CA ASN B 187 20.92 -2.17 46.22
CA TYR B 188 23.40 0.27 44.70
CA ASN B 189 25.06 3.59 45.46
CA GLY B 190 24.84 5.46 42.19
CA SER B 191 25.92 3.09 39.43
CA SER B 192 28.05 1.03 41.84
CA ALA B 193 26.51 -2.09 43.33
CA ILE B 194 26.72 -2.42 47.13
CA ALA B 195 28.40 -5.69 48.08
CA GLY B 196 26.58 -7.99 50.48
CA ALA B 197 23.35 -6.16 49.64
CA ALA B 198 20.53 -8.38 50.85
CA GLN B 199 17.63 -9.28 48.56
CA PRO B 200 14.18 -7.90 49.38
CA THR B 201 11.56 -9.82 51.39
CA MET B 202 8.02 -9.29 50.15
CA SER B 203 4.54 -9.89 51.56
CA VAL B 204 1.11 -9.02 50.13
CA TRP B 205 -1.86 -8.30 52.40
CA VAL B 206 -5.50 -7.78 51.41
CA ASP B 207 -8.37 -6.41 53.51
CA TYR B 208 -11.62 -8.38 53.21
CA ILE B 209 -15.12 -7.29 54.13
CA PHE B 210 -17.43 -10.02 55.40
CA LEU B 211 -21.04 -9.07 54.75
CA ASP B 212 -24.27 -10.12 56.38
CA THR B 213 -26.67 -12.60 54.73
CA GLN B 214 -29.04 -9.89 53.53
CA GLU B 215 -26.49 -7.89 51.55
CA ARG B 216 -24.51 -10.99 50.54
CA THR B 217 -27.50 -12.31 48.62
CA ARG B 218 -27.88 -9.01 46.83
CA PHE B 219 -24.19 -8.73 45.91
CA ALA B 220 -24.45 -12.23 44.49
CA GLN B 221 -27.81 -11.83 42.81
CA LEU B 222 -27.94 -8.39 41.18
CA PRO B 223 -25.90 -6.77 38.37
CA HIS B 224 -23.39 -4.12 39.47
CA GLU B 225 -21.99 -1.01 37.83
CA TYR B 226 -19.06 0.76 39.44
CA LEU B 227 -17.79 4.12 38.28
CA ILE B 228 -14.04 3.70 38.73
CA GLU B 229 -10.88 5.57 37.83
CA GLN B 230 -7.84 4.57 35.83
CA LEU B 231 -4.36 5.84 35.18
CA GLN B 232 -2.93 6.58 31.73
CA PHE B 233 0.76 7.08 30.90
CA THR B 234 3.52 7.29 28.21
CA GLY B 235 7.25 8.23 28.50
CA SER B 236 8.50 11.24 26.47
CA GLU B 237 11.90 12.91 25.99
CA THR B 238 12.46 16.50 27.12
CA ALA B 239 14.83 18.85 25.34
CA THR B 240 15.79 21.81 27.54
CA PRO B 241 17.90 24.67 26.00
CA SER B 242 21.43 24.56 27.32
CA ALA B 243 21.57 28.35 27.02
CA THR B 244 21.22 31.36 24.72
CA THR B 245 17.87 29.78 23.83
CA GLN B 246 14.56 28.64 25.29
CA ALA B 247 13.64 25.32 23.69
CA SER B 248 10.04 24.29 23.07
CA GLN B 249 7.97 21.23 22.16
CA ASN B 250 4.48 19.96 21.41
CA ILE B 251 3.83 16.59 22.97
CA ARG B 252 0.83 15.06 21.19
CA LEU B 253 -1.15 13.53 24.06
CA ASN B 254 -2.73 10.12 23.43
CA PHE B 255 -5.42 9.82 26.10
CA ASN B 256 -9.06 8.74 26.14
CA HIS B 257 -12.27 8.68 28.19
CA PRO B 258 -13.63 11.39 30.56
CA THR B 259 -10.45 12.75 32.20
CA LYS B 260 -10.34 14.48 35.63
CA TYR B 261 -6.88 15.93 35.27
CA LEU B 262 -3.39 15.74 33.79
CA ALA B 263 -0.23 15.49 35.88
CA TRP B 264 3.29 15.65 34.54
CA ASN B 265 6.94 15.98 35.53
CA PHE B 266 10.37 16.26 33.91
CA ASN B 267 12.70 13.76 35.56
CA ASN B 268 16.39 12.83 35.41
CA PRO B 269 16.25 9.07 34.69
CA THR B 270 19.49 8.53 36.62
CA ASN B 271 17.91 9.67 39.90
CA TYR B 272 14.54 8.32 41.04
CA GLY B 273 12.33 11.23 42.06
CA GLN B 274 14.59 13.97 40.72
CA TYR B 275 12.20 16.41 39.10
CA THR B 276 14.43 19.42 39.75
CA ALA B 277 17.93 20.56 38.66
CA LEU B 278 20.81 19.78 41.02
CA ALA B 279 22.52 22.85 42.45
CA ASN B 280 25.15 23.93 44.93
CA ILE B 281 22.44 24.88 47.40
CA PRO B 282 21.79 23.17 50.77
CA GLY B 283 19.71 20.09 50.03
CA ALA B 284 20.05 20.54 46.28
CA CYS B 285 23.10 18.30 45.76
CA SER B 286 25.54 15.96 47.48
CA GLY B 287 27.77 17.92 49.85
CA ALA B 288 26.01 21.15 48.91
CA GLY B 289 27.25 24.23 50.72
CA THR B 290 30.67 22.75 51.33
CA ALA B 291 34.03 21.88 49.74
CA ALA B 292 32.70 18.41 48.92
CA ALA B 293 29.79 19.89 46.97
CA THR B 294 29.05 18.01 43.73
CA VAL B 295 26.32 19.11 41.32
CA THR B 296 26.70 15.66 39.76
CA THR B 297 25.01 13.83 42.63
CA PRO B 298 21.74 14.64 44.40
CA ASP B 299 21.30 14.86 48.17
CA TYR B 300 19.29 11.62 48.02
CA GLY B 301 17.52 12.09 51.32
CA ASN B 302 16.40 15.51 50.09
CA THR B 303 15.80 14.96 46.37
CA GLY B 304 12.71 17.17 46.39
CA THR B 305 12.46 20.99 46.55
CA TYR B 306 9.90 23.79 46.65
CA ASN B 307 12.31 26.16 44.89
CA GLU B 308 10.83 26.98 41.47
CA GLN B 309 14.21 28.44 40.49
CA LEU B 310 15.28 24.82 39.99
CA ALA B 311 12.36 23.67 37.80
CA VAL B 312 12.73 23.76 33.96
CA LEU B 313 9.28 24.46 32.58
CA ASP B 314 8.93 28.17 31.76
CA SER B 315 5.41 28.17 30.33
CA ALA B 316 2.81 25.74 29.05
CA LYS B 317 -0.62 25.35 27.50
CA ILE B 318 -2.83 22.58 26.15
CA GLN B 319 -4.48 22.61 22.74
CA LEU B 320 -7.60 20.87 21.48
CA ASN B 321 -7.65 20.34 17.74
CA GLY B 322 -5.14 23.16 17.26
CA GLN B 323 -7.34 25.41 19.38
CA ASP B 324 -5.97 26.77 22.67
CA ARG B 325 -7.71 25.15 25.65
CA PHE B 326 -6.40 28.09 27.65
CA ALA B 327 -3.87 30.91 27.43
CA THR B 328 -0.22 30.21 28.29
CA ARG B 329 0.74 30.23 31.96
CA LYS B 330 4.16 29.93 33.59
CA GLY B 331 5.29 26.61 35.03
CA SER B 332 4.81 27.98 38.56
CA TYR B 333 1.07 28.29 37.86
CA PHE B 334 0.55 24.56 37.33
CA ASN B 335 2.79 23.84 40.35
CA LYS B 336 1.38 26.35 42.84
CA VAL B 337 -2.00 27.71 41.64
CA GLN B 338 -3.72 24.70 40.05
CA PRO B 339 -2.99 22.66 43.23
CA TYR B 340 -3.91 25.50 45.62
CA GLN B 341 -7.25 25.90 43.84
CA SER B 342 -8.20 22.22 43.61
CA ILE B 343 -6.11 20.28 46.14
CA GLY B 344 -5.14 22.53 49.03
CA GLY B 345 -1.75 21.10 49.93
CA VAL B 346 1.74 21.95 48.67
CA THR B 347 3.48 20.38 45.68
CA PRO B 348 7.29 20.36 45.30
CA ALA B 349 8.71 22.18 42.29
CA GLY B 350 8.89 19.96 39.21
CA VAL B 351 5.37 18.54 39.47
CA TYR B 352 2.59 20.10 37.43
CA LEU B 353 -1.14 19.71 37.41
CA TYR B 354 -4.01 20.90 35.27
CA SER B 355 -7.43 19.89 36.50
CA PHE B 356 -10.63 19.52 34.50
CA ALA B 357 -12.42 18.94 37.83
CA LEU B 358 -13.39 21.13 40.77
CA LYS B 359 -12.08 18.51 43.23
CA PRO B 360 -9.54 16.19 41.51
CA ALA B 361 -8.76 14.41 44.76
CA GLY B 362 -12.43 13.56 45.25
CA ARG B 363 -13.90 10.23 44.13
CA GLN B 364 -17.23 11.74 43.12
CA PRO B 365 -17.02 13.33 39.63
CA SER B 366 -16.90 17.14 39.52
CA GLY B 367 -15.53 18.15 36.16
CA THR B 368 -14.28 16.02 33.30
CA CYS B 369 -12.98 16.19 29.72
CA ASN B 370 -13.61 13.43 27.19
CA PHE B 371 -10.39 12.62 25.33
CA SER B 372 -12.21 9.91 23.41
CA ARG B 373 -13.67 12.82 21.51
CA ILE B 374 -10.61 15.03 20.99
CA ASP B 375 -8.94 14.00 17.75
CA ASN B 376 -5.88 16.04 18.65
CA ALA B 377 -4.69 16.80 22.18
CA THR B 378 -1.28 18.47 22.49
CA LEU B 379 0.84 19.88 25.30
CA SER B 380 2.85 22.91 24.17
CA LEU B 381 5.97 23.30 26.32
CA THR B 382 8.57 26.05 26.47
CA TYR B 383 11.57 25.60 28.71
CA LYS B 384 13.66 28.16 30.59
CA THR B 385 17.18 28.91 29.39
CA CYS B 386 19.44 26.81 31.60
CA SER B 387 22.21 29.37 31.91
CA ILE B 388 22.67 29.65 35.68
CA ASP B 389 25.92 28.23 37.02
CA ALA B 390 24.68 25.34 39.16
CA THR B 391 27.81 25.31 41.36
CA SER B 392 27.32 28.93 42.45
CA PRO B 393 25.02 29.68 45.45
CA ALA B 394 24.99 33.43 44.71
CA ALA B 395 23.83 32.80 41.15
CA VAL B 396 21.10 30.23 41.93
CA LEU B 397 19.66 32.21 44.89
CA GLY B 398 19.68 35.57 43.11
CA ASN B 399 18.29 35.05 39.62
CA THR B 400 15.52 35.70 37.06
CA GLU B 401 12.21 33.89 36.44
CA THR B 402 13.09 32.61 32.97
CA VAL B 403 16.33 30.76 33.71
CA THR B 404 17.47 27.69 35.66
CA ALA B 405 20.80 26.00 36.34
CA ASN B 406 22.56 24.28 33.40
CA THR B 407 22.10 21.13 35.44
CA ALA B 408 18.53 21.24 34.06
CA THR B 409 19.68 19.53 30.85
CA LEU B 410 19.53 16.13 32.57
CA LEU B 411 15.78 16.38 33.16
CA THR B 412 14.88 14.61 29.90
CA ALA B 413 12.19 12.14 30.93
CA LEU B 414 8.79 13.80 30.43
CA ASN B 415 6.14 11.79 32.28
CA ILE B 416 2.55 12.77 31.57
CA TYR B 417 -0.31 11.18 33.49
CA ALA B 418 -4.07 11.34 33.02
CA LYS B 419 -6.59 9.97 35.50
CA ASN B 420 -9.89 8.99 33.97
CA TYR B 421 -13.28 7.52 34.80
CA ASN B 422 -14.67 4.27 33.43
CA VAL B 423 -17.43 1.84 34.33
CA LEU B 424 -16.92 -1.65 35.71
CA ARG B 425 -20.05 -3.79 35.19
CA ILE B 426 -20.35 -7.02 37.18
CA MET B 427 -22.96 -9.69 36.57
CA SER B 428 -23.44 -13.43 36.23
CA GLY B 429 -20.17 -14.14 38.00
CA MET B 430 -17.90 -11.96 35.90
CA GLY B 431 -16.92 -8.35 35.26
CA GLY B 432 -15.60 -6.10 32.54
CA LEU B 433 -14.96 -2.48 31.69
CA ALA B 434 -17.73 -0.68 29.83
CA TYR B 435 -15.28 1.31 27.72
CA ALA B 436 -12.00 0.43 26.03
CA ASN B 437 -9.22 2.73 24.74
CA THR C 25 -24.09 0.79 53.36
CA PHE C 26 -20.47 1.92 53.06
CA PHE C 27 -19.69 -0.44 50.22
CA LYS C 28 -21.85 0.73 47.33
CA THR C 29 -21.63 4.47 46.90
CA VAL C 30 -23.92 5.95 44.25
CA TYR C 31 -22.18 9.10 43.01
CA ARG C 32 -24.31 11.96 41.74
CA ARG C 33 -24.66 13.22 38.19
CA TYR C 34 -23.96 16.90 37.62
CA THR C 35 -24.44 19.67 35.10
CA ASN C 36 -22.01 19.61 32.15
CA PHE C 37 -19.51 22.47 32.25
CA ALA C 38 -16.02 23.66 31.34
CA ILE C 39 -13.54 26.00 33.00
CA GLU C 40 -11.00 28.43 31.62
CA SER C 41 -8.75 31.07 33.16
CA ILE C 42 -8.71 34.17 30.98
CA GLN C 43 -6.48 37.21 31.47
CA GLN C 44 -8.09 40.55 32.29
CA THR C 45 -7.33 43.97 30.86
CA ILE C 46 -5.75 46.05 33.59
CA ASN C 47 -6.79 49.71 33.42
CA GLY C 48 -4.37 52.45 34.47
CA SER C 49 -0.64 52.53 35.04
CA VAL C 50 0.75 49.74 37.23
CA GLY C 51 3.20 50.92 39.86
CA PHE C 52 3.79 51.45 43.58
CA GLY C 53 1.17 53.81 44.94
CA ASN C 54 -1.05 53.65 41.88
CA LYS C 55 -4.75 52.83 41.72
CA VAL C 56 -5.73 50.46 38.93
CA SER C 57 -9.00 48.80 37.92
CA THR C 58 -10.53 46.13 35.71
CA GLN C 59 -13.96 45.47 34.24
CA ILE C 60 -14.41 41.70 34.03
CA SER C 61 -14.90 40.74 30.39
CA ARG C 62 -17.91 38.63 29.45
CA ASN C 63 -16.12 35.58 28.09
CA GLY C 64 -17.72 32.93 30.23
CA ASP C 65 -21.10 32.39 31.82
CA LEU C 66 -19.97 32.34 35.46
CA ILE C 67 -16.83 33.46 37.27
CA THR C 68 -15.18 31.90 40.29
CA ASP C 69 -11.46 32.21 41.07
CA ILE C 70 -9.50 35.40 40.42
CA VAL C 71 -5.71 35.50 40.76
CA VAL C 72 -3.53 38.59 40.68
CA GLU C 73 -0.03 37.91 39.33
CA PHE C 74 2.95 40.02 40.34
CA VAL C 75 6.61 39.88 39.36
CA LEU C 76 8.96 41.48 41.88
CA THR C 77 12.71 41.55 42.54
CA LYS C 78 14.29 41.30 46.02
CA GLY C 79 16.27 44.27 47.28
CA GLY C 80 17.79 42.42 50.21
CA ASN C 81 19.06 39.00 51.25
CA GLY C 82 17.51 36.27 53.39
CA GLY C 83 14.68 36.98 55.81
CA THR C 84 14.29 40.49 54.44
CA THR C 85 10.83 39.92 52.99
CA TYR C 86 7.43 39.12 54.50
CA TYR C 87 4.46 38.42 52.22
CA PRO C 88 5.42 41.18 49.72
CA ALA C 89 2.83 40.19 47.10
CA GLU C 90 0.16 40.18 49.78
CA GLU C 91 1.18 43.62 51.05
CA LEU C 92 1.38 45.06 47.50
CA LEU C 93 -2.38 44.48 47.20
CA GLN C 94 -3.27 47.18 49.73
CA ASP C 95 -6.99 46.73 48.95
CA VAL C 96 -9.42 45.27 46.42
CA GLU C 97 -12.98 46.46 45.84
CA LEU C 98 -15.67 44.41 44.07
CA GLU C 99 -18.30 46.53 42.35
CA ILE C 100 -21.39 45.38 40.43
CA GLY C 101 -23.51 47.81 38.42
CA GLY C 102 -21.71 50.70 40.09
CA GLN C 103 -22.64 49.33 43.52
CA ARG C 104 -19.96 48.11 45.88
CA ILE C 105 -20.42 44.50 47.04
CA ASP C 106 -17.30 44.03 49.16
CA LYS C 107 -13.78 45.39 49.73
CA HIS C 108 -10.70 43.70 51.21
CA TYR C 109 -7.46 45.06 52.64
CA ASN C 110 -3.84 44.19 53.23
CA ASP C 111 -4.24 43.43 56.89
CA TRP C 112 -7.39 41.37 56.18
CA PHE C 113 -5.55 38.95 53.92
CA ARG C 114 -2.88 38.70 56.65
CA THR C 115 -5.51 38.16 59.37
CA TYR C 116 -7.40 35.70 57.18
CA ASP C 117 -4.26 33.67 56.58
CA ALA C 118 -3.39 33.66 60.29
CA LEU C 119 -6.87 32.49 61.21
CA PHE C 120 -8.38 30.47 58.35
CA ARG C 121 -5.54 29.00 56.31
CA MET C 122 -3.50 26.11 57.73
CA ASN C 123 -0.93 23.39 57.25
CA ASP C 124 0.55 22.84 53.75
CA ASP C 125 -2.13 25.04 52.18
CA ARG C 126 -0.90 27.94 54.30
CA TYR C 127 2.69 27.17 53.35
CA ASN C 128 1.76 26.97 49.67
CA TYR C 129 0.10 30.37 50.07
CA ARG C 130 3.37 31.86 51.32
CA ARG C 131 5.22 30.36 48.35
CA MET C 132 2.71 32.20 46.16
CA THR C 133 3.07 35.36 48.23
CA ASP C 134 6.85 35.66 48.75
CA TRP C 135 10.38 34.34 48.70
CA VAL C 136 10.67 31.23 50.84
CA ASN C 137 14.05 29.81 49.77
CA ASN C 138 16.52 32.32 51.25
CA GLU C 139 16.85 34.28 48.03
CA LEU C 140 19.38 37.10 47.82
CA VAL C 141 19.36 40.59 46.31
CA GLY C 142 18.26 40.65 42.69
CA ALA C 143 16.15 37.48 42.84
CA GLN C 144 13.03 37.87 40.65
CA LYS C 145 9.89 35.84 41.37
CA ARG C 146 6.35 35.28 40.06
CA PHE C 147 3.70 35.90 42.72
CA TYR C 148 0.06 34.80 42.75
CA VAL C 149 -2.34 36.46 45.15
CA PRO C 150 -5.73 34.67 45.25
CA LEU C 151 -8.76 36.86 46.05
CA ILE C 152 -11.23 35.76 48.71
CA PHE C 153 -14.61 37.26 47.75
CA PHE C 154 -17.78 35.17 48.14
CA PHE C 155 -17.66 33.83 44.58
CA ASN C 156 -13.91 33.11 44.89
CA GLN C 157 -14.42 30.79 47.87
CA THR C 158 -17.11 28.44 46.53
CA PRO C 159 -18.16 27.37 43.06
CA GLY C 160 -21.65 27.23 44.57
CA LEU C 161 -21.65 31.03 44.77
CA ALA C 162 -20.24 31.50 41.27
CA LEU C 163 -21.18 35.01 40.08
CA PRO C 164 -23.48 34.58 37.03
CA LEU C 165 -22.27 37.01 34.35
CA ILE C 166 -24.97 35.86 31.95
CA ALA C 167 -27.52 37.01 34.51
CA LEU C 168 -25.88 40.44 34.85
CA GLN C 169 -26.25 41.47 31.22
CA TYR C 170 -26.73 45.11 32.29
CA HIS C 171 -24.49 45.29 35.34
CA GLU C 172 -20.73 45.75 34.91
CA VAL C 173 -18.51 43.81 37.30
CA LYS C 174 -15.39 45.75 38.26
CA LEU C 175 -12.40 45.43 40.57
CA TYR C 176 -10.44 48.35 42.04
CA PHE C 177 -6.90 47.75 43.29
CA THR C 178 -4.65 50.11 45.23
CA LEU C 179 -1.01 49.07 45.24
CA ALA C 180 1.10 49.71 48.33
CA SER C 181 3.68 52.45 47.89
CA GLN C 182 6.39 50.92 50.10
CA VAL C 183 6.97 47.19 50.35
CA GLN C 184 9.76 46.01 52.67
CA GLY C 185 12.57 44.05 51.05
CA VAL C 186 11.44 45.07 47.58
CA ASN C 187 10.73 48.80 47.38
CA TYR C 188 12.34 50.01 50.60
CA ASN C 189 14.42 48.69 53.50
CA GLY C 190 12.80 50.27 56.51
CA SER C 191 12.24 53.95 55.76
CA SER C 192 15.10 53.99 53.22
CA ALA C 193 14.23 53.54 49.57
CA ILE C 194 16.22 50.87 47.69
CA ALA C 195 17.89 52.38 44.64
CA GLY C 196 17.27 50.73 41.27
CA ALA C 197 14.18 49.07 42.76
CA ALA C 198 12.12 47.85 39.82
CA GLN C 199 8.43 48.67 39.54
CA PRO C 200 5.91 45.85 39.88
CA THR C 201 4.44 43.96 36.91
CA MET C 202 0.78 43.05 37.35
CA SER C 203 -1.62 40.63 35.68
CA VAL C 204 -5.25 39.76 36.53
CA TRP C 205 -6.70 36.33 35.73
CA VAL C 206 -10.32 35.20 36.06
CA ASP C 207 -11.71 31.64 35.93
CA TYR C 208 -14.85 31.26 33.80
CA ILE C 209 -17.39 28.47 33.83
CA PHE C 210 -19.01 27.66 30.49
CA LEU C 211 -22.40 26.08 31.05
CA ASP C 212 -24.53 23.82 28.91
CA THR C 213 -27.62 25.08 27.03
CA GLN C 214 -30.04 23.69 29.59
CA GLU C 215 -28.61 25.48 32.61
CA ARG C 216 -27.61 28.56 30.59
CA THR C 217 -31.24 29.25 29.77
CA ARG C 218 -32.17 28.98 33.43
CA PHE C 219 -29.37 31.25 34.62
CA ALA C 220 -30.54 33.79 32.07
CA GLN C 221 -34.26 33.36 32.62
CA LEU C 222 -34.89 33.00 36.36
CA PRO C 223 -34.33 35.37 39.32
CA HIS C 224 -31.41 34.48 41.60
CA GLU C 225 -30.73 35.00 45.30
CA TYR C 226 -27.26 34.32 46.65
CA LEU C 227 -26.46 34.28 50.34
CA ILE C 228 -22.98 35.86 50.35
CA GLU C 229 -20.52 37.16 52.89
CA GLN C 230 -18.89 40.54 53.33
CA LEU C 231 -16.07 42.06 55.29
CA GLN C 232 -16.41 45.04 57.64
CA PHE C 233 -13.55 47.14 59.01
CA THR C 234 -12.40 50.38 60.78
CA GLY C 235 -8.93 51.45 62.07
CA SER C 236 -8.58 52.24 65.83
CA GLU C 237 -5.70 53.42 68.04
CA THR C 238 -4.41 51.19 70.84
CA ALA C 239 -3.01 52.61 74.07
CA THR C 240 -0.89 50.02 75.92
CA PRO C 241 0.43 50.90 79.46
CA SER C 242 4.15 51.55 79.35
CA ALA C 243 4.40 50.15 82.88
CA THR C 244 3.23 50.42 86.48
CA THR C 245 -0.24 50.26 84.92
CA GLN C 246 -2.53 48.12 82.77
CA ALA C 247 -4.35 50.43 80.35
CA SER C 248 -7.88 49.71 79.14
CA GLN C 249 -10.35 50.83 76.47
CA ASN C 250 -13.85 50.37 75.11
CA ILE C 251 -13.94 50.38 71.35
CA ARG C 252 -17.53 51.06 70.28
CA LEU C 253 -17.99 48.63 67.38
CA ASN C 254 -19.95 49.90 64.37
CA PHE C 255 -21.04 46.76 62.54
CA ASN C 256 -24.28 45.54 60.98
CA HIS C 257 -26.11 42.51 59.56
CA PRO C 258 -25.96 38.86 60.74
CA THR C 259 -22.29 38.45 61.76
CA LYS C 260 -20.42 35.10 61.86
CA TYR C 261 -17.45 36.33 63.85
CA LEU C 262 -15.13 39.14 64.85
CA ALA C 263 -11.38 39.11 64.22
CA TRP C 264 -8.93 41.67 65.49
CA ASN C 265 -5.24 42.44 65.93
CA PHE C 266 -2.99 45.14 67.41
CA ASN C 267 -0.36 46.07 64.85
CA ASN C 268 2.73 48.29 64.66
CA PRO C 269 1.96 50.46 61.59
CA THR C 270 5.69 50.71 60.79
CA ASN C 271 5.96 46.96 60.16
CA TYR C 272 3.46 45.14 57.95
CA GLY C 273 2.24 42.04 59.76
CA GLN C 274 3.78 42.88 63.13
CA TYR C 275 1.10 41.93 65.62
CA THR C 276 3.59 41.10 68.36
CA ALA C 277 6.21 43.03 70.40
CA LEU C 278 9.80 42.91 69.15
CA ALA C 279 12.22 41.22 71.54
CA ASN C 280 15.80 40.04 71.85
CA ILE C 281 14.68 36.47 71.22
CA PRO C 282 15.59 34.36 68.17
CA GLY C 283 13.18 35.34 65.40
CA ALA C 284 11.71 38.17 67.46
CA CYS C 285 13.97 40.98 66.17
CA SER C 286 16.74 41.83 63.73
CA GLY C 287 19.99 40.16 64.80
CA ALA C 288 18.23 38.62 67.81
CA GLY C 289 20.42 36.43 69.98
CA THR C 290 23.59 38.19 68.93
CA ALA C 291 25.70 41.34 69.36
CA ALA C 292 23.89 42.91 66.40
CA ALA C 293 20.51 42.41 68.11
CA THR C 294 18.17 45.40 67.71
CA VAL C 295 14.71 45.51 69.30
CA THR C 296 14.03 48.43 66.94
CA THR C 297 13.80 46.27 63.81
CA PRO C 298 11.84 43.04 63.27
CA ASP C 299 13.28 39.84 61.79
CA TYR C 300 11.22 40.49 58.66
CA GLY C 301 11.29 36.93 57.40
CA ASN C 302 9.97 35.83 60.78
CA THR C 303 7.61 38.66 61.79
CA GLY C 304 5.09 36.22 63.28
CA THR C 305 5.25 34.28 66.57
CA TYR C 306 3.27 31.78 68.61
CA ASN C 307 4.71 33.16 71.85
CA GLU C 308 1.84 34.75 73.81
CA GLN C 309 4.43 36.41 76.05
CA LEU C 310 4.87 38.89 73.21
CA ALA C 311 1.17 39.76 72.67
CA VAL C 312 -0.33 42.82 74.45
CA LEU C 313 -3.97 41.99 75.11
CA ASP C 314 -4.38 40.79 78.71
CA SER C 315 -8.14 40.26 78.78
CA ALA C 316 -11.22 41.15 76.75
CA LYS C 317 -14.98 40.94 76.53
CA ILE C 318 -17.77 42.20 74.29
CA GLN C 319 -20.86 44.05 75.51
CA LEU C 320 -24.33 44.36 74.02
CA ASN C 321 -26.20 47.45 75.12
CA GLY C 322 -24.03 47.69 78.24
CA GLN C 323 -24.75 44.06 78.99
CA ASP C 324 -21.87 41.55 79.02
CA ARG C 325 -22.10 39.18 76.04
CA PHE C 326 -19.76 36.94 78.01
CA ALA C 327 -17.43 37.00 81.00
CA THR C 328 -13.89 38.34 80.57
CA ARG C 329 -11.29 35.96 79.19
CA LYS C 330 -7.54 36.41 78.75
CA GLY C 331 -6.12 37.30 75.36
CA SER C 332 -4.74 33.77 75.00
CA TYR C 333 -8.33 32.44 74.99
CA PHE C 334 -9.31 34.29 71.81
CA ASN C 335 -5.96 33.33 70.22
CA LYS C 336 -5.81 29.64 71.19
CA VAL C 337 -9.25 28.39 72.38
CA GLN C 338 -11.73 30.17 70.11
CA PRO C 339 -9.74 28.98 67.05
CA TYR C 340 -9.16 25.46 68.42
CA GLN C 341 -12.91 25.10 69.01
CA SER C 342 -14.13 26.51 65.69
CA ILE C 343 -11.24 26.38 63.21
CA GLY C 344 -8.84 23.61 64.13
CA GLY C 345 -5.55 25.12 62.99
CA VAL C 346 -3.05 27.30 64.84
CA THR C 347 -3.07 31.09 64.99
CA PRO C 348 0.07 33.14 65.72
CA ALA C 349 0.01 35.31 68.85
CA GLY C 350 -1.48 38.73 68.22
CA VAL C 351 -4.53 37.56 66.29
CA TYR C 352 -7.82 37.14 68.12
CA LEU C 353 -11.13 35.62 67.19
CA TYR C 354 -14.56 35.41 68.72
CA SER C 355 -17.05 33.35 66.76
CA PHE C 356 -20.83 33.58 66.79
CA ALA C 357 -20.84 30.47 64.58
CA LEU C 358 -20.13 26.78 65.11
CA LYS C 359 -18.00 26.68 61.94
CA PRO C 360 -16.77 30.20 61.00
CA ALA C 361 -14.67 28.86 58.15
CA GLY C 362 -17.71 27.18 56.61
CA ARG C 363 -19.77 28.85 53.89
CA GLN C 364 -23.07 27.42 55.14
CA PRO C 365 -24.43 29.47 58.08
CA SER C 366 -24.09 27.92 61.54
CA GLY C 367 -24.43 30.68 64.08
CA THR C 368 -24.86 34.40 63.60
CA CYS C 369 -25.43 37.65 65.49
CA ASN C 370 -27.40 40.54 64.01
CA PHE C 371 -25.55 43.81 64.59
CA SER C 372 -28.26 45.68 62.70
CA ARG C 373 -30.23 45.15 65.89
CA ILE C 374 -27.63 45.97 68.54
CA ASP C 375 -27.80 49.67 69.27
CA ASN C 376 -24.54 49.48 71.19
CA ALA C 377 -21.74 46.97 70.55
CA THR C 378 -18.49 47.56 72.43
CA LEU C 379 -15.18 45.74 72.83
CA SER C 380 -13.74 46.18 76.32
CA LEU C 381 -9.95 45.79 76.24
CA THR C 382 -7.41 45.63 79.03
CA TYR C 383 -3.73 45.50 78.14
CA LYS C 384 -0.82 43.87 79.94
CA THR C 385 1.75 46.07 81.67
CA CYS C 386 4.63 46.34 79.21
CA SER C 387 7.39 46.24 81.80
CA ILE C 388 9.61 43.44 80.51
CA ASP C 389 13.00 44.53 79.18
CA ALA C 390 12.72 43.62 75.49
CA THR C 391 16.52 43.38 75.02
CA SER C 392 16.89 40.70 77.71
CA PRO C 393 16.36 37.01 76.74
CA ALA C 394 16.27 35.89 80.38
CA ALA C 395 13.49 38.36 81.16
CA VAL C 396 11.29 37.65 78.11
CA LEU C 397 11.59 33.85 78.39
CA GLY C 398 11.02 33.71 82.14
CA ASN C 399 8.09 35.98 82.95
CA THR C 400 4.50 36.38 84.20
CA GLU C 401 1.16 36.14 82.33
CA THR C 402 0.16 39.78 82.81
CA VAL C 403 3.22 41.54 81.35
CA THR C 404 4.92 41.94 77.96
CA ALA C 405 8.03 43.70 76.67
CA ASN C 406 8.03 47.54 76.68
CA THR C 407 8.35 47.17 72.93
CA ALA C 408 4.59 46.54 73.05
CA THR C 409 3.93 50.30 73.09
CA LEU C 410 4.36 50.44 69.30
CA LEU C 411 1.38 48.15 68.68
CA THR C 412 -1.10 51.02 68.35
CA ALA C 413 -3.15 50.11 65.30
CA LEU C 414 -6.23 48.18 66.45
CA ASN C 415 -7.81 46.45 63.47
CA ILE C 416 -11.22 44.91 64.07
CA TYR C 417 -12.93 42.83 61.40
CA ALA C 418 -16.42 41.40 61.16
CA LYS C 419 -17.54 38.95 58.49
CA ASN C 420 -21.24 39.05 57.74
CA TYR C 421 -23.92 37.52 55.54
CA ASN C 422 -26.04 39.38 53.02
CA VAL C 423 -28.20 38.50 50.04
CA LEU C 424 -27.36 39.24 46.42
CA ARG C 425 -30.51 39.16 44.26
CA ILE C 426 -30.07 38.95 40.48
CA MET C 427 -32.84 39.41 37.95
CA SER C 428 -33.71 41.13 34.69
CA GLY C 429 -30.05 41.60 33.81
CA MET C 430 -28.92 43.26 37.01
CA GLY C 431 -28.09 42.60 40.65
CA GLY C 432 -28.07 44.28 44.02
CA LEU C 433 -27.64 43.59 47.70
CA ALA C 434 -30.82 42.95 49.67
CA TYR C 435 -29.53 44.81 52.72
CA ALA C 436 -27.53 47.99 53.18
CA ASN C 437 -25.56 49.23 56.20
CA THR D 25 -24.99 21.32 39.95
CA PHE D 26 -21.87 22.70 41.65
CA PHE D 27 -22.74 26.30 40.88
CA LYS D 28 -25.93 27.00 42.82
CA THR D 29 -25.65 25.76 46.37
CA VAL D 30 -28.82 26.08 48.46
CA TYR D 31 -27.65 26.41 52.07
CA ARG D 32 -29.90 25.13 54.82
CA ARG D 33 -31.82 27.13 57.41
CA TYR D 34 -31.18 26.24 61.04
CA THR D 35 -32.61 26.71 64.51
CA ASN D 36 -31.89 30.11 66.08
CA PHE D 37 -29.45 29.91 68.98
CA ALA D 38 -26.74 31.68 70.98
CA ILE D 39 -23.60 30.49 72.74
CA GLU D 40 -21.86 31.64 75.89
CA SER D 41 -18.95 30.30 77.93
CA ILE D 42 -19.73 30.61 81.63
CA GLN D 43 -17.31 29.88 84.48
CA GLN D 44 -18.06 27.03 86.85
CA THR D 45 -17.82 26.94 90.63
CA ILE D 46 -14.98 24.64 91.57
CA ASN D 47 -15.69 22.65 94.74
CA GLY D 48 -12.86 21.74 97.11
CA SER D 49 -9.32 22.97 97.52
CA VAL D 50 -7.28 23.19 94.31
CA GLY D 51 -3.78 21.76 94.62
CA PHE D 52 -1.44 18.94 93.60
CA GLY D 53 -2.91 15.63 94.73
CA ASN D 54 -6.32 17.02 95.53
CA LYS D 55 -9.70 15.83 94.30
CA VAL D 56 -12.07 18.58 93.22
CA SER D 57 -15.54 18.59 91.66
CA THR D 58 -18.14 20.79 89.99
CA GLN D 59 -21.90 20.63 89.50
CA ILE D 60 -22.67 22.27 86.16
CA SER D 61 -24.92 25.27 86.78
CA ARG D 62 -28.16 25.55 84.83
CA ASN D 63 -27.48 28.79 82.97
CA GLY D 64 -28.05 27.59 79.44
CA ASP D 65 -30.29 25.07 77.75
CA LEU D 66 -27.56 22.82 76.34
CA ILE D 67 -23.86 22.38 77.05
CA THR D 68 -21.10 21.50 74.64
CA ASP D 69 -17.45 22.49 75.16
CA ILE D 70 -15.80 22.45 78.59
CA VAL D 71 -12.31 23.88 79.12
CA VAL D 72 -10.21 23.57 82.24
CA GLU D 73 -7.85 26.50 82.76
CA PHE D 74 -4.60 26.16 84.68
CA VAL D 75 -1.87 28.65 85.54
CA LEU D 76 1.51 27.09 86.26
CA THR D 77 5.11 28.26 86.62
CA LYS D 78 8.14 26.43 85.17
CA GLY D 79 10.70 25.04 87.59
CA GLY D 80 13.29 24.32 84.92
CA ASN D 81 14.64 25.64 81.63
CA GLY D 82 14.10 24.51 78.04
CA GLY D 83 12.84 21.04 77.19
CA THR D 84 12.11 20.34 80.85
CA THR D 85 8.35 20.12 80.42
CA TYR D 86 6.04 17.74 78.53
CA TYR D 87 2.30 18.46 78.42
CA PRO D 88 2.15 19.57 82.10
CA ALA D 89 -1.45 20.84 81.92
CA GLU D 90 -2.51 17.56 80.35
CA GLU D 91 -0.75 15.51 83.04
CA LEU D 92 -2.15 17.68 85.86
CA LEU D 93 -5.63 16.45 84.89
CA GLN D 94 -5.00 12.89 86.07
CA ASP D 95 -8.65 11.97 85.43
CA VAL D 96 -12.10 13.46 84.83
CA GLU D 97 -15.40 11.73 85.57
CA LEU D 98 -18.75 12.77 84.09
CA GLU D 99 -21.72 11.94 86.30
CA ILE D 100 -25.43 12.51 85.61
CA GLY D 101 -28.07 11.98 88.30
CA GLY D 102 -25.47 10.24 90.44
CA GLN D 103 -24.75 7.79 87.62
CA ARG D 104 -21.36 7.76 85.94
CA ILE D 105 -21.48 8.28 82.16
CA ASP D 106 -17.77 8.30 81.33
CA LYS D 107 -14.32 8.86 82.83
CA HIS D 108 -11.05 9.90 81.19
CA TYR D 109 -7.43 9.68 82.29
CA ASN D 110 -4.03 11.28 81.83
CA ASP D 111 -2.71 8.63 79.53
CA TRP D 112 -5.94 8.65 77.50
CA PHE D 113 -5.60 12.32 76.60
CA ARG D 114 -1.99 11.55 75.63
CA THR D 115 -3.02 8.51 73.57
CA TYR D 116 -5.91 10.42 72.03
CA ASP D 117 -3.60 13.23 70.97
CA ALA D 118 -1.07 10.79 69.51
CA LEU D 119 -3.76 9.01 67.53
CA PHE D 120 -6.60 11.42 66.72
CA ARG D 121 -5.20 14.94 66.72
CA MET D 122 -2.96 16.09 63.86
CA ASN D 123 -1.16 18.85 62.04
CA ASP D 124 -1.58 22.47 63.28
CA ASP D 125 -4.50 21.45 65.48
CA ARG D 126 -2.20 19.09 67.36
CA TYR D 127 0.42 21.82 67.65
CA ASN D 128 -2.17 24.30 68.89
CA TYR D 129 -3.17 21.70 71.49
CA ARG D 130 0.41 21.58 72.79
CA ARG D 131 0.49 25.38 73.00
CA MET D 132 -2.62 25.08 75.18
CA THR D 133 -1.07 22.25 77.18
CA ASP D 134 2.50 23.45 77.82
CA TRP D 135 5.46 25.71 77.22
CA VAL D 136 6.52 25.59 73.57
CA ASN D 137 8.86 28.60 73.29
CA ASN D 138 11.91 27.48 75.28
CA GLU D 139 10.80 29.20 78.46
CA LEU D 140 13.14 29.27 81.46
CA VAL D 141 12.65 28.86 85.20
CA GLY D 142 9.96 31.10 86.64
CA ALA D 143 7.95 31.44 83.41
CA GLN D 144 4.20 31.52 84.20
CA LYS D 145 1.64 30.42 81.59
CA ARG D 146 -2.12 30.06 81.11
CA PHE D 147 -3.12 26.52 80.10
CA TYR D 148 -6.36 25.32 78.55
CA VAL D 149 -7.20 21.63 78.62
CA PRO D 150 -10.26 20.81 76.46
CA LEU D 151 -12.33 17.82 77.60
CA ILE D 152 -13.31 15.13 75.10
CA PHE D 153 -16.61 13.64 76.32
CA PHE D 154 -19.35 12.83 73.79
CA PHE D 155 -21.06 16.20 74.14
CA ASN D 156 -17.69 18.01 73.95
CA GLN D 157 -16.88 16.55 70.53
CA THR D 158 -20.06 17.38 68.59
CA PRO D 159 -22.71 20.06 68.95
CA GLY D 160 -25.05 17.34 67.64
CA LEU D 161 -24.68 15.49 70.93
CA ALA D 162 -25.08 18.61 73.06
CA LEU D 163 -26.20 17.53 76.55
CA PRO D 164 -29.72 19.00 77.11
CA LEU D 165 -29.75 20.51 80.61
CA ILE D 166 -33.36 21.64 80.20
CA ALA D 167 -34.26 17.98 79.72
CA LEU D 168 -32.42 16.94 82.89
CA GLN D 169 -34.40 19.09 85.31
CA TYR D 170 -34.02 16.41 88.01
CA HIS D 171 -30.58 15.03 87.22
CA GLU D 172 -27.47 16.88 88.39
CA VAL D 173 -24.53 16.92 86.00
CA LYS D 174 -21.19 16.77 87.80
CA LEU D 175 -17.50 16.50 87.00
CA TYR D 176 -14.86 14.97 89.28
CA PHE D 177 -11.21 15.91 88.75
CA THR D 178 -8.15 14.39 90.39
CA LEU D 179 -5.02 16.52 90.04
CA ALA D 180 -1.65 14.84 89.60
CA SER D 181 0.60 15.14 92.64
CA GLN D 182 3.91 15.38 90.77
CA VAL D 183 4.25 17.12 87.42
CA GLN D 184 7.71 17.14 85.81
CA GLY D 185 9.24 20.56 85.20
CA VAL D 186 6.67 22.24 87.41
CA ASN D 187 6.24 20.38 90.70
CA TYR D 188 9.30 18.12 90.67
CA ASN D 189 12.40 17.44 88.59
CA GLY D 190 12.54 13.68 88.45
CA SER D 191 11.97 12.35 91.96
CA SER D 192 13.26 15.59 93.52
CA ALA D 193 10.71 18.21 94.55
CA ILE D 194 11.35 21.74 93.28
CA ALA D 195 11.46 24.19 96.18
CA GLY D 196 9.19 27.22 96.07
CA ALA D 197 7.07 25.41 93.46
CA ALA D 198 3.77 27.27 93.31
CA GLN D 199 0.48 25.40 93.59
CA PRO D 200 -1.79 25.26 90.52
CA THR D 201 -4.65 27.71 89.89
CA MET D 202 -7.69 26.09 88.32
CA SER D 203 -10.78 27.35 86.50
CA VAL D 204 -13.61 25.43 84.80
CA TRP D 205 -15.53 26.91 81.84
CA VAL D 206 -18.62 25.51 80.13
CA ASP D 207 -20.17 26.56 76.81
CA TYR D 208 -23.97 26.93 76.88
CA ILE D 209 -26.38 26.99 73.98
CA PHE D 210 -29.46 29.16 74.43
CA LEU D 211 -32.28 27.89 72.25
CA ASP D 212 -35.34 29.56 70.82
CA THR D 213 -38.84 29.01 72.27
CA GLN D 214 -39.85 26.56 69.57
CA GLU D 215 -37.01 24.09 70.09
CA ARG D 216 -36.86 24.74 73.85
CA THR D 217 -40.37 23.38 74.25
CA ARG D 218 -39.47 20.28 72.31
CA PHE D 219 -36.27 19.63 74.25
CA ALA D 220 -38.32 19.91 77.41
CA GLN D 221 -41.34 17.97 76.21
CA LEU D 222 -40.13 14.97 74.21
CA PRO D 223 -38.03 11.90 75.14
CA HIS D 224 -34.45 11.89 73.84
CA GLU D 225 -32.06 9.13 72.83
CA TYR D 226 -28.42 9.98 72.19
CA LEU D 227 -25.95 7.55 70.71
CA ILE D 228 -22.80 8.43 72.64
CA GLU D 229 -19.32 7.03 73.11
CA GLN D 230 -17.45 5.93 76.19
CA LEU D 231 -13.91 5.05 77.15
CA GLN D 232 -12.86 1.75 78.75
CA PHE D 233 -9.53 1.07 80.48
CA THR D 234 -7.43 -1.22 82.79
CA GLY D 235 -3.70 -1.09 83.73
CA SER D 236 -1.54 -4.16 82.89
CA GLU D 237 2.13 -5.07 83.44
CA THR D 238 4.43 -5.63 80.47
CA ALA D 239 7.31 -8.09 80.57
CA THR D 240 9.84 -7.38 77.82
CA PRO D 241 12.77 -9.88 77.28
CA SER D 242 16.01 -8.38 78.51
CA ALA D 243 17.82 -10.34 75.79
CA THR D 244 18.54 -13.77 74.30
CA THR D 245 14.75 -14.10 74.29
CA GLN D 246 11.56 -12.54 72.95
CA ALA D 247 8.98 -12.55 75.74
CA SER D 248 5.26 -12.92 75.07
CA GLN D 249 1.91 -12.51 76.81
CA ASN D 250 -1.84 -12.87 76.43
CA ILE D 251 -3.72 -10.03 78.05
CA ARG D 252 -7.31 -11.16 78.53
CA LEU D 253 -9.30 -8.06 77.54
CA ASN D 254 -12.36 -7.21 79.66
CA PHE D 255 -14.42 -4.91 77.46
CA ASN D 256 -18.11 -4.66 76.53
CA HIS D 257 -20.62 -3.05 74.16
CA PRO D 258 -20.19 -2.26 70.43
CA THR D 259 -16.52 -1.17 70.19
CA LYS D 260 -15.10 1.11 67.46
CA TYR D 261 -11.46 0.41 68.17
CA LEU D 262 -8.73 -0.56 70.61
CA ALA D 263 -5.76 1.66 71.43
CA TRP D 264 -2.81 0.66 73.57
CA ASN D 265 0.68 1.67 74.64
CA PHE D 266 3.56 0.37 76.76
CA ASN D 267 4.71 3.12 79.09
CA ASN D 268 7.49 3.70 81.64
CA PRO D 269 5.52 4.72 84.76
CA THR D 270 8.41 6.94 85.91
CA ASN D 271 8.06 9.22 82.88
CA TYR D 272 4.67 10.59 81.81
CA GLY D 273 4.24 10.03 78.07
CA GLN D 274 7.26 7.78 77.63
CA TYR D 275 6.03 5.06 75.30
CA THR D 276 9.48 4.46 73.79
CA ALA D 277 12.88 3.25 75.05
CA LEU D 278 15.41 5.92 76.03
CA ALA D 279 18.55 5.94 73.89
CA ASN D 280 21.73 7.88 73.26
CA ILE D 281 20.19 9.44 70.18
CA PRO D 282 19.36 13.16 69.74
CA GLY D 283 16.01 13.72 71.42
CA ALA D 284 15.92 10.20 72.84
CA CYS D 285 17.48 10.98 76.24
CA SER D 286 18.81 13.74 78.47
CA GLY D 287 22.02 15.15 77.03
CA ALA D 288 21.82 12.73 74.10
CA GLY D 289 24.61 13.05 71.56
CA THR D 290 27.01 14.52 74.07
CA ALA D 291 29.30 13.76 77.03
CA ALA D 292 26.42 14.48 79.41
CA ALA D 293 24.25 11.85 77.71
CA THR D 294 22.24 9.74 80.18
CA VAL D 295 19.98 6.89 79.05
CA THR D 296 18.49 7.08 82.56
CA THR D 297 16.61 10.34 81.92
CA PRO D 298 14.39 11.30 78.97
CA ASP D 299 14.70 14.53 76.98
CA TYR D 300 11.43 15.69 78.58
CA GLY D 301 10.62 18.28 75.95
CA ASN D 302 11.01 15.57 73.32
CA THR D 303 9.65 12.46 75.04
CA GLY D 304 7.98 11.25 71.85
CA THR D 305 9.54 9.66 68.73
CA TYR D 306 8.61 8.31 65.32
CA ASN D 307 11.52 5.87 65.41
CA GLU D 308 10.06 2.33 65.53
CA GLN D 309 13.54 1.06 66.46
CA LEU D 310 12.74 2.32 69.95
CA ALA D 311 9.31 0.65 70.37
CA VAL D 312 9.08 -2.76 72.11
CA LEU D 313 6.16 -4.57 70.51
CA ASP D 314 7.44 -6.99 67.86
CA SER D 315 4.14 -8.54 66.77
CA ALA D 316 0.55 -8.79 67.94
CA LYS D 317 -2.88 -10.26 67.26
CA ILE D 318 -6.29 -10.37 68.89
CA GLN D 319 -8.25 -13.56 69.54
CA LEU D 320 -11.98 -14.14 69.91
CA ASN D 321 -12.86 -17.24 71.89
CA GLY D 322 -9.45 -18.74 71.14
CA GLN D 323 -9.99 -18.02 67.46
CA ASP D 324 -7.65 -15.60 65.66
CA ARG D 325 -9.46 -12.35 64.79
CA PHE D 326 -6.64 -11.79 62.32
CA ALA D 327 -3.17 -13.04 61.46
CA THR D 328 -0.18 -11.69 63.38
CA ARG D 329 1.25 -8.36 62.26
CA LYS D 330 4.37 -6.52 63.44
CA GLY D 331 4.04 -3.66 65.90
CA SER D 332 4.80 -1.17 63.12
CA TYR D 333 1.56 -2.21 61.39
CA PHE D 334 -0.68 -1.05 64.23
CA ASN D 335 1.42 2.14 64.57
CA LYS D 336 1.73 3.12 60.90
CA VAL D 337 -0.80 1.19 58.74
CA GLN D 338 -3.92 0.99 60.91
CA PRO D 339 -3.73 4.79 61.47
CA TYR D 340 -2.85 5.57 57.83
CA GLN D 341 -5.87 3.56 56.67
CA SER D 342 -8.42 4.92 59.15
CA ILE D 343 -7.09 8.20 60.56
CA GLY D 344 -4.76 9.85 58.07
CA GLY D 345 -2.32 11.55 60.41
CA VAL D 346 0.93 10.30 61.96
CA THR D 347 1.27 8.48 65.26
CA PRO D 348 4.53 8.44 67.27
CA ALA D 349 6.14 5.05 67.86
CA GLY D 350 4.79 3.31 70.95
CA VAL D 351 1.11 3.92 70.25
CA TYR D 352 -0.93 1.18 68.58
CA LEU D 353 -4.38 1.07 67.10
CA TYR D 354 -6.67 -1.58 65.73
CA SER D 355 -9.93 -0.31 64.34
CA PHE D 356 -13.22 -2.17 63.95
CA ALA D 357 -14.51 0.92 62.11
CA LEU D 358 -13.91 2.48 58.72
CA LYS D 359 -13.59 5.95 60.30
CA PRO D 360 -12.70 5.65 64.03
CA ALA D 361 -12.32 9.40 64.38
CA GLY D 362 -15.84 9.94 63.07
CA ARG D 363 -18.83 10.33 65.40
CA GLN D 364 -21.22 8.49 63.08
CA PRO D 365 -20.84 4.68 63.44
CA SER D 366 -19.01 2.90 60.63
CA GLY D 367 -17.88 -0.44 61.94
CA THR D 368 -18.19 -1.94 65.39
CA CYS D 369 -17.55 -5.11 67.40
CA ASN D 370 -19.75 -6.17 70.30
CA PHE D 371 -17.61 -7.23 73.25
CA SER D 372 -20.75 -7.86 75.30
CA ARG D 373 -20.99 -10.98 73.16
CA ILE D 374 -17.37 -12.19 73.16
CA ASP D 375 -16.89 -14.48 76.13
CA ASN D 376 -13.13 -14.36 75.65
CA ALA D 377 -11.19 -11.47 74.13
CA THR D 378 -7.39 -11.68 74.35
CA LEU D 379 -4.45 -9.66 73.08
CA SER D 380 -1.48 -11.87 72.21
CA LEU D 381 1.76 -9.88 72.49
CA THR D 382 5.31 -10.79 71.56
CA TYR D 383 8.09 -8.36 72.39
CA LYS D 384 11.38 -7.68 70.62
CA THR D 385 14.62 -8.81 72.25
CA CYS D 386 15.96 -5.72 74.00
CA SER D 387 19.62 -6.40 73.23
CA ILE D 388 20.74 -3.12 71.63
CA ASP D 389 23.15 -1.04 73.70
CA ALA D 390 21.07 2.07 74.42
CA THR D 391 24.14 4.28 75.00
CA SER D 392 25.55 3.60 71.52
CA PRO D 393 24.34 5.75 68.56
CA ALA D 394 25.93 3.42 66.00
CA ALA D 395 24.06 0.43 67.43
CA VAL D 396 20.62 2.07 67.76
CA LEU D 397 20.72 3.71 64.30
CA GLY D 398 22.00 0.62 62.48
CA ASN D 399 20.00 -2.36 63.71
CA THR D 400 17.49 -5.14 62.97
CA GLU D 401 13.66 -5.14 63.03
CA THR D 402 13.29 -7.59 65.91
CA VAL D 403 15.40 -5.86 68.58
CA THR D 404 15.29 -2.65 70.65
CA ALA D 405 17.53 -1.04 73.25
CA ASN D 406 17.83 -2.74 76.66
CA THR D 407 16.29 0.43 77.99
CA ALA D 408 13.00 -1.11 76.78
CA THR D 409 12.73 -3.11 80.02
CA LEU D 410 11.31 -0.08 81.82
CA LEU D 411 8.22 0.05 79.59
CA THR D 412 6.12 -2.13 81.90
CA ALA D 413 2.79 -0.31 82.07
CA LEU D 414 0.50 -1.75 79.38
CA ASN D 415 -2.44 0.60 78.86
CA ILE D 416 -5.26 -0.76 76.70
CA TYR D 417 -8.18 1.46 75.72
CA ALA D 418 -11.46 0.67 74.00
CA LYS D 419 -13.91 3.30 72.78
CA ASN D 420 -17.49 2.13 72.60
CA TYR D 421 -20.99 3.27 71.76
CA ASN D 422 -23.92 3.40 74.17
CA VAL D 423 -27.30 5.08 74.32
CA LEU D 424 -28.24 7.92 76.66
CA ARG D 425 -32.04 8.17 77.01
CA ILE D 426 -33.49 11.37 78.51
CA MET D 427 -37.08 11.82 79.56
CA SER D 428 -39.27 13.16 82.36
CA GLY D 429 -36.46 15.30 83.71
CA MET D 430 -33.81 12.63 84.01
CA GLY D 431 -31.40 10.51 81.98
CA GLY D 432 -29.63 7.18 82.05
CA LEU D 433 -27.55 4.86 79.95
CA ALA D 434 -29.43 2.18 78.03
CA TYR D 435 -26.71 -0.40 78.58
CA ALA D 436 -24.50 -1.26 81.54
CA ASN D 437 -21.22 -3.23 81.66
CA THR E 25 -27.76 44.09 -3.94
CA PHE E 26 -23.99 43.79 -3.55
CA PHE E 27 -24.18 42.57 0.02
CA LYS E 28 -25.95 39.21 -0.18
CA THR E 29 -24.47 37.05 -2.92
CA VAL E 30 -26.23 33.74 -3.51
CA TYR E 31 -23.58 31.39 -4.90
CA ARG E 32 -24.65 28.62 -7.25
CA ARG E 33 -24.71 24.89 -6.61
CA TYR E 34 -22.80 22.74 -9.07
CA THR E 35 -22.42 19.14 -10.20
CA ASN E 36 -20.29 16.96 -7.91
CA PHE E 37 -16.96 15.99 -9.47
CA ALA E 38 -13.31 15.10 -8.86
CA ILE E 39 -10.12 15.75 -10.80
CA GLU E 40 -6.96 13.73 -11.25
CA SER E 41 -3.88 14.11 -13.44
CA ILE E 42 -2.87 10.73 -14.84
CA GLN E 43 0.28 10.00 -16.84
CA GLN E 44 -0.04 8.89 -20.44
CA THR E 45 1.79 6.10 -22.25
CA ILE E 46 4.10 7.67 -24.80
CA ASN E 47 4.38 5.63 -27.99
CA GLY E 48 7.63 5.56 -29.95
CA SER E 49 11.18 6.50 -29.11
CA VAL E 50 11.62 9.94 -27.50
CA GLY E 51 14.44 11.98 -28.99
CA PHE E 52 15.34 15.02 -31.08
CA GLY E 53 13.74 14.70 -34.50
CA ASN E 54 11.47 11.85 -33.55
CA LYS E 55 7.71 11.59 -33.99
CA VAL E 56 5.87 10.18 -31.00
CA SER E 57 2.18 9.68 -30.20
CA THR E 58 -0.27 8.83 -27.43
CA GLN E 59 -3.78 7.41 -27.26
CA ILE E 60 -5.50 8.98 -24.25
CA SER E 61 -6.45 6.22 -21.82
CA ARG E 62 -10.03 6.01 -20.61
CA ASN E 63 -9.47 6.55 -16.90
CA GLY E 64 -11.79 9.47 -16.35
CA ASP E 65 -15.07 10.65 -17.77
CA LEU E 66 -13.86 13.97 -19.18
CA ILE E 67 -10.46 15.42 -19.97
CA THR E 68 -9.30 19.01 -19.71
CA ASP E 69 -5.68 20.03 -19.16
CA ILE E 70 -2.77 18.20 -20.78
CA VAL E 71 0.83 18.96 -19.84
CA VAL E 72 3.93 17.70 -21.58
CA GLU E 73 6.93 17.34 -19.25
CA PHE E 74 10.49 17.59 -20.51
CA VAL E 75 13.83 17.31 -18.75
CA LEU E 76 16.70 19.05 -20.55
CA THR E 77 20.27 20.09 -19.74
CA LYS E 78 21.83 23.43 -20.76
CA GLY E 79 24.76 23.36 -23.16
CA GLY E 80 25.67 27.00 -22.64
CA ASN E 81 25.73 29.72 -19.99
CA GLY E 82 23.43 32.67 -19.35
CA GLY E 83 21.14 34.06 -22.02
CA THR E 84 21.91 31.12 -24.30
CA THR E 85 18.41 29.67 -24.21
CA TYR E 86 15.00 30.90 -25.41
CA TYR E 87 11.89 28.87 -24.65
CA PRO E 88 13.62 25.50 -25.33
CA ALA E 89 10.73 23.35 -24.05
CA GLU E 90 8.34 25.33 -26.22
CA GLU E 91 10.53 24.90 -29.32
CA LEU E 92 11.06 21.17 -28.65
CA LEU E 93 7.33 20.68 -29.22
CA GLN E 94 7.52 21.45 -32.95
CA ASP E 95 3.85 20.49 -33.38
CA VAL E 96 0.96 18.68 -31.72
CA GLU E 97 -2.01 17.12 -33.51
CA LEU E 98 -5.31 16.21 -31.85
CA GLU E 99 -7.13 13.33 -33.54
CA ILE E 100 -10.51 11.82 -32.62
CA GLY E 101 -11.76 8.63 -34.27
CA GLY E 102 -9.01 8.92 -36.86
CA GLN E 103 -10.19 12.42 -37.76
CA ARG E 104 -7.99 15.42 -37.09
CA ILE E 105 -9.61 18.09 -34.90
CA ASP E 106 -6.74 20.57 -34.58
CA LYS E 107 -2.97 20.90 -34.84
CA HIS E 108 -0.58 23.40 -33.24
CA TYR E 109 2.98 24.42 -34.02
CA ASN E 110 6.12 25.84 -32.45
CA ASP E 111 5.63 29.32 -33.79
CA TRP E 112 1.95 29.29 -32.77
CA PHE E 113 2.75 28.74 -29.10
CA ARG E 114 5.29 31.57 -29.42
CA THR E 115 2.75 33.83 -31.17
CA TYR E 116 0.04 32.86 -28.70
CA ASP E 117 2.26 33.75 -25.76
CA ALA E 118 3.24 37.08 -27.32
CA LEU E 119 -0.39 37.98 -27.95
CA PHE E 120 -2.62 36.26 -25.37
CA ARG E 121 -0.55 35.59 -22.27
CA MET E 122 0.44 38.49 -19.99
CA ASN E 123 1.89 39.72 -16.75
CA ASP E 124 2.94 37.16 -14.08
CA ASP E 125 1.11 34.38 -15.93
CA ARG E 126 3.34 34.98 -18.93
CA TYR E 127 6.41 35.01 -16.70
CA ASN E 128 5.31 31.79 -15.01
CA TYR E 129 4.93 30.29 -18.48
CA ARG E 130 8.56 31.10 -19.26
CA ARG E 131 9.65 29.50 -15.98
CA MET E 132 7.84 26.38 -17.18
CA THR E 133 9.36 26.68 -20.64
CA ASP E 134 13.02 27.50 -19.94
CA TRP E 135 15.88 28.57 -17.73
CA VAL E 136 15.19 31.97 -16.19
CA ASN E 137 17.82 32.18 -13.42
CA ASN E 138 21.07 32.59 -15.40
CA GLU E 139 21.90 28.90 -15.29
CA LEU E 140 25.25 27.70 -16.66
CA VAL E 141 26.35 24.71 -18.72
CA GLY E 142 25.18 21.39 -17.32
CA ALA E 143 22.11 22.77 -15.51
CA GLN E 144 19.22 20.26 -15.72
CA LYS E 145 15.61 21.44 -15.45
CA ARG E 146 12.04 20.10 -15.47
CA PHE E 147 9.88 21.75 -18.13
CA TYR E 148 6.10 21.81 -18.42
CA VAL E 149 4.51 22.77 -21.71
CA PRO E 150 0.72 23.25 -21.40
CA LEU E 151 -1.32 22.48 -24.52
CA ILE E 152 -3.90 24.99 -25.76
CA PHE E 153 -6.60 22.97 -27.56
CA PHE E 154 -10.27 23.89 -27.08
CA PHE E 155 -10.79 21.47 -24.19
CA ASN E 156 -7.50 22.59 -22.57
CA GLN E 157 -8.64 26.22 -22.34
CA THR E 158 -12.03 25.82 -20.63
CA PRO E 159 -13.53 23.18 -18.37
CA GLY E 160 -16.79 24.10 -20.13
CA LEU E 161 -15.49 22.45 -23.29
CA ALA E 162 -14.15 19.38 -21.47
CA LEU E 163 -13.89 16.54 -24.01
CA PRO E 164 -16.33 13.77 -22.88
CA LEU E 165 -14.47 10.45 -23.13
CA ILE E 166 -17.51 8.55 -21.87
CA ALA E 167 -19.39 9.89 -24.88
CA LEU E 168 -16.67 8.74 -27.30
CA GLN E 169 -16.82 5.05 -26.45
CA TYR E 170 -15.98 4.18 -30.07
CA HIS E 171 -13.66 7.03 -31.02
CA GLU E 172 -10.01 6.95 -29.97
CA VAL E 173 -8.48 10.25 -28.90
CA LYS E 174 -4.84 10.57 -29.93
CA LEU E 175 -2.04 13.12 -29.89
CA TYR E 176 0.85 13.26 -32.35
CA PHE E 177 4.02 15.11 -31.35
CA THR E 178 7.02 15.95 -33.50
CA LEU E 179 10.10 16.95 -31.52
CA ALA E 180 12.42 19.62 -32.89
CA SER E 181 15.76 18.26 -34.06
CA GLN E 182 17.88 21.27 -33.07
CA VAL E 183 17.16 23.37 -29.99
CA GLN E 184 19.47 26.32 -29.31
CA GLY E 185 21.36 26.23 -26.02
CA VAL E 186 20.50 22.58 -25.49
CA ASN E 187 21.10 20.53 -28.63
CA TYR E 188 23.19 22.95 -30.70
CA ASN E 189 24.81 26.37 -30.41
CA GLY E 190 23.96 28.01 -33.69
CA SER E 191 24.65 25.52 -36.47
CA SER E 192 27.25 23.69 -34.33
CA ALA E 193 26.12 20.61 -32.43
CA ILE E 194 26.98 20.54 -28.71
CA ALA E 195 28.94 17.40 -27.87
CA GLY E 196 27.64 15.19 -25.06
CA ALA E 197 24.24 16.86 -25.44
CA ALA E 198 21.76 14.62 -23.65
CA GLN E 199 18.56 13.49 -25.36
CA PRO E 200 15.25 14.80 -24.05
CA THR E 201 13.08 12.93 -21.52
CA MET E 202 9.36 13.26 -22.16
CA SER E 203 6.20 12.65 -20.14
CA VAL E 204 2.54 13.31 -21.02
CA TRP E 205 -0.04 14.08 -18.32
CA VAL E 206 -3.81 14.42 -18.72
CA ASP E 207 -6.34 15.83 -16.23
CA TYR E 208 -9.50 13.74 -15.85
CA ILE E 209 -12.84 14.77 -14.42
CA PHE E 210 -14.79 12.05 -12.63
CA LEU E 211 -18.49 12.83 -12.70
CA ASP E 212 -21.36 11.78 -10.49
CA THR E 213 -23.90 9.13 -11.57
CA GLN E 214 -26.54 11.69 -12.49
CA GLU E 215 -24.45 13.64 -14.99
CA ARG E 216 -22.54 10.54 -16.15
CA THR E 217 -25.75 9.00 -17.45
CA ARG E 218 -26.56 12.17 -19.34
CA PHE E 219 -23.10 12.50 -20.88
CA ALA E 220 -23.44 8.91 -22.04
CA GLN E 221 -27.05 9.10 -23.14
CA LEU E 222 -27.60 12.42 -24.92
CA PRO E 223 -26.12 13.92 -28.12
CA HIS E 224 -23.58 16.72 -27.62
CA GLU E 225 -22.61 19.76 -29.65
CA TYR E 226 -19.54 21.73 -28.67
CA LEU E 227 -18.62 25.05 -30.22
CA ILE E 228 -14.84 24.77 -30.39
CA GLU E 229 -11.96 26.68 -31.92
CA GLN E 230 -9.26 25.65 -34.35
CA LEU E 231 -5.99 27.00 -35.65
CA GLN E 232 -5.18 27.56 -39.33
CA PHE E 233 -1.72 28.13 -40.80
CA THR E 234 0.54 28.26 -43.93
CA GLY E 235 4.23 29.33 -44.33
CA SER E 236 4.99 32.25 -46.72
CA GLU E 237 8.19 33.99 -47.87
CA THR E 238 8.76 37.65 -47.04
CA ALA E 239 10.71 39.96 -49.35
CA THR E 240 11.88 43.09 -47.52
CA PRO E 241 13.59 45.92 -49.55
CA SER E 242 17.29 46.00 -48.85
CA ALA E 243 17.21 49.77 -49.38
CA THR E 244 16.35 52.61 -51.76
CA THR E 245 12.98 50.86 -51.98
CA GLN E 246 10.00 49.72 -49.90
CA ALA E 247 8.98 46.28 -51.14
CA SER E 248 5.36 45.09 -51.08
CA GLN E 249 3.31 41.91 -51.44
CA ASN E 250 -0.20 40.49 -51.51
CA ILE E 251 -0.44 37.20 -49.69
CA ARG E 252 -3.62 35.47 -50.83
CA LEU E 253 -5.01 34.05 -47.58
CA ASN E 254 -6.55 30.57 -47.73
CA PHE E 255 -8.73 30.36 -44.63
CA ASN E 256 -12.27 29.16 -43.90
CA HIS E 257 -15.08 29.12 -41.33
CA PRO E 258 -16.13 31.93 -38.93
CA THR E 259 -12.78 33.50 -37.94
CA LYS E 260 -12.18 35.46 -34.69
CA TYR E 261 -8.89 36.98 -35.72
CA LEU E 262 -5.70 36.82 -37.76
CA ALA E 263 -2.21 36.80 -36.22
CA TRP E 264 1.02 36.99 -38.14
CA ASN E 265 4.77 37.50 -37.81
CA PHE E 266 7.86 37.79 -40.00
CA ASN E 267 10.54 35.47 -38.64
CA ASN E 268 14.19 34.66 -39.36
CA PRO E 269 14.08 30.85 -39.83
CA THR E 270 17.63 30.55 -38.44
CA ASN E 271 16.58 31.84 -35.02
CA TYR E 272 13.51 30.46 -33.25
CA GLY E 273 11.38 33.36 -32.02
CA GLN E 274 13.26 36.08 -33.89
CA TYR E 275 10.52 38.33 -35.22
CA THR E 276 12.70 41.44 -35.14
CA ALA E 277 15.91 42.63 -36.86
CA LEU E 278 19.18 42.09 -34.99
CA ALA E 279 20.97 45.30 -34.06
CA ASN E 280 23.94 46.62 -32.12
CA ILE E 281 21.64 47.64 -29.28
CA PRO E 282 21.63 46.13 -25.76
CA GLY E 283 19.60 42.94 -25.95
CA ALA E 284 19.27 43.16 -29.73
CA CYS E 285 22.29 41.00 -30.63
CA SER E 286 25.08 38.85 -29.23
CA GLY E 287 27.60 41.03 -27.37
CA ALA E 288 25.57 44.13 -28.19
CA GLY E 289 26.97 47.37 -26.80
CA THR E 290 30.50 46.03 -26.70
CA ALA E 291 33.58 45.17 -28.78
CA ALA E 292 32.28 41.62 -29.15
CA ALA E 293 29.02 42.87 -30.67
CA THR E 294 27.83 40.77 -33.63
CA VAL E 295 24.69 41.63 -35.61
CA THR E 296 24.96 38.10 -37.01
CA THR E 297 23.85 36.40 -33.78
CA PRO E 298 20.88 37.21 -31.52
CA ASP E 299 21.07 37.67 -27.75
CA TYR E 300 19.21 34.35 -27.38
CA GLY E 301 18.00 34.99 -23.85
CA ASN E 302 16.54 38.27 -25.07
CA THR E 303 15.35 37.47 -28.60
CA GLY E 304 12.22 39.58 -28.18
CA THR E 305 11.84 43.39 -28.20
CA TYR E 306 9.22 46.09 -27.83
CA ASN E 307 11.18 48.42 -30.10
CA GLU E 308 9.11 48.97 -33.26
CA GLN E 309 12.22 50.48 -34.89
CA LEU E 310 13.35 46.87 -35.35
CA ALA E 311 10.15 45.49 -36.96
CA VAL E 312 9.87 45.35 -40.79
CA LEU E 313 6.21 45.83 -41.60
CA ASP E 314 5.58 49.48 -42.56
CA SER E 315 1.86 49.28 -43.37
CA ALA E 316 -0.81 46.69 -44.04
CA LYS E 317 -4.43 46.09 -44.97
CA ILE E 318 -6.71 43.16 -45.76
CA GLN E 319 -8.91 42.92 -48.84
CA LEU E 320 -12.13 41.01 -49.45
CA ASN E 321 -12.78 40.23 -53.09
CA GLY E 322 -10.51 43.09 -54.15
CA GLN E 323 -12.41 45.40 -51.82
CA ASP E 324 -10.57 47.02 -48.89
CA ARG E 325 -11.72 45.55 -45.56
CA PHE E 326 -10.21 48.64 -44.00
CA ALA E 327 -7.88 51.51 -44.80
CA THR E 328 -4.11 51.00 -44.54
CA ARG E 329 -2.55 51.28 -41.10
CA LYS E 330 1.11 51.20 -40.06
CA GLY E 331 2.59 48.02 -38.64
CA SER E 332 2.66 49.59 -35.17
CA TYR E 333 -1.17 49.74 -35.23
CA PHE E 334 -1.59 45.96 -35.46
CA ASN E 335 1.15 45.50 -32.82
CA LYS E 336 0.08 48.13 -30.28
CA VAL E 337 -3.53 49.31 -30.95
CA GLN E 338 -5.36 46.14 -32.05
CA PRO E 339 -4.02 44.33 -28.94
CA TYR E 340 -4.63 47.30 -26.59
CA GLN E 341 -8.25 47.48 -27.79
CA SER E 342 -9.06 43.76 -27.66
CA ILE E 343 -6.50 42.06 -25.40
CA GLY E 344 -5.14 44.50 -22.86
CA GLY E 345 -1.60 43.24 -22.47
CA VAL E 346 1.58 44.13 -24.35
CA THR E 347 2.87 42.43 -27.49
CA PRO E 348 6.56 42.51 -28.51
CA ALA E 349 7.38 44.17 -31.82
CA GLY E 350 7.13 41.77 -34.76
CA VAL E 351 3.78 40.26 -33.82
CA TYR E 352 0.62 41.59 -35.44
CA LEU E 353 -3.04 41.07 -34.80
CA TYR E 354 -6.27 42.04 -36.48
CA SER E 355 -9.39 40.99 -34.65
CA PHE E 356 -12.87 40.40 -36.04
CA ALA E 357 -14.04 39.98 -32.43
CA LEU E 358 -14.61 42.30 -29.50
CA LYS E 359 -12.80 39.90 -27.16
CA PRO E 360 -10.48 37.56 -29.15
CA ALA E 361 -9.08 36.02 -25.97
CA GLY E 362 -12.59 35.09 -24.82
CA ARG E 363 -14.07 31.64 -25.46
CA GLN E 364 -17.59 32.97 -25.99
CA PRO E 365 -18.04 34.35 -29.55
CA SER E 366 -18.09 38.13 -29.90
CA GLY E 367 -17.36 38.97 -33.50
CA THR E 368 -16.51 36.70 -36.40
CA CYS E 369 -15.84 36.70 -40.15
CA ASN E 370 -16.76 33.76 -42.37
CA PHE E 371 -13.88 32.94 -44.70
CA SER E 372 -15.88 30.04 -46.13
CA ARG E 373 -17.76 32.78 -47.92
CA ILE E 374 -14.92 35.05 -49.08
CA ASP E 375 -13.78 33.88 -52.48
CA ASN E 376 -10.69 36.06 -52.24
CA ALA E 377 -8.96 37.08 -49.02
CA THR E 378 -5.62 38.89 -49.39
CA LEU E 379 -3.12 40.54 -47.07
CA SER E 380 -1.46 43.55 -48.70
CA LEU E 381 1.95 44.18 -47.14
CA THR E 382 4.41 47.02 -47.59
CA TYR E 383 7.77 46.81 -45.87
CA LYS E 384 10.03 49.55 -44.52
CA THR E 385 13.26 50.33 -46.34
CA CYS E 386 15.95 48.45 -44.42
CA SER E 387 18.62 51.12 -44.76
CA ILE E 388 19.69 51.65 -41.13
CA ASP E 389 23.18 50.43 -40.28
CA ALA E 390 22.45 47.64 -37.79
CA THR E 391 25.90 47.86 -36.16
CA SER E 392 25.45 51.52 -35.22
CA PRO E 393 23.65 52.39 -31.92
CA ALA E 394 23.35 56.07 -32.86
CA ALA E 395 21.62 55.18 -36.13
CA VAL E 396 19.18 52.59 -34.74
CA LEU E 397 18.16 54.70 -31.71
CA GLY E 398 17.74 57.94 -33.65
CA ASN E 399 15.80 57.15 -36.82
CA THR E 400 12.63 57.56 -38.90
CA GLU E 401 9.33 55.60 -38.84
CA THR E 402 9.67 54.12 -42.34
CA VAL E 403 13.07 52.43 -42.06
CA THR E 404 14.65 49.53 -40.15
CA ALA E 405 18.12 47.99 -39.95
CA ASN E 406 19.44 46.15 -43.04
CA THR E 407 19.45 43.13 -40.78
CA ALA E 408 15.70 43.02 -41.53
CA THR E 409 16.38 41.16 -44.79
CA LEU E 410 16.67 37.88 -42.88
CA LEU E 411 13.05 38.03 -41.67
CA THR E 412 11.70 36.03 -44.63
CA ALA E 413 9.33 33.54 -43.02
CA LEU E 414 5.82 35.05 -43.02
CA ASN E 415 3.61 33.08 -40.63
CA ILE E 416 -0.08 33.90 -40.78
CA TYR E 417 -2.51 32.35 -38.32
CA ALA E 418 -6.30 32.35 -38.14
CA LYS E 419 -8.31 31.07 -35.20
CA ASN E 420 -11.78 29.88 -36.08
CA TYR E 421 -14.90 28.35 -34.61
CA ASN E 422 -16.37 24.97 -35.53
CA VAL E 423 -18.83 22.53 -34.03
CA LEU E 424 -17.95 19.15 -32.56
CA ARG E 425 -21.03 16.89 -32.42
CA ILE E 426 -20.85 13.77 -30.23
CA MET E 427 -23.41 10.99 -30.23
CA SER E 428 -23.77 7.21 -30.27
CA GLY E 429 -20.23 6.73 -29.04
CA MET E 430 -18.44 8.86 -31.61
CA GLY E 431 -17.73 12.44 -32.62
CA GLY E 432 -16.99 14.55 -35.66
CA LEU E 433 -16.65 18.13 -36.80
CA ALA E 434 -19.78 19.72 -38.27
CA TYR E 435 -17.80 21.64 -40.88
CA ALA E 436 -14.82 20.77 -43.04
CA ASN E 437 -12.40 23.06 -44.92
CA THR F 25 -22.16 22.48 -14.13
CA PHE F 26 -18.69 23.70 -15.09
CA PHE F 27 -18.29 21.19 -17.89
CA LYS F 28 -20.96 22.11 -20.43
CA THR F 29 -20.97 25.82 -21.12
CA VAL F 30 -23.74 27.05 -23.42
CA TYR F 31 -22.37 30.17 -25.11
CA ARG F 32 -24.81 32.87 -26.16
CA ARG F 33 -25.80 33.90 -29.67
CA TYR F 34 -25.35 37.54 -30.55
CA THR F 35 -26.37 40.14 -33.12
CA ASN F 36 -24.47 39.97 -36.42
CA PHE F 37 -22.11 42.91 -36.92
CA ALA F 38 -18.88 44.15 -38.48
CA ILE F 39 -16.26 46.67 -37.40
CA GLU F 40 -14.10 49.08 -39.33
CA SER F 41 -11.73 51.89 -38.35
CA ILE F 42 -12.18 54.84 -40.68
CA GLN F 43 -10.05 57.98 -40.74
CA GLN F 44 -11.63 61.31 -39.85
CA THR F 45 -11.26 64.65 -41.60
CA ILE F 46 -9.35 66.96 -39.29
CA ASN F 47 -10.55 70.57 -39.50
CA GLY F 48 -8.11 73.44 -39.04
CA SER F 49 -4.35 73.67 -39.11
CA VAL F 50 -2.50 71.07 -37.04
CA GLY F 51 0.31 72.50 -34.93
CA PHE F 52 1.49 73.28 -31.40
CA GLY F 53 -0.97 75.65 -29.76
CA ASN F 54 -3.66 75.21 -32.38
CA LYS F 55 -7.29 74.27 -31.87
CA VAL F 56 -8.62 71.70 -34.30
CA SER F 57 -11.94 69.87 -34.64
CA THR F 58 -13.70 67.00 -36.41
CA GLN F 59 -17.29 66.15 -37.23
CA ILE F 60 -17.62 62.37 -37.14
CA SER F 61 -18.67 61.16 -40.59
CA ARG F 62 -21.70 58.90 -40.88
CA ASN F 63 -20.03 55.82 -42.34
CA GLY F 64 -21.14 53.27 -39.81
CA ASP F 65 -24.18 52.71 -37.64
CA LEU F 66 -22.45 52.94 -34.26
CA ILE F 67 -19.10 54.27 -33.07
CA THR F 68 -16.90 52.97 -30.29
CA ASP F 69 -13.13 53.44 -30.18
CA ILE F 70 -11.44 56.65 -31.34
CA VAL F 71 -7.66 56.90 -31.65
CA VAL F 72 -5.65 60.04 -32.27
CA GLU F 73 -2.40 59.39 -34.15
CA PHE F 74 0.60 61.66 -33.80
CA VAL F 75 4.06 61.58 -35.36
CA LEU F 76 6.72 63.41 -33.38
CA THR F 77 10.52 63.64 -33.37
CA LYS F 78 12.68 63.66 -30.20
CA GLY F 79 14.72 66.78 -29.47
CA GLY F 80 16.78 65.17 -26.74
CA ASN F 81 18.35 61.86 -25.74
CA GLY F 82 17.29 59.22 -23.21
CA GLY F 83 14.88 59.98 -20.39
CA THR F 84 14.13 63.39 -21.87
CA THR F 85 10.50 62.63 -22.68
CA TYR F 86 7.43 61.81 -20.56
CA TYR F 87 4.16 60.87 -22.26
CA PRO F 88 4.57 63.50 -25.05
CA ALA F 89 1.62 62.25 -27.13
CA GLU F 90 -0.56 62.32 -24.04
CA GLU F 91 0.51 65.88 -23.17
CA LEU F 92 0.05 67.08 -26.77
CA LEU F 93 -3.67 66.37 -26.39
CA GLN F 94 -4.25 69.20 -23.90
CA ASP F 95 -8.02 68.58 -24.00
CA VAL F 96 -10.78 66.89 -26.00
CA GLU F 97 -14.43 67.91 -26.04
CA LEU F 98 -17.29 65.68 -27.20
CA GLU F 99 -20.25 67.60 -28.57
CA ILE F 100 -23.57 66.22 -29.87
CA GLY F 101 -26.11 68.44 -31.62
CA GLY F 102 -24.18 71.49 -30.46
CA GLN F 103 -24.46 70.32 -26.84
CA ARG F 104 -21.37 69.34 -24.91
CA ILE F 105 -21.48 65.79 -23.49
CA ASP F 106 -18.02 65.57 -21.90
CA LYS F 107 -14.53 67.06 -22.01
CA HIS F 108 -11.17 65.59 -21.00
CA TYR F 109 -7.80 67.13 -20.21
CA ASN F 110 -4.09 66.42 -20.20
CA ASP F 111 -3.85 65.88 -16.48
CA TRP F 112 -6.97 63.67 -16.51
CA PHE F 113 -5.43 61.18 -18.92
CA ARG F 114 -2.35 61.20 -16.68
CA THR F 115 -4.45 60.74 -13.53
CA TYR F 116 -6.57 58.09 -15.21
CA ASP F 117 -3.49 56.13 -16.23
CA ALA F 118 -2.01 56.38 -12.72
CA LEU F 119 -5.24 55.17 -11.15
CA PHE F 120 -7.12 52.91 -13.60
CA ARG F 121 -4.59 51.41 -15.99
CA MET F 122 -2.23 48.69 -14.79
CA ASN F 123 0.34 46.03 -15.53
CA ASP F 124 1.23 45.30 -19.20
CA ASP F 125 -1.76 47.30 -20.40
CA ARG F 126 -0.32 50.38 -18.71
CA TYR F 127 3.08 49.67 -20.21
CA ASN F 128 1.56 49.20 -23.67
CA TYR F 129 -0.15 52.57 -23.17
CA ARG F 130 3.21 54.23 -22.58
CA ARG F 131 4.60 52.60 -25.73
CA MET F 132 1.68 54.21 -27.57
CA THR F 133 2.26 57.52 -25.79
CA ASP F 134 6.05 57.97 -25.93
CA TRP F 135 9.57 56.76 -26.51
CA VAL F 136 10.35 53.81 -24.26
CA ASN F 137 13.57 52.43 -25.81
CA ASN F 138 16.14 55.10 -24.93
CA GLU F 139 15.84 56.88 -28.25
CA LEU F 140 18.18 59.76 -29.05
CA VAL F 141 17.74 63.14 -30.74
CA GLY F 142 16.05 62.94 -34.12
CA ALA F 143 14.14 59.72 -33.43
CA GLN F 144 10.68 59.86 -35.08
CA LYS F 145 7.79 57.78 -33.70
CA ARG F 146 4.12 57.03 -34.37
CA PHE F 147 1.93 57.72 -31.33
CA TYR F 148 -1.60 56.51 -30.63
CA VAL F 149 -3.64 58.24 -27.95
CA PRO F 150 -6.89 56.35 -27.18
CA LEU F 151 -9.83 58.49 -26.00
CA ILE F 152 -11.77 57.48 -22.90
CA PHE F 153 -15.32 58.81 -23.36
CA PHE F 154 -18.28 56.65 -22.31
CA PHE F 155 -18.71 55.09 -25.75
CA ASN F 156 -14.94 54.51 -26.05
CA GLN F 157 -14.84 52.37 -22.90
CA THR F 158 -17.61 49.85 -23.63
CA PRO F 159 -19.18 48.52 -26.80
CA GLY F 160 -22.36 48.38 -24.70
CA LEU F 161 -22.49 52.17 -24.73
CA ALA F 162 -21.71 52.46 -28.43
CA LEU F 163 -22.97 55.85 -29.65
CA PRO F 164 -25.74 55.16 -32.24
CA LEU F 165 -25.10 57.45 -35.22
CA ILE F 166 -28.12 56.07 -37.06
CA ALA F 167 -30.24 57.29 -34.17
CA LEU F 168 -28.73 60.78 -34.32
CA GLN F 169 -29.74 61.58 -37.89
CA TYR F 170 -30.20 65.26 -36.96
CA HIS F 171 -27.48 65.70 -34.34
CA GLU F 172 -23.87 66.26 -35.43
CA VAL F 173 -21.20 64.56 -33.35
CA LYS F 174 -18.04 66.64 -33.04
CA LEU F 175 -14.69 66.57 -31.27
CA TYR F 176 -12.65 69.64 -30.31
CA PHE F 177 -8.93 69.23 -29.66
CA THR F 178 -6.50 71.79 -28.28
CA LEU F 179 -2.86 70.87 -28.82
CA ALA F 180 -0.29 71.77 -26.17
CA SER F 181 2.06 74.55 -27.20
CA GLN F 182 5.17 73.27 -25.41
CA VAL F 183 5.94 69.58 -25.04
CA GLN F 184 9.12 68.63 -23.16
CA GLY F 185 11.70 66.67 -25.12
CA VAL F 186 9.97 67.44 -28.41
CA ASN F 187 9.07 71.12 -28.68
CA TYR F 188 11.16 72.59 -25.87
CA ASN F 189 13.74 71.52 -23.29
CA GLY F 190 12.58 73.24 -20.14
CA SER F 191 11.75 76.84 -21.00
CA SER F 192 14.14 76.81 -23.98
CA ALA F 193 12.70 76.10 -27.40
CA ILE F 194 14.44 73.39 -29.43
CA ALA F 195 15.52 74.74 -32.81
CA GLY F 196 14.41 72.87 -35.92
CA ALA F 197 11.69 71.21 -33.84
CA ALA F 198 9.23 69.73 -36.32
CA GLN F 199 5.51 70.41 -36.00
CA PRO F 200 3.19 67.54 -35.07
CA THR F 201 1.33 65.42 -37.65
CA MET F 202 -2.15 64.42 -36.53
CA SER F 203 -4.70 61.82 -37.63
CA VAL F 204 -8.09 60.88 -36.13
CA TRP F 205 -9.52 57.37 -36.47
CA VAL F 206 -12.97 56.14 -35.47
CA ASP F 207 -14.21 52.55 -35.15
CA TYR F 208 -17.65 51.92 -36.69
CA ILE F 209 -20.01 49.05 -36.07
CA PHE F 210 -22.15 47.99 -39.03
CA LEU F 211 -25.31 46.33 -37.82
CA ASP F 212 -27.68 43.87 -39.42
CA THR F 213 -31.09 44.91 -40.82
CA GLN F 214 -32.99 43.61 -37.82
CA GLU F 215 -31.15 45.64 -35.18
CA ARG F 216 -30.62 48.62 -37.52
CA THR F 217 -34.38 49.13 -37.75
CA ARG F 218 -34.67 49.06 -33.98
CA PHE F 219 -31.80 51.49 -33.41
CA ALA F 220 -33.49 53.82 -35.87
CA GLN F 221 -37.05 53.31 -34.67
CA LEU F 222 -37.03 53.18 -30.87
CA PRO F 223 -36.07 55.74 -28.18
CA HIS F 224 -32.78 55.11 -26.39
CA GLU F 225 -31.52 55.87 -22.90
CA TYR F 226 -27.84 55.40 -22.11
CA LEU F 227 -26.42 55.63 -18.62
CA ILE F 228 -23.08 57.30 -19.29
CA GLU F 229 -20.28 58.85 -17.28
CA GLN F 230 -18.75 62.30 -17.33
CA LEU F 231 -15.69 64.03 -15.98
CA GLN F 232 -15.77 67.14 -13.77
CA PHE F 233 -12.81 69.42 -13.03
CA THR F 234 -11.52 72.79 -11.67
CA GLY F 235 -7.93 74.06 -11.05
CA SER F 236 -6.99 75.10 -7.46
CA GLU F 237 -3.84 76.52 -5.83
CA THR F 238 -2.00 74.52 -3.17
CA ALA F 239 -0.13 76.18 -0.32
CA THR F 240 2.36 73.79 1.29
CA PRO F 241 4.23 74.93 4.49
CA SER F 242 7.84 75.70 3.71
CA ALA F 243 8.75 74.53 7.22
CA THR F 244 8.18 74.99 10.96
CA THR F 245 4.51 74.62 10.02
CA GLN F 246 1.99 72.29 8.42
CA ALA F 247 -0.32 74.37 6.21
CA SER F 248 -3.96 73.45 5.66
CA GLN F 249 -6.88 74.32 3.40
CA ASN F 250 -10.55 73.66 2.68
CA ILE F 251 -11.28 73.43 -1.01
CA ARG F 252 -15.01 73.91 -1.48
CA LEU F 253 -15.85 71.30 -4.12
CA ASN F 254 -18.33 72.31 -6.83
CA PHE F 255 -19.58 69.02 -8.26
CA ASN F 256 -22.98 67.60 -9.17
CA HIS F 257 -24.90 64.43 -10.09
CA PRO F 258 -24.39 60.87 -8.73
CA THR F 259 -20.59 60.64 -8.33
CA LYS F 260 -18.59 57.37 -8.36
CA TYR F 261 -15.39 58.81 -6.98
CA LEU F 262 -13.05 61.77 -6.55
CA ALA F 263 -9.45 61.80 -7.80
CA TRP F 264 -6.95 64.54 -7.12
CA ASN F 265 -3.27 65.44 -7.35
CA PHE F 266 -0.92 68.30 -6.45
CA ASN F 267 1.20 69.15 -9.46
CA ASN F 268 4.12 71.46 -10.31
CA PRO F 269 2.75 73.40 -13.32
CA THR F 270 6.28 73.71 -14.75
CA ASN F 271 6.60 69.95 -15.20
CA TYR F 272 3.85 67.91 -16.85
CA GLY F 273 3.09 64.88 -14.68
CA GLN F 274 5.14 65.99 -11.68
CA TYR F 275 2.95 65.12 -8.71
CA THR F 276 5.90 64.56 -6.39
CA ALA F 277 8.74 66.68 -4.95
CA LEU F 278 12.07 66.60 -6.78
CA ALA F 279 14.93 65.15 -4.74
CA ASN F 280 18.55 64.12 -4.98
CA ILE F 281 17.49 60.48 -5.20
CA PRO F 282 17.96 58.20 -8.24
CA GLY F 283 15.09 58.93 -10.61
CA ALA F 284 13.87 61.84 -8.50
CA CYS F 285 15.75 64.63 -10.31
CA SER F 286 18.04 65.41 -13.23
CA GLY F 287 21.48 63.91 -12.63
CA ALA F 288 20.34 62.52 -9.29
CA GLY F 289 22.95 60.53 -7.39
CA THR F 290 25.82 62.34 -9.07
CA ALA F 291 27.83 65.58 -9.18
CA ALA F 292 25.48 66.89 -11.87
CA ALA F 293 22.46 66.40 -9.60
CA THR F 294 19.97 69.28 -9.77
CA VAL F 295 16.81 69.37 -7.63
CA THR F 296 15.63 72.10 -10.00
CA THR F 297 14.97 69.74 -12.90
CA PRO F 298 13.09 66.42 -12.91
CA ASP F 299 14.40 63.18 -14.44
CA TYR F 300 11.80 63.56 -17.21
CA GLY F 301 11.81 59.94 -18.25
CA ASN F 302 11.13 59.03 -14.63
CA THR F 303 8.86 61.82 -13.40
CA GLY F 304 6.73 59.41 -11.37
CA THR F 305 7.52 57.68 -8.05
CA TYR F 306 6.02 55.26 -5.56
CA ASN F 307 7.92 56.90 -2.70
CA GLU F 308 5.35 58.51 -0.37
CA GLN F 309 8.22 60.39 1.29
CA LEU F 310 8.06 62.70 -1.71
CA ALA F 311 4.29 63.41 -1.67
CA VAL F 312 2.98 66.53 0.16
CA LEU F 313 -0.46 65.62 1.47
CA ASP F 314 -0.21 64.64 5.16
CA SER F 315 -3.88 64.00 5.89
CA ALA F 316 -7.28 64.65 4.37
CA LYS F 317 -11.02 64.31 4.81
CA ILE F 318 -14.20 65.33 3.01
CA GLN F 319 -17.10 67.15 4.63
CA LEU F 320 -20.79 67.25 3.73
CA ASN F 321 -22.58 70.34 4.96
CA GLY F 322 -19.93 70.87 7.63
CA GLN F 323 -20.36 67.25 8.70
CA ASP F 324 -17.41 64.85 8.39
CA ARG F 325 -18.03 62.29 5.64
CA PHE F 326 -15.31 60.26 7.30
CA ALA F 327 -12.51 60.59 9.84
CA THR F 328 -9.16 62.01 8.75
CA ARG F 329 -6.73 59.63 7.09
CA LYS F 330 -3.12 60.18 5.99
CA GLY F 331 -2.33 60.89 2.36
CA SER F 332 -0.89 57.40 1.97
CA TYR F 333 -4.37 55.96 2.66
CA PHE F 334 -5.94 57.56 -0.41
CA ASN F 335 -2.86 56.60 -2.49
CA LYS F 336 -2.40 53.00 -1.36
CA VAL F 337 -5.53 51.71 0.47
CA GLN F 338 -8.44 53.26 -1.44
CA PRO F 339 -6.93 51.95 -4.72
CA TYR F 340 -5.99 48.54 -3.27
CA GLN F 341 -9.56 48.09 -2.02
CA SER F 342 -11.39 49.24 -5.16
CA ILE F 343 -8.95 49.06 -8.10
CA GLY F 344 -6.31 46.43 -7.44
CA GLY F 345 -3.32 47.96 -9.20
CA VAL F 346 -0.64 50.35 -7.93
CA THR F 347 -0.79 54.13 -8.00
CA PRO F 348 2.33 56.34 -7.93
CA ALA F 349 2.71 58.68 -4.97
CA GLY F 350 0.98 62.01 -5.54
CA VAL F 351 -2.29 60.62 -6.84
CA TYR F 352 -5.22 60.22 -4.46
CA LEU F 353 -8.56 58.53 -4.73
CA TYR F 354 -11.69 58.30 -2.63
CA SER F 355 -14.37 56.05 -4.01
CA PHE F 356 -18.10 56.16 -3.36
CA ALA F 357 -18.35 52.91 -5.35
CA LEU F 358 -17.39 49.29 -4.73
CA LYS F 359 -15.82 49.04 -8.21
CA PRO F 360 -14.93 52.54 -9.54
CA ALA F 361 -13.28 51.09 -12.63
CA GLY F 362 -16.46 49.22 -13.53
CA ARG F 363 -19.01 50.64 -15.96
CA GLN F 364 -22.00 49.19 -14.08
CA PRO F 365 -22.93 51.39 -11.06
CA SER F 366 -21.95 50.07 -7.64
CA GLY F 367 -21.98 52.97 -5.24
CA THR F 368 -22.63 56.64 -5.85
CA CYS F 369 -23.02 59.99 -4.09
CA ASN F 370 -25.33 62.71 -5.36
CA PHE F 371 -23.55 66.07 -5.31
CA SER F 372 -26.62 67.71 -6.81
CA ARG F 373 -28.01 67.33 -3.32
CA ILE F 374 -25.03 68.40 -1.18
CA ASP F 375 -25.24 72.14 -0.66
CA ASN F 376 -21.68 72.18 0.68
CA ALA F 377 -18.94 69.72 -0.27
CA THR F 378 -15.45 70.54 1.00
CA LEU F 379 -12.04 68.86 0.92
CA SER F 380 -10.05 69.57 4.09
CA LEU F 381 -6.32 69.29 3.38
CA THR F 382 -3.33 69.40 5.71
CA TYR F 383 0.13 69.33 4.22
CA LYS F 384 3.39 67.91 5.59
CA THR F 385 6.10 70.30 6.72
CA CYS F 386 8.51 70.51 3.79
CA SER F 387 11.67 70.66 5.88
CA ILE F 388 13.77 67.85 4.39
CA ASP F 389 16.83 68.98 2.45
CA ALA F 390 15.98 67.82 -1.08
CA THR F 391 19.64 67.67 -2.17
CA SER F 392 20.57 65.18 0.56
CA PRO F 393 20.05 61.42 -0.09
CA ALA F 394 20.63 60.53 3.57
CA ALA F 395 17.92 62.96 4.67
CA VAL F 396 15.27 61.98 2.09
CA LEU F 397 15.77 58.22 2.53
CA GLY F 398 15.83 58.30 6.33
CA ASN F 399 12.99 60.53 7.50
CA THR F 400 9.65 60.89 9.30
CA GLU F 401 6.06 60.42 8.05
CA THR F 402 5.00 64.05 8.47
CA VAL F 403 7.69 65.80 6.42
CA THR F 404 8.78 66.05 2.77
CA ALA F 405 11.54 67.83 0.89
CA ASN F 406 11.39 71.65 0.65
CA THR F 407 11.09 71.05 -3.06
CA ALA F 408 7.43 70.30 -2.26
CA THR F 409 6.63 74.04 -2.34
CA LEU F 410 6.41 73.94 -6.13
CA LEU F 411 3.47 71.52 -6.12
CA THR F 412 0.85 74.29 -6.17
CA ALA F 413 -1.64 73.12 -8.78
CA LEU F 414 -4.40 71.17 -7.02
CA ASN F 415 -6.39 69.20 -9.58
CA ILE F 416 -9.58 67.60 -8.31
CA TYR F 417 -11.62 65.29 -10.54
CA ALA F 418 -15.04 63.74 -10.09
CA LYS F 419 -16.48 61.08 -12.39
CA ASN F 420 -20.26 61.01 -12.50
CA TYR F 421 -23.19 59.26 -14.12
CA ASN F 422 -25.78 60.89 -16.35
CA VAL F 423 -28.38 59.75 -18.86
CA LEU F 424 -28.19 60.29 -22.61
CA ARG F 425 -31.65 59.96 -24.19
CA ILE F 426 -31.84 59.53 -27.98
CA MET F 427 -35.01 59.74 -30.02
CA SER F 428 -36.48 61.22 -33.19
CA GLY F 429 -33.05 61.74 -34.69
CA MET F 430 -31.47 63.64 -31.84
CA GLY F 431 -30.01 63.23 -28.36
CA GLY F 432 -29.50 65.13 -25.14
CA LEU F 433 -28.43 64.70 -21.55
CA ALA F 434 -31.21 64.08 -19.04
CA TYR F 435 -29.51 66.16 -16.36
CA ALA F 436 -27.61 69.45 -16.44
CA ASN F 437 -25.20 70.94 -13.87
CA THR G 25 -26.18 42.08 -28.34
CA PHE G 26 -22.88 43.66 -27.29
CA PHE G 27 -24.01 47.18 -28.10
CA LYS G 28 -26.86 47.90 -25.69
CA THR G 29 -25.94 46.89 -22.17
CA VAL G 30 -28.72 47.24 -19.60
CA TYR G 31 -26.98 47.83 -16.26
CA ARG G 32 -28.68 46.67 -13.10
CA ARG G 33 -30.21 48.76 -10.34
CA TYR G 34 -28.94 48.13 -6.83
CA THR G 35 -29.78 48.77 -3.19
CA ASN G 36 -28.96 52.29 -1.97
CA PHE G 37 -26.06 52.35 0.48
CA ALA G 38 -23.14 54.33 1.88
CA ILE G 39 -19.70 53.36 3.15
CA GLU G 40 -17.50 54.76 5.88
CA SER G 41 -14.24 53.66 7.48
CA ILE G 42 -14.38 54.18 11.23
CA GLN G 43 -11.51 53.71 13.66
CA GLN G 44 -11.73 50.99 16.29
CA THR G 45 -10.85 51.16 19.97
CA ILE G 46 -7.81 49.01 20.55
CA ASN G 47 -7.88 47.21 23.90
CA GLY G 48 -4.66 46.54 25.79
CA SER G 49 -1.16 47.91 25.53
CA VAL G 50 0.31 47.99 22.01
CA GLY G 51 3.87 46.70 21.80
CA PHE G 52 6.12 43.91 20.57
CA GLY G 53 5.01 40.62 22.12
CA ASN G 54 1.72 41.96 23.41
CA LYS G 55 -1.76 40.57 22.84
CA VAL G 56 -4.39 43.17 22.02
CA SER G 57 -8.07 42.97 21.08
CA THR G 58 -11.00 44.97 19.74
CA GLN G 59 -14.78 44.65 19.91
CA ILE G 60 -16.18 46.06 16.66
CA SER G 61 -18.42 49.01 17.49
CA ARG G 62 -21.95 49.06 16.10
CA ASN G 63 -21.72 52.19 13.96
CA GLY G 64 -22.83 50.76 10.67
CA ASP G 65 -25.22 48.06 9.53
CA LEU G 66 -22.67 45.81 7.80
CA ILE G 67 -18.88 45.54 7.90
CA THR G 68 -16.52 44.61 5.11
CA ASP G 69 -12.89 45.73 4.95
CA ILE G 70 -10.69 45.98 8.04
CA VAL G 71 -7.23 47.55 7.89
CA VAL G 72 -4.62 47.50 10.62
CA GLU G 73 -2.33 50.55 10.56
CA PHE G 74 1.20 50.43 11.91
CA VAL G 75 3.93 53.05 12.15
CA LEU G 76 7.45 51.65 12.37
CA THR G 77 11.01 52.97 12.05
CA LYS G 78 13.82 51.15 10.21
CA GLY G 79 16.81 50.00 12.24
CA GLY G 80 18.94 49.19 9.21
CA ASN G 81 19.66 50.34 5.68
CA GLY G 82 18.57 48.97 2.29
CA GLY G 83 17.34 45.40 1.88
CA THR G 84 17.27 44.91 5.64
CA THR G 85 13.50 44.55 5.87
CA TYR G 86 11.01 41.98 4.54
CA TYR G 87 7.29 42.56 5.02
CA PRO G 88 7.70 43.92 8.60
CA ALA G 89 4.08 45.04 8.97
CA GLU G 90 2.91 41.64 7.80
CA GLU G 91 5.19 39.83 10.27
CA LEU G 92 4.18 42.13 13.15
CA LEU G 93 0.64 40.72 12.86
CA GLN G 94 1.62 37.27 14.11
CA ASP G 95 -2.05 36.20 14.16
CA VAL G 96 -5.62 37.52 14.07
CA GLU G 97 -8.67 35.75 15.46
CA LEU G 98 -12.26 36.57 14.51
CA GLU G 99 -14.77 35.79 17.24
CA ILE G 100 -18.57 36.19 17.15
CA GLY G 101 -20.70 35.75 20.28
CA GLY G 102 -17.71 34.24 22.05
CA GLN G 103 -17.36 31.64 19.29
CA ARG G 104 -14.30 31.61 17.06
CA ILE G 105 -15.08 31.88 13.34
CA ASP G 106 -11.57 31.97 11.88
CA LYS G 107 -7.94 32.74 12.75
CA HIS G 108 -5.04 33.78 10.52
CA TYR G 109 -1.28 33.74 10.99
CA ASN G 110 1.92 35.42 9.87
CA ASP G 111 2.95 32.68 7.53
CA TRP G 112 -0.56 32.45 6.09
CA PHE G 113 -0.54 36.07 4.93
CA ARG G 114 2.89 35.36 3.41
CA THR G 115 1.66 32.17 1.74
CA TYR G 116 -1.53 33.87 0.60
CA ASP G 117 0.44 36.69 -1.00
CA ALA G 118 2.80 34.25 -2.73
CA LEU G 119 -0.10 32.24 -4.11
CA PHE G 120 -3.15 34.51 -4.57
CA ARG G 121 -1.92 38.07 -5.02
CA MET G 122 -0.24 39.10 -8.26
CA ASN G 123 1.11 41.80 -10.52
CA ASP G 124 0.75 45.47 -9.45
CA ASP G 125 -1.72 44.50 -6.72
CA ARG G 126 0.97 42.35 -5.13
CA TYR G 127 3.48 45.17 -5.45
CA ASN G 128 1.03 47.64 -3.92
CA TYR G 129 0.60 45.18 -1.05
CA ARG G 130 4.34 45.26 -0.38
CA ARG G 131 4.29 49.07 -0.39
CA MET G 132 1.62 48.80 2.30
CA THR G 133 3.60 46.16 4.16
CA ASP G 134 7.17 47.51 4.11
CA TRP G 135 9.89 49.82 2.88
CA VAL G 136 10.32 49.50 -0.88
CA ASN G 137 12.45 52.57 -1.72
CA ASN G 138 15.84 51.67 -0.22
CA GLU G 139 15.20 53.57 3.00
CA LEU G 140 18.00 53.89 5.55
CA VAL G 141 18.17 53.72 9.34
CA GLY G 142 15.66 55.95 11.07
CA ALA G 143 13.13 56.02 8.23
CA GLN G 144 9.56 56.03 9.64
CA LYS G 145 6.66 54.68 7.56
CA ARG G 146 2.88 54.16 7.75
CA PHE G 147 1.88 50.54 7.13
CA TYR G 148 -1.53 49.15 6.23
CA VAL G 149 -2.17 45.44 6.66
CA PRO G 150 -5.51 44.38 5.09
CA LEU G 151 -7.25 41.40 6.74
CA ILE G 152 -8.51 38.53 4.60
CA PHE G 153 -11.49 37.02 6.45
CA PHE G 154 -14.58 35.95 4.48
CA PHE G 155 -16.35 39.29 4.92
CA ASN G 156 -13.13 41.19 4.05
CA GLN G 157 -12.85 39.53 0.63
CA THR G 158 -16.34 40.14 -0.78
CA PRO G 159 -19.01 42.74 -0.14
CA GLY G 160 -21.41 39.87 -0.86
CA LEU G 161 -20.41 38.24 2.41
CA ALA G 162 -20.59 41.49 4.39
CA LEU G 163 -21.06 40.59 8.08
CA PRO G 164 -24.50 41.98 9.15
CA LEU G 165 -24.00 43.72 12.51
CA ILE G 166 -27.68 44.69 12.65
CA ALA G 167 -28.49 40.99 12.55
CA LEU G 168 -26.09 40.21 15.41
CA GLN G 169 -27.73 42.44 18.01
CA TYR G 170 -26.80 39.96 20.75
CA HIS G 171 -23.47 38.65 19.47
CA GLU G 172 -20.30 40.66 19.99
CA VAL G 173 -17.81 40.65 17.14
CA LYS G 174 -14.21 40.72 18.34
CA LEU G 175 -10.69 40.53 16.95
CA TYR G 176 -7.66 39.22 18.82
CA PHE G 177 -4.19 40.25 17.64
CA THR G 178 -0.82 38.94 18.82
CA LEU G 179 2.10 41.15 17.81
CA ALA G 180 5.42 39.55 16.91
CA SER G 181 8.14 40.11 19.49
CA GLN G 182 11.07 40.34 17.07
CA VAL G 183 10.78 41.87 13.63
CA GLN G 184 13.91 41.91 11.46
CA GLY G 185 15.18 45.32 10.39
CA VAL G 186 12.94 47.06 12.92
CA ASN G 187 13.14 45.41 16.33
CA TYR G 188 16.24 43.25 15.91
CA ASN G 189 18.98 42.54 13.37
CA GLY G 190 19.26 38.78 13.42
CA SER G 191 19.34 37.66 17.05
CA SER G 192 20.74 41.04 18.19
CA ALA G 193 18.29 43.62 19.47
CA ILE G 194 18.54 47.09 17.92
CA ALA G 195 19.04 49.72 20.62
CA GLY G 196 16.65 52.66 20.70
CA ALA G 197 14.21 50.61 18.62
CA ALA G 198 10.85 52.35 18.92
CA GLN G 199 7.73 50.41 19.85
CA PRO G 200 4.99 49.99 17.24
CA THR G 201 1.97 52.30 16.95
CA MET G 202 -1.23 50.50 16.02
CA SER G 203 -4.63 51.54 14.68
CA VAL G 204 -7.62 49.42 13.60
CA TRP G 205 -10.06 50.64 10.95
CA VAL G 206 -13.34 49.03 9.86
CA ASP G 207 -15.47 49.81 6.79
CA TYR G 208 -19.20 50.06 7.49
CA ILE G 209 -22.08 49.86 5.05
CA PHE G 210 -25.12 51.95 5.89
CA LEU G 211 -28.22 50.46 4.29
CA ASP G 212 -31.54 51.94 3.31
CA THR G 213 -34.72 51.37 5.36
CA GLN G 214 -36.06 48.72 3.01
CA GLU G 215 -33.07 46.38 3.19
CA ARG G 216 -32.32 47.27 6.83
CA THR G 217 -35.66 45.83 7.90
CA ARG G 218 -34.96 42.64 6.01
CA PHE G 219 -31.45 42.21 7.42
CA ALA G 220 -32.95 42.63 10.86
CA GLN G 221 -36.06 40.52 10.30
CA LEU G 222 -35.06 37.45 8.30
CA PRO G 223 -32.72 34.50 9.04
CA HIS G 224 -29.40 34.52 7.15
CA GLU G 225 -27.09 31.79 5.90
CA TYR G 226 -23.66 32.72 4.61
CA LEU G 227 -21.37 30.28 2.87
CA ILE G 228 -17.98 31.38 4.19
CA GLU G 229 -14.42 30.13 4.13
CA GLN G 230 -11.99 29.28 6.91
CA LEU G 231 -8.32 28.58 7.31
CA GLN G 232 -6.87 25.44 8.89
CA PHE G 233 -3.28 24.96 10.06
CA THR G 234 -0.73 22.92 12.11
CA GLY G 235 3.10 23.21 12.40
CA SER G 236 5.22 20.17 11.38
CA GLU G 237 8.96 19.41 11.36
CA THR G 238 10.75 18.75 8.06
CA ALA G 239 13.71 16.38 7.83
CA THR G 240 15.72 17.00 4.64
CA PRO G 241 18.63 14.57 3.76
CA SER G 242 21.94 16.25 4.32
CA ALA G 243 23.36 14.18 1.46
CA THR G 244 23.97 10.69 0.07
CA THR G 245 20.25 10.24 0.72
CA GLN G 246 16.81 11.60 -0.15
CA ALA G 247 14.74 11.68 3.04
CA SER G 248 10.98 11.15 3.04
CA GLN G 249 7.96 11.57 5.29
CA ASN G 250 4.22 11.06 5.57
CA ILE G 251 2.50 13.94 7.32
CA ARG G 252 -0.90 12.72 8.48
CA LEU G 253 -3.16 15.69 7.66
CA ASN G 254 -5.85 16.56 10.21
CA PHE G 255 -8.35 18.66 8.27
CA ASN G 256 -12.14 18.72 7.97
CA HIS G 257 -15.09 20.10 5.98
CA PRO G 258 -15.32 20.66 2.18
CA THR G 259 -11.80 21.85 1.27
CA LYS G 260 -10.95 24.01 -1.80
CA TYR G 261 -7.21 23.46 -1.68
CA LEU G 262 -4.08 22.74 0.32
CA ALA G 263 -1.11 25.11 0.49
CA TRP G 264 2.20 24.34 2.15
CA ASN G 265 5.78 25.53 2.54
CA PHE G 266 9.02 24.46 4.22
CA ASN G 267 10.42 27.40 6.17
CA ASN G 268 13.56 28.22 8.16
CA PRO G 269 12.10 29.39 11.51
CA THR G 270 15.05 31.76 12.01
CA ASN G 271 14.10 33.83 8.96
CA TYR G 272 10.53 35.02 8.41
CA GLY G 273 9.49 34.21 4.85
CA GLN G 274 12.50 32.03 4.02
CA TYR G 275 11.02 29.13 2.10
CA THR G 276 14.17 28.54 0.05
CA ALA G 277 17.79 27.53 0.79
CA LEU G 278 20.33 30.33 1.17
CA ALA G 279 23.06 30.32 -1.48
CA ASN G 280 26.01 32.31 -2.75
CA ILE G 281 23.90 33.63 -5.61
CA PRO G 282 22.85 37.27 -6.11
CA GLY G 283 19.80 37.85 -3.92
CA ALA G 284 20.12 34.42 -2.31
CA CYS G 285 22.19 35.46 0.73
CA SER G 286 23.75 38.40 2.54
CA GLY G 287 26.61 39.83 0.49
CA ALA G 288 26.03 37.22 -2.21
CA GLY G 289 28.34 37.46 -5.20
CA THR G 290 31.06 39.16 -3.22
CA ALA G 291 33.85 38.67 -0.66
CA ALA G 292 31.37 39.45 2.12
CA ALA G 293 29.06 36.65 0.98
CA THR G 294 27.59 34.64 3.87
CA VAL G 295 25.29 31.65 3.31
CA THR G 296 24.41 32.01 7.00
CA THR G 297 22.31 35.16 6.51
CA PRO G 298 19.59 35.86 3.93
CA ASP G 299 19.42 38.96 1.72
CA TYR G 300 16.43 40.12 3.78
CA GLY G 301 15.08 42.51 1.19
CA ASN G 302 15.14 39.65 -1.30
CA THR G 303 14.22 36.60 0.80
CA GLY G 304 12.08 35.14 -1.99
CA THR G 305 13.17 33.41 -5.22
CA TYR G 306 11.73 31.81 -8.34
CA ASN G 307 14.71 29.48 -8.62
CA GLU G 308 13.46 25.91 -8.04
CA GLN G 309 17.09 24.82 -7.65
CA LEU G 310 16.84 26.27 -4.15
CA ALA G 311 13.60 24.53 -3.05
CA VAL G 312 13.82 21.21 -1.11
CA LEU G 313 10.74 19.23 -2.08
CA ASP G 314 11.66 16.68 -4.77
CA SER G 315 8.29 14.96 -5.20
CA ALA G 316 4.97 14.67 -3.42
CA LYS G 317 1.54 13.04 -3.43
CA ILE G 318 -1.54 12.91 -1.22
CA GLN G 319 -3.23 9.73 -0.07
CA LEU G 320 -6.82 9.05 0.96
CA ASN G 321 -7.21 6.06 3.24
CA GLY G 322 -3.91 4.62 2.00
CA GLN G 323 -5.10 5.08 -1.56
CA ASP G 324 -3.20 7.46 -3.87
CA ARG G 325 -5.27 10.58 -4.61
CA PHE G 326 -2.94 11.08 -7.54
CA ALA G 327 0.40 9.88 -8.91
CA THR G 328 3.62 11.45 -7.61
CA ARG G 329 4.69 14.74 -9.15
CA LYS G 330 7.88 16.77 -8.62
CA GLY G 331 7.85 19.76 -6.31
CA SER G 332 8.03 22.09 -9.31
CA TYR G 333 4.59 20.83 -10.42
CA PHE G 334 2.80 22.11 -7.30
CA ASN G 335 4.79 25.37 -7.51
CA LYS G 336 4.44 26.13 -11.22
CA VAL G 337 1.68 23.98 -12.81
CA GLN G 338 -1.04 23.82 -10.13
CA PRO G 339 -0.92 27.65 -9.84
CA TYR G 340 -0.69 28.24 -13.61
CA GLN G 341 -3.78 26.05 -14.12
CA SER G 342 -5.93 27.48 -11.32
CA ILE G 343 -4.52 30.89 -10.35
CA GLY G 344 -2.71 32.44 -13.30
CA GLY G 345 0.02 34.38 -11.51
CA VAL G 346 3.52 33.34 -10.46
CA THR G 347 4.49 31.75 -7.16
CA PRO G 348 8.03 31.93 -5.74
CA ALA G 349 9.86 28.65 -5.25
CA GLY G 350 9.13 27.07 -1.88
CA VAL G 351 5.37 27.50 -1.97
CA TYR G 352 3.20 24.60 -3.11
CA LEU G 353 -0.45 24.28 -3.97
CA TYR G 354 -2.82 21.47 -4.79
CA SER G 355 -6.32 22.55 -5.67
CA PHE G 356 -9.54 20.56 -5.39
CA ALA G 357 -11.26 23.49 -7.15
CA LEU G 358 -11.31 24.85 -10.68
CA LYS G 359 -10.87 28.42 -9.38
CA PRO G 360 -9.35 28.37 -5.84
CA ALA G 361 -9.09 32.16 -5.78
CA GLY G 362 -12.80 32.50 -6.50
CA ARG G 363 -15.36 32.95 -3.73
CA GLN G 364 -18.02 30.88 -5.50
CA PRO G 365 -17.43 27.12 -4.98
CA SER G 366 -16.02 25.22 -7.96
CA GLY G 367 -14.55 22.01 -6.67
CA THR G 368 -14.22 20.71 -3.12
CA CYS G 369 -13.10 17.72 -1.08
CA ASN G 370 -14.74 16.76 2.21
CA PHE G 371 -12.09 15.97 4.81
CA SER G 372 -14.81 15.36 7.39
CA ARG G 373 -15.27 12.11 5.51
CA ILE G 374 -11.66 11.03 4.96
CA ASP G 375 -10.59 8.94 7.93
CA ASN G 376 -6.97 9.16 6.83
CA ALA G 377 -5.44 12.00 4.83
CA THR G 378 -1.65 11.93 4.40
CA LEU G 379 0.95 13.96 2.55
CA SER G 380 3.81 11.80 1.30
CA LEU G 381 6.97 13.90 0.92
CA THR G 382 10.35 13.05 -0.55
CA TYR G 383 13.13 15.62 -0.35
CA LYS G 384 16.04 16.30 -2.68
CA THR G 385 19.54 15.37 -1.57
CA CYS G 386 21.04 18.62 -0.25
CA SER G 387 24.54 18.01 -1.60
CA ILE G 388 25.23 21.20 -3.55
CA ASP G 389 27.85 23.50 -2.04
CA ALA G 390 25.80 26.58 -1.16
CA THR G 391 28.82 28.91 -1.24
CA SER G 392 29.65 28.05 -4.86
CA PRO G 393 27.88 29.97 -7.68
CA ALA G 394 29.11 27.54 -10.35
CA ALA G 395 27.64 24.59 -8.44
CA VAL G 396 24.24 26.13 -7.64
CA LEU G 397 23.69 27.55 -11.15
CA GLY G 398 24.78 24.40 -12.98
CA ASN G 399 23.14 21.43 -11.26
CA THR G 400 20.67 18.53 -11.40
CA GLU G 401 16.91 18.42 -10.68
CA THR G 402 17.13 16.14 -7.64
CA VAL G 403 19.57 18.11 -5.49
CA THR G 404 19.68 21.44 -3.61
CA ALA G 405 22.25 23.29 -1.53
CA ASN G 406 23.19 21.81 1.89
CA THR G 407 21.76 25.02 3.27
CA ALA G 408 18.39 23.29 2.73
CA THR G 409 18.75 21.49 6.07
CA LEU G 410 17.52 24.59 7.90
CA LEU G 411 14.10 24.49 6.23
CA THR G 412 12.51 22.39 8.99
CA ALA G 413 9.19 24.10 9.61
CA LEU G 414 6.54 22.42 7.44
CA ASN G 415 3.45 24.62 7.29
CA ILE G 416 0.38 23.05 5.72
CA TYR G 417 -2.76 25.09 5.13
CA ALA G 418 -6.26 24.10 4.04
CA LYS G 419 -8.98 26.57 3.11
CA ASN G 420 -12.48 25.26 3.61
CA TYR G 421 -16.12 26.24 3.31
CA ASN G 422 -18.60 26.42 6.17
CA VAL G 423 -21.99 28.01 6.80
CA LEU G 424 -22.65 30.95 9.09
CA ARG G 425 -26.33 31.10 10.07
CA ILE G 426 -27.65 34.34 11.60
CA MET G 427 -31.03 34.74 13.23
CA SER G 428 -32.78 36.18 16.27
CA GLY G 429 -29.87 38.50 17.00
CA MET G 430 -27.10 35.94 17.00
CA GLY G 431 -24.96 33.79 14.72
CA GLY G 432 -23.07 30.52 14.68
CA LEU G 433 -21.27 28.13 12.39
CA ALA G 434 -23.34 25.27 10.97
CA TYR G 435 -20.45 22.82 11.20
CA ALA G 436 -17.74 22.23 13.79
CA ASN G 437 -14.41 20.38 13.47
CA THR H 25 -29.65 -34.43 13.90
CA PHE H 26 -26.17 -35.91 13.39
CA PHE H 27 -27.34 -39.48 13.90
CA LYS H 28 -29.70 -40.17 11.01
CA THR H 29 -28.20 -39.03 7.73
CA VAL H 30 -30.48 -39.36 4.69
CA TYR H 31 -28.17 -39.81 1.71
CA ARG H 32 -29.32 -38.57 -1.68
CA ARG H 33 -30.31 -40.61 -4.71
CA TYR H 34 -28.46 -39.83 -7.93
CA THR H 35 -28.63 -40.38 -11.67
CA ASN H 36 -27.51 -43.84 -12.84
CA PHE H 37 -24.23 -43.76 -14.74
CA ALA H 38 -21.05 -45.63 -15.67
CA ILE H 39 -17.47 -44.55 -16.28
CA GLU H 40 -14.79 -45.82 -18.62
CA SER H 41 -11.34 -44.60 -19.59
CA ILE H 42 -10.81 -44.98 -23.33
CA GLN H 43 -7.56 -44.39 -25.20
CA GLN H 44 -7.40 -41.59 -27.75
CA THR H 45 -5.89 -41.61 -31.22
CA ILE H 46 -2.84 -39.39 -31.19
CA ASN H 47 -2.38 -37.48 -34.46
CA GLY H 48 1.10 -36.68 -35.73
CA SER H 49 4.55 -37.99 -34.90
CA VAL H 50 5.38 -38.14 -31.18
CA GLY H 51 8.81 -36.78 -30.32
CA PHE H 52 10.74 -33.99 -28.63
CA GLY H 53 9.82 -30.68 -30.26
CA ASN H 54 6.84 -32.04 -32.13
CA LYS H 55 3.29 -30.75 -32.15
CA VAL H 56 0.62 -33.42 -31.88
CA SER H 57 -3.17 -33.33 -31.59
CA THR H 58 -6.24 -35.44 -30.85
CA GLN H 59 -9.93 -35.20 -31.66
CA ILE H 60 -11.84 -36.73 -28.75
CA SER H 61 -13.83 -39.70 -30.04
CA ARG H 62 -17.54 -39.88 -29.30
CA ASN H 63 -17.61 -43.07 -27.25
CA GLY H 64 -19.32 -41.77 -24.15
CA ASP H 65 -21.93 -39.15 -23.37
CA LEU H 66 -19.78 -36.92 -21.17
CA ILE H 67 -16.06 -36.56 -20.59
CA THR H 68 -14.24 -35.67 -17.40
CA ASP H 69 -10.66 -36.72 -16.63
CA ILE H 70 -7.94 -36.82 -19.30
CA VAL H 71 -4.52 -38.33 -18.60
CA VAL H 72 -1.48 -38.14 -20.82
CA GLU H 73 0.85 -41.13 -20.45
CA PHE H 74 4.55 -40.89 -21.16
CA VAL H 75 7.35 -43.45 -20.98
CA LEU H 76 10.80 -41.97 -20.55
CA THR H 77 14.29 -43.22 -19.65
CA LYS H 78 16.70 -41.40 -17.28
CA GLY H 79 19.96 -40.12 -18.73
CA GLY H 80 21.51 -39.38 -15.36
CA ASN H 81 21.63 -40.62 -11.77
CA GLY H 82 19.93 -39.37 -8.61
CA GLY H 83 18.56 -35.86 -8.31
CA THR H 84 19.12 -35.25 -12.00
CA THR H 85 15.45 -34.95 -12.88
CA TYR H 86 12.69 -32.50 -11.95
CA TYR H 87 9.12 -33.13 -13.09
CA PRO H 88 10.20 -34.36 -16.57
CA ALA H 89 6.72 -35.55 -17.61
CA GLU H 90 5.28 -32.21 -16.55
CA GLU H 91 7.90 -30.27 -18.53
CA LEU H 92 7.47 -32.49 -21.62
CA LEU H 93 3.91 -31.17 -21.90
CA GLN H 94 5.00 -27.65 -22.87
CA ASP H 95 1.37 -26.67 -23.53
CA VAL H 96 -2.12 -28.07 -24.10
CA GLU H 97 -4.93 -26.32 -25.95
CA LEU H 98 -8.61 -27.24 -25.68
CA GLU H 99 -10.63 -26.43 -28.78
CA ILE H 100 -14.37 -26.91 -29.38
CA GLY H 101 -15.92 -26.42 -32.81
CA GLY H 102 -12.71 -24.78 -33.99
CA GLN H 103 -12.93 -22.27 -31.14
CA ARG H 104 -10.30 -22.25 -28.41
CA ILE H 105 -11.72 -22.65 -24.89
CA ASP H 106 -8.51 -22.71 -22.85
CA LYS H 107 -4.77 -23.38 -23.07
CA HIS H 108 -2.27 -24.43 -20.40
CA TYR H 109 1.51 -24.31 -20.21
CA ASN H 110 4.51 -25.95 -18.60
CA ASP H 111 5.05 -23.25 -16.03
CA TRP H 112 1.32 -23.16 -15.22
CA PHE H 113 1.24 -26.81 -14.17
CA ARG H 114 4.33 -26.08 -12.06
CA THR H 115 2.74 -22.97 -10.54
CA TYR H 116 -0.55 -24.77 -10.03
CA ASP H 117 1.19 -27.60 -8.19
CA ALA H 118 3.14 -25.16 -6.01
CA LEU H 119 -0.01 -23.27 -5.10
CA PHE H 120 -3.04 -25.61 -5.24
CA ARG H 121 -1.80 -29.16 -4.69
CA MET H 122 -0.69 -30.26 -1.23
CA ASN H 123 0.32 -33.00 1.15
CA ASP H 124 0.24 -36.64 -0.08
CA ASP H 125 -1.73 -35.64 -3.16
CA ARG H 126 1.13 -33.38 -4.19
CA TYR H 127 3.63 -36.15 -3.52
CA ASN H 128 1.54 -38.63 -5.52
CA TYR H 129 1.56 -36.08 -8.35
CA ARG H 130 5.36 -36.06 -8.37
CA ARG H 131 5.40 -39.86 -8.46
CA MET H 132 3.24 -39.57 -11.57
CA THR H 133 5.44 -36.83 -12.99
CA ASP H 134 8.98 -38.11 -12.35
CA TRP H 135 11.51 -40.39 -10.73
CA VAL H 136 11.27 -40.19 -6.95
CA ASN H 137 13.29 -43.24 -5.83
CA ASN H 138 16.88 -42.23 -6.69
CA GLU H 139 16.86 -44.02 -10.01
CA LEU H 140 20.07 -44.21 -12.05
CA VAL H 141 20.89 -43.90 -15.74
CA GLY H 142 18.79 -46.14 -17.95
CA ALA H 143 15.80 -46.34 -15.60
CA GLN H 144 12.54 -46.38 -17.61
CA LYS H 145 9.27 -45.18 -16.04
CA ARG H 146 5.59 -44.72 -16.88
CA PHE H 147 4.39 -41.14 -16.34
CA TYR H 148 0.85 -39.85 -16.00
CA VAL H 149 0.18 -36.15 -16.43
CA PRO H 150 -3.41 -35.20 -15.45
CA LEU H 151 -4.90 -32.22 -17.29
CA ILE H 152 -6.59 -29.44 -15.32
CA PHE H 153 -9.24 -27.93 -17.63
CA PHE H 154 -12.66 -26.99 -16.20
CA PHE H 155 -14.24 -30.35 -17.03
CA ASN H 156 -11.18 -32.22 -15.67
CA GLN H 157 -11.53 -30.66 -12.21
CA THR H 158 -15.20 -31.39 -11.45
CA PRO H 159 -17.65 -34.03 -12.63
CA GLY H 160 -20.22 -31.23 -12.24
CA LEU H 161 -18.70 -29.48 -15.25
CA ALA H 162 -18.45 -32.65 -17.33
CA LEU H 163 -18.29 -31.65 -21.01
CA PRO H 164 -21.44 -33.09 -22.70
CA LEU H 165 -20.33 -34.70 -25.97
CA ILE H 166 -23.89 -35.74 -26.78
CA ALA H 167 -24.81 -32.06 -26.72
CA LEU H 168 -21.97 -31.14 -29.09
CA GLN H 169 -23.07 -33.32 -31.99
CA TYR H 170 -21.74 -30.74 -34.47
CA HIS H 171 -18.73 -29.39 -32.59
CA GLU H 172 -15.46 -31.33 -32.60
CA VAL H 173 -13.51 -31.35 -29.34
CA LYS H 174 -9.75 -31.30 -29.91
CA LEU H 175 -6.53 -31.08 -27.91
CA TYR H 176 -3.25 -29.66 -29.20
CA PHE H 177 -0.02 -30.65 -27.45
CA THR H 178 3.46 -29.24 -27.98
CA LEU H 179 6.22 -31.40 -26.54
CA ALA H 180 9.30 -29.76 -25.02
CA SER H 181 12.43 -30.19 -27.11
CA GLN H 182 14.90 -30.43 -24.22
CA VAL H 183 14.05 -32.09 -20.92
CA GLN H 184 16.76 -32.13 -18.24
CA GLY H 185 17.90 -35.54 -17.06
CA VAL H 186 16.18 -37.24 -19.99
CA ASN H 187 16.95 -35.48 -23.27
CA TYR H 188 19.86 -33.27 -22.25
CA ASN H 189 22.09 -32.59 -19.24
CA GLY H 190 22.28 -28.83 -19.15
CA SER H 191 22.97 -27.59 -22.67
CA SER H 192 24.62 -30.89 -23.64
CA ALA H 193 22.51 -33.49 -25.41
CA ILE H 194 22.58 -37.00 -23.94
CA ALA H 195 23.61 -39.53 -26.57
CA GLY H 196 21.35 -42.51 -27.16
CA ALA H 197 18.53 -40.58 -25.47
CA ALA H 198 15.32 -42.39 -26.41
CA GLN H 199 12.36 -40.48 -27.82
CA PRO H 200 9.20 -40.20 -25.71
CA THR H 201 6.24 -42.58 -26.03
CA MET H 202 2.87 -40.87 -25.62
CA SER H 203 -0.68 -42.03 -24.94
CA VAL H 204 -3.86 -40.01 -24.33
CA TRP H 205 -6.70 -41.37 -22.18
CA VAL H 206 -10.16 -39.87 -21.65
CA ASP H 207 -12.77 -40.79 -19.02
CA TYR H 208 -16.32 -41.10 -20.37
CA ILE H 209 -19.57 -41.04 -18.46
CA PHE H 210 -22.37 -43.17 -19.88
CA LEU H 211 -25.73 -41.78 -18.82
CA ASP H 212 -29.14 -43.36 -18.47
CA THR H 213 -31.92 -42.80 -21.04
CA GLN H 214 -33.72 -40.25 -18.88
CA GLU H 215 -30.81 -37.85 -18.47
CA ARG H 216 -29.42 -38.60 -21.95
CA THR H 217 -32.56 -37.20 -23.54
CA ARG H 218 -32.28 -34.06 -21.46
CA PHE H 219 -28.59 -33.52 -22.22
CA ALA H 220 -29.46 -33.85 -25.89
CA GLN H 221 -32.66 -31.83 -25.83
CA LEU H 222 -32.12 -28.79 -23.59
CA PRO H 223 -29.76 -25.78 -23.82
CA HIS H 224 -26.82 -25.79 -21.38
CA GLU H 225 -24.84 -23.05 -19.67
CA TYR H 226 -21.66 -23.96 -17.83
CA LEU H 227 -19.78 -21.53 -15.65
CA ILE H 228 -16.19 -22.52 -16.37
CA GLU H 229 -12.72 -21.19 -15.66
CA GLN H 230 -9.87 -20.20 -17.94
CA LEU H 231 -6.20 -19.41 -17.67
CA GLN H 232 -4.58 -16.18 -18.88
CA PHE H 233 -0.85 -15.60 -19.40
CA THR H 234 1.96 -13.43 -20.91
CA GLY H 235 5.79 -13.64 -20.53
CA SER H 236 7.62 -10.59 -19.07
CA GLU H 237 11.27 -9.76 -18.36
CA THR H 238 12.45 -9.16 -14.80
CA ALA H 239 15.26 -6.75 -13.97
CA THR H 240 16.69 -7.43 -10.50
CA PRO H 241 19.33 -4.96 -9.06
CA SER H 242 22.75 -6.55 -9.08
CA ALA H 243 23.59 -4.55 -5.95
CA THR H 244 23.84 -1.09 -4.37
CA THR H 245 20.28 -0.69 -5.66
CA GLN H 246 16.79 -2.16 -5.45
CA ALA H 247 15.30 -2.18 -8.95
CA SER H 248 11.59 -1.73 -9.59
CA GLN H 249 9.02 -2.13 -12.35
CA ASN H 250 5.37 -1.69 -13.27
CA ILE H 251 4.07 -4.55 -15.37
CA ARG H 252 0.89 -3.37 -17.08
CA LEU H 253 -1.39 -6.41 -16.75
CA ASN H 254 -3.58 -7.25 -19.75
CA PHE H 255 -6.33 -9.47 -18.35
CA ASN H 256 -10.11 -9.62 -18.72
CA HIS H 257 -13.32 -11.12 -17.30
CA PRO H 258 -14.20 -11.82 -13.63
CA THR H 259 -10.85 -12.96 -12.14
CA LYS H 260 -10.50 -15.19 -9.04
CA TYR H 261 -6.82 -14.57 -8.48
CA LEU H 262 -3.40 -13.72 -9.88
CA ALA H 263 -0.38 -16.02 -9.60
CA TRP H 264 3.14 -15.13 -10.63
CA ASN H 265 6.76 -16.23 -10.43
CA PHE H 266 10.22 -15.03 -11.47
CA ASN H 267 12.02 -17.87 -13.23
CA ASN H 268 15.47 -18.56 -14.66
CA PRO H 269 14.65 -19.65 -18.25
CA THR H 270 17.71 -21.93 -18.30
CA ASN H 271 16.30 -24.13 -15.52
CA TYR H 272 12.71 -25.40 -15.63
CA GLY H 273 11.05 -24.74 -12.28
CA GLN H 274 13.81 -22.53 -10.88
CA TYR H 275 11.94 -19.72 -9.17
CA THR H 276 14.66 -19.14 -6.59
CA ALA H 277 18.34 -18.02 -6.64
CA LEU H 278 20.97 -20.76 -6.65
CA ALA H 279 23.20 -20.78 -3.57
CA ASN H 280 25.93 -22.75 -1.87
CA ILE H 281 23.39 -24.20 0.54
CA PRO H 282 22.36 -27.88 0.75
CA GLY H 283 19.76 -28.44 -1.95
CA ALA H 284 20.26 -24.97 -3.39
CA CYS H 285 22.86 -25.86 -6.04
CA SER H 286 24.79 -28.70 -7.63
CA GLY H 287 27.29 -30.14 -5.16
CA ALA H 288 26.17 -27.63 -2.52
CA GLY H 289 27.93 -27.92 0.82
CA THR H 290 31.01 -29.51 -0.71
CA ALA H 291 34.18 -28.86 -2.73
CA ALA H 292 32.25 -29.60 -5.92
CA ALA H 293 29.71 -26.89 -5.11
CA THR H 294 28.69 -24.82 -8.16
CA VAL H 295 26.27 -21.90 -7.93
CA THR H 296 26.04 -22.16 -11.73
CA THR H 297 23.98 -25.37 -11.70
CA PRO H 298 20.88 -26.20 -9.66
CA ASP H 299 20.40 -29.38 -7.60
CA TYR H 300 17.84 -30.53 -10.19
CA GLY H 301 16.13 -33.04 -7.95
CA ASN H 302 15.67 -30.27 -5.40
CA THR H 303 15.06 -27.17 -7.54
CA GLY H 304 12.44 -25.84 -5.14
CA THR H 305 12.89 -24.20 -1.71
CA TYR H 306 10.88 -22.72 1.15
CA ASN H 307 13.72 -20.34 2.01
CA GLU H 308 12.49 -16.79 1.32
CA GLN H 309 16.09 -15.60 1.62
CA LEU H 310 16.49 -16.95 -1.92
CA ALA H 311 13.46 -15.24 -3.51
CA VAL H 312 13.92 -11.86 -5.30
CA LEU H 313 10.68 -9.97 -4.83
CA ASP H 314 11.04 -7.49 -1.94
CA SER H 315 7.61 -5.86 -2.06
CA ALA H 316 4.64 -5.58 -4.39
CA LYS H 317 1.22 -4.03 -4.94
CA ILE H 318 -1.42 -3.89 -7.65
CA GLN H 319 -2.97 -0.70 -8.98
CA LEU H 320 -6.34 -0.06 -10.61
CA ASN H 321 -6.42 2.98 -12.84
CA GLY H 322 -3.42 4.45 -11.00
CA GLN H 323 -5.20 3.85 -7.71
CA ASP H 324 -3.67 1.44 -5.18
CA ARG H 325 -5.75 -1.75 -4.90
CA PHE H 326 -3.96 -2.30 -1.61
CA ALA H 327 -0.95 -1.08 0.35
CA THR H 328 2.49 -2.53 -0.41
CA ARG H 329 3.37 -5.85 1.19
CA LYS H 330 6.64 -7.78 1.18
CA GLY H 331 7.11 -10.71 -1.19
CA SER H 332 6.82 -13.13 1.74
CA TYR H 333 3.21 -11.98 2.25
CA PHE H 334 2.03 -13.18 -1.16
CA ASN H 335 4.04 -16.40 -0.71
CA LYS H 336 3.06 -17.30 2.87
CA VAL H 337 0.00 -15.26 4.01
CA GLN H 338 -2.20 -15.06 0.91
CA PRO H 339 -1.93 -18.89 0.52
CA TYR H 340 -2.35 -19.59 4.26
CA GLN H 341 -5.54 -17.48 4.28
CA SER H 342 -7.13 -18.87 1.11
CA ILE H 343 -5.49 -22.22 0.32
CA GLY H 344 -4.18 -23.83 3.48
CA GLY H 345 -1.13 -25.64 2.14
CA VAL H 346 2.48 -24.49 1.76
CA THR H 347 3.96 -22.78 -1.27
CA PRO H 348 7.71 -22.84 -2.06
CA ALA H 349 9.51 -19.50 -2.13
CA GLY H 350 9.33 -17.83 -5.53
CA VAL H 351 5.61 -18.35 -6.10
CA TYR H 352 3.21 -15.53 -5.29
CA LEU H 353 -0.54 -15.32 -5.07
CA TYR H 354 -3.08 -12.58 -4.61
CA SER H 355 -6.66 -13.77 -4.38
CA PHE H 356 -9.83 -11.84 -5.16
CA ALA H 357 -11.76 -14.85 -3.82
CA LEU H 358 -12.38 -16.32 -0.38
CA LYS H 359 -11.63 -19.85 -1.69
CA PRO H 360 -9.52 -19.66 -4.90
CA ALA H 361 -9.14 -23.43 -5.03
CA GLY H 362 -12.92 -23.87 -4.98
CA ARG H 363 -14.95 -24.28 -8.17
CA GLN H 364 -17.93 -22.34 -6.84
CA PRO H 365 -17.35 -18.54 -7.13
CA SER H 366 -16.53 -16.70 -3.90
CA GLY H 367 -14.94 -13.43 -4.82
CA THR H 368 -14.03 -12.02 -8.22
CA CYS H 369 -12.65 -8.92 -9.95
CA ASN H 370 -13.72 -7.90 -13.45
CA PHE H 371 -10.68 -6.97 -15.52
CA SER H 372 -12.93 -6.34 -18.52
CA ARG H 373 -13.79 -3.17 -16.65
CA ILE H 374 -10.36 -2.02 -15.45
CA ASP H 375 -8.84 0.19 -18.13
CA ASN H 376 -5.47 0.01 -16.41
CA ALA H 377 -4.23 -2.86 -14.25
CA THR H 378 -0.58 -2.72 -13.17
CA LEU H 379 1.70 -4.77 -10.94
CA SER H 380 4.25 -2.58 -9.16
CA LEU H 381 7.35 -4.62 -8.29
CA THR H 382 10.40 -3.76 -6.23
CA TYR H 383 13.22 -6.26 -6.01
CA LYS H 384 15.70 -6.95 -3.22
CA THR H 385 19.32 -5.93 -3.68
CA CYS H 386 21.11 -9.08 -4.80
CA SER H 387 24.31 -8.45 -2.86
CA ILE H 388 24.73 -11.69 -0.90
CA ASP H 389 27.64 -13.87 -1.98
CA ALA H 390 25.85 -16.97 -3.30
CA THR H 391 28.88 -19.24 -2.76
CA SER H 392 29.03 -18.48 0.97
CA PRO H 393 26.85 -20.53 3.39
CA ALA H 394 27.53 -18.16 6.29
CA ALA H 395 26.33 -15.18 4.25
CA VAL H 396 23.17 -16.77 2.81
CA LEU H 397 22.05 -18.31 6.13
CA GLY H 398 22.72 -15.19 8.21
CA ASN H 399 21.33 -12.21 6.32
CA THR H 400 18.79 -9.37 6.11
CA GLU H 401 15.22 -9.31 4.75
CA THR H 402 15.91 -6.93 1.85
CA VAL H 403 18.75 -8.78 0.11
CA THR H 404 19.26 -12.04 -1.82
CA ALA H 405 22.20 -13.76 -3.47
CA ASN H 406 23.69 -12.16 -6.62
CA THR H 407 22.61 -15.36 -8.32
CA ALA H 408 19.14 -13.72 -8.32
CA THR H 409 20.04 -11.80 -11.51
CA LEU H 410 19.23 -14.86 -13.62
CA LEU H 411 15.57 -14.88 -12.56
CA THR H 412 14.43 -12.73 -15.50
CA ALA H 413 11.31 -14.50 -16.74
CA LEU H 414 8.29 -12.94 -15.02
CA ASN H 415 5.28 -15.21 -15.48
CA ILE H 416 1.93 -13.76 -14.43
CA TYR H 417 -1.20 -15.88 -14.45
CA ALA H 418 -4.85 -15.00 -13.96
CA LYS H 419 -7.64 -17.55 -13.59
CA ASN H 420 -11.03 -16.30 -14.67
CA TYR H 421 -14.65 -17.37 -15.04
CA ASN H 422 -16.59 -17.51 -18.30
CA VAL H 423 -19.76 -19.14 -19.54
CA LEU H 424 -19.93 -22.02 -22.00
CA ARG H 425 -23.39 -22.22 -23.63
CA ILE H 426 -24.32 -25.43 -25.45
CA MET H 427 -27.36 -25.85 -27.65
CA SER H 428 -28.51 -27.23 -31.00
CA GLY H 429 -25.46 -29.46 -31.28
CA MET H 430 -22.79 -26.84 -30.71
CA GLY H 431 -21.15 -24.71 -28.04
CA GLY H 432 -19.38 -21.41 -27.58
CA LEU H 433 -18.08 -19.07 -24.92
CA ALA H 434 -20.43 -16.31 -23.81
CA TYR H 435 -17.61 -13.79 -23.47
CA ALA H 436 -14.52 -13.05 -25.52
CA ASN H 437 -11.34 -11.14 -24.57
CA THR I 25 -26.89 -35.68 -10.46
CA PHE I 26 -23.12 -35.28 -10.16
CA PHE I 27 -22.73 -33.96 -13.68
CA LYS I 28 -24.58 -30.65 -13.70
CA THR I 29 -23.66 -28.55 -10.69
CA VAL I 30 -25.59 -25.29 -10.31
CA TYR I 31 -23.28 -22.94 -8.42
CA ARG I 32 -24.82 -20.27 -6.21
CA ARG I 33 -24.86 -16.52 -6.74
CA TYR I 34 -23.46 -14.41 -3.93
CA THR I 35 -23.39 -10.84 -2.64
CA ASN I 36 -20.94 -8.54 -4.46
CA PHE I 37 -17.97 -7.56 -2.31
CA ALA I 38 -14.30 -6.58 -2.24
CA ILE I 39 -11.47 -7.22 0.19
CA GLU I 40 -8.50 -5.15 1.25
CA SER I 41 -5.83 -5.53 3.94
CA ILE I 42 -5.17 -2.18 5.59
CA GLN I 43 -2.44 -1.45 8.12
CA GLN I 44 -3.42 -0.46 11.65
CA THR I 45 -2.01 2.30 13.83
CA ILE I 46 -0.14 0.70 16.69
CA ASN I 47 -0.48 2.65 19.95
CA GLY I 48 2.38 2.72 22.44
CA SER I 49 6.05 1.87 22.22
CA VAL I 50 6.85 -1.49 20.62
CA GLY I 51 9.43 -3.53 22.51
CA PHE I 52 10.03 -6.62 24.64
CA GLY I 53 7.85 -6.45 27.74
CA ASN I 54 5.70 -3.61 26.48
CA LYS I 55 1.92 -3.44 26.26
CA VAL I 56 0.59 -1.98 23.03
CA SER I 57 -2.91 -1.52 21.62
CA THR I 58 -4.86 -0.64 18.48
CA GLN I 59 -8.32 0.71 17.75
CA ILE I 60 -9.46 -0.80 14.44
CA SER I 61 -10.04 2.02 11.97
CA ARG I 62 -13.36 2.19 10.15
CA ASN I 63 -12.13 1.79 6.58
CA GLY I 64 -14.24 -1.16 5.54
CA ASP I 65 -17.70 -2.45 6.33
CA LEU I 66 -16.66 -5.79 7.84
CA ILE I 67 -13.42 -7.20 9.17
CA THR I 68 -12.14 -10.74 9.02
CA ASP I 69 -8.45 -11.68 9.08
CA ILE I 70 -5.92 -9.84 11.24
CA VAL I 71 -2.18 -10.49 10.92
CA VAL I 72 0.53 -9.23 13.22
CA GLU I 73 3.87 -8.72 11.46
CA PHE I 74 7.16 -8.94 13.32
CA VAL I 75 10.75 -8.54 12.18
CA LEU I 76 13.31 -10.26 14.40
CA THR I 77 16.99 -11.21 14.19
CA LYS I 78 18.43 -14.55 15.38
CA GLY I 79 20.89 -14.50 18.26
CA GLY I 80 21.99 -18.10 17.80
CA ASN I 81 22.59 -20.72 15.13
CA GLY I 82 20.51 -23.71 14.01
CA GLY I 83 17.81 -25.22 16.20
CA THR I 84 18.10 -22.35 18.66
CA THR I 85 14.64 -20.96 18.01
CA TYR I 86 11.11 -22.31 18.55
CA TYR I 87 8.11 -20.32 17.31
CA PRO I 88 9.62 -16.93 18.38
CA ALA I 89 6.94 -14.81 16.68
CA GLU I 90 4.25 -16.90 18.34
CA GLU I 91 5.86 -16.53 21.78
CA LEU I 92 6.41 -12.78 21.32
CA LEU I 93 2.61 -12.38 21.24
CA GLN I 94 2.17 -13.27 24.92
CA ASP I 95 -1.55 -12.40 24.73
CA VAL I 96 -4.15 -10.59 22.64
CA GLU I 97 -7.42 -9.16 23.93
CA LEU I 98 -10.39 -8.26 21.73
CA GLU I 99 -12.55 -5.49 23.16
CA ILE I 100 -15.77 -4.01 21.72
CA GLY I 101 -17.37 -0.90 23.21
CA GLY I 102 -15.10 -1.21 26.23
CA GLN I 103 -16.34 -4.77 26.81
CA ARG I 104 -13.97 -7.70 26.45
CA ILE I 105 -15.12 -10.34 23.93
CA ASP I 106 -12.17 -12.74 24.06
CA LYS I 107 -8.49 -13.00 24.97
CA HIS I 108 -5.79 -15.39 23.73
CA TYR I 109 -2.40 -16.37 25.09
CA ASN I 110 1.00 -17.67 24.07
CA ASP I 111 0.38 -21.20 25.19
CA TRP I 112 -3.07 -21.21 23.55
CA PHE I 113 -1.66 -20.53 20.10
CA ARG I 114 0.85 -23.31 20.77
CA THR I 115 -1.88 -25.68 21.99
CA TYR I 116 -4.15 -24.69 19.11
CA ASP I 117 -1.42 -25.43 16.58
CA ALA I 118 -0.64 -28.80 18.20
CA LEU I 119 -4.30 -29.78 18.15
CA PHE I 120 -6.09 -28.03 15.27
CA ARG I 121 -3.53 -27.23 12.60
CA MET I 122 -2.08 -30.01 10.44
CA ASN I 123 -0.06 -31.11 7.47
CA ASP I 124 1.37 -28.44 5.10
CA ASP I 125 -0.83 -25.77 6.69
CA ARG I 126 0.87 -26.42 10.02
CA TYR I 127 4.28 -26.31 8.36
CA ASN I 128 3.40 -23.06 6.58
CA TYR I 129 2.39 -21.67 9.99
CA ARG I 130 5.85 -22.44 11.36
CA ARG I 131 7.45 -20.72 8.37
CA MET I 132 5.37 -17.67 9.32
CA THR I 133 6.27 -18.06 12.99
CA ASP I 134 10.02 -18.77 12.91
CA TRP I 135 13.24 -19.71 11.20
CA VAL I 136 12.92 -23.07 9.47
CA ASN I 137 16.01 -23.13 7.22
CA ASN I 138 18.86 -23.54 9.71
CA GLU I 139 19.61 -19.83 9.86
CA LEU I 140 22.63 -18.61 11.82
CA VAL I 141 23.27 -15.67 14.14
CA GLY I 142 22.28 -12.33 12.65
CA ALA I 143 19.63 -13.71 10.29
CA GLN I 144 16.66 -11.27 10.05
CA LYS I 145 13.20 -12.52 9.12
CA ARG I 146 9.64 -11.24 8.55
CA PHE I 147 7.10 -13.03 10.75
CA TYR I 148 3.33 -13.17 10.36
CA VAL I 149 1.21 -14.28 13.30
CA PRO I 150 -2.45 -14.83 12.31
CA LEU I 151 -5.03 -14.20 15.06
CA ILE I 152 -7.73 -16.81 15.74
CA PHE I 153 -10.75 -14.91 17.11
CA PHE I 154 -14.25 -15.88 15.96
CA PHE I 155 -14.31 -13.38 13.10
CA ASN I 156 -10.77 -14.38 12.04
CA GLN I 157 -11.75 -18.03 11.52
CA THR I 158 -14.81 -17.64 9.26
CA PRO I 159 -15.96 -14.97 6.84
CA GLY I 160 -19.45 -16.00 7.98
CA LEU I 161 -18.76 -14.43 11.36
CA ALA I 162 -17.22 -11.28 9.90
CA LEU I 163 -17.46 -8.51 12.53
CA PRO I 164 -19.74 -5.77 11.06
CA LEU I 165 -18.06 -2.42 11.72
CA ILE I 166 -20.87 -0.55 10.00
CA ALA I 167 -23.21 -2.02 12.60
CA LEU I 168 -20.98 -0.90 15.48
CA GLN I 169 -21.08 2.82 14.73
CA TYR I 170 -20.91 3.60 18.46
CA HIS I 171 -18.72 0.76 19.72
CA GLU I 172 -14.95 0.96 19.33
CA VAL I 173 -13.17 -2.27 18.45
CA LYS I 174 -9.76 -2.56 20.10
CA LEU I 175 -6.93 -5.05 20.46
CA TYR I 176 -4.51 -5.20 23.39
CA PHE I 177 -1.16 -6.96 22.92
CA THR I 178 1.44 -7.80 25.54
CA LEU I 179 4.84 -8.67 24.10
CA ALA I 180 6.96 -11.33 25.78
CA SER I 181 10.01 -9.94 27.55
CA GLN I 182 12.34 -12.87 26.86
CA VAL I 183 12.22 -14.88 23.65
CA GLN I 184 14.70 -17.76 23.30
CA GLY I 185 17.14 -17.53 20.40
CA VAL I 186 16.29 -13.88 19.83
CA ASN I 187 16.27 -11.92 23.08
CA TYR I 188 18.03 -14.36 25.41
CA ASN I 189 19.76 -17.74 25.32
CA GLY I 190 18.40 -19.50 28.36
CA SER I 191 18.53 -17.08 31.28
CA SER I 192 21.41 -15.13 29.68
CA ALA I 193 20.55 -12.02 27.70
CA ILE I 194 22.04 -11.81 24.19
CA ALA I 195 24.03 -8.60 23.79
CA GLY I 196 23.19 -6.33 20.88
CA ALA I 197 19.82 -8.08 20.60
CA ALA I 198 17.63 -5.84 18.47
CA GLN I 199 14.16 -4.83 19.62
CA PRO I 200 11.15 -6.17 17.70
CA THR I 201 9.42 -4.26 14.89
CA MET I 202 5.66 -4.69 14.86
CA SER I 203 2.87 -4.08 12.35
CA VAL I 204 -0.86 -4.85 12.54
CA TRP I 205 -2.90 -5.58 9.41
CA VAL I 206 -6.68 -6.02 9.12
CA ASP I 207 -8.69 -7.39 6.20
CA TYR I 208 -11.81 -5.37 5.34
CA ILE I 209 -14.81 -6.41 3.31
CA PHE I 210 -16.49 -3.67 1.28
CA LEU I 211 -20.12 -4.54 0.68
CA ASP I 212 -22.59 -3.48 -1.96
CA THR I 213 -25.35 -0.92 -1.28
CA GLN I 214 -28.04 -3.55 -0.90
CA GLU I 215 -26.36 -5.55 1.87
CA ARG I 216 -24.77 -2.44 3.42
CA THR I 217 -28.20 -1.03 4.20
CA ARG I 218 -29.25 -4.27 5.82
CA PHE I 219 -26.10 -4.58 7.93
CA ALA I 220 -26.73 -1.03 9.11
CA GLN I 221 -30.47 -1.33 9.56
CA LEU I 222 -31.23 -4.71 11.12
CA PRO I 223 -30.30 -6.29 14.48
CA HIS I 224 -27.63 -9.02 14.36
CA GLU I 225 -26.96 -12.10 16.44
CA TYR I 226 -23.70 -13.97 15.96
CA LEU I 227 -22.99 -17.33 17.55
CA ILE I 228 -19.29 -16.97 18.39
CA GLU I 229 -16.68 -18.87 20.35
CA GLN I 230 -14.48 -17.86 23.24
CA LEU I 231 -11.45 -19.18 25.05
CA GLN I 232 -11.29 -19.84 28.80
CA PHE I 233 -8.12 -20.39 30.84
CA THR I 234 -6.43 -20.57 34.31
CA GLY I 235 -2.85 -21.58 35.33
CA SER I 236 -2.44 -24.56 37.73
CA GLU I 237 0.55 -26.26 39.36
CA THR I 238 1.36 -29.90 38.56
CA ALA I 239 2.93 -32.23 41.10
CA THR I 240 4.50 -35.27 39.40
CA PRO I 241 5.89 -38.13 41.64
CA SER I 242 9.65 -38.12 41.59
CA ALA I 243 9.58 -41.90 42.00
CA THR I 244 8.40 -44.83 44.11
CA THR I 245 4.99 -43.16 43.77
CA GLN I 246 2.40 -42.01 41.25
CA ALA I 247 1.08 -38.63 42.37
CA SER I 248 -2.49 -37.53 41.72
CA GLN I 249 -4.66 -34.40 41.80
CA ASN I 250 -8.16 -33.06 41.29
CA ILE I 251 -8.17 -29.71 39.55
CA ARG I 252 -11.55 -28.09 40.17
CA LEU I 253 -12.38 -26.60 36.77
CA ASN I 254 -14.01 -23.16 36.74
CA PHE I 255 -15.62 -22.89 33.32
CA ASN I 256 -19.02 -21.74 32.02
CA HIS I 257 -21.33 -21.68 29.00
CA PRO I 258 -21.87 -24.43 26.37
CA THR I 259 -18.37 -25.90 25.94
CA LYS I 260 -17.15 -27.72 22.79
CA TYR I 261 -14.05 -29.23 24.34
CA LEU I 262 -11.27 -29.06 26.90
CA ALA I 263 -7.57 -28.91 26.00
CA TRP I 264 -4.73 -29.09 28.46
CA ASN I 265 -0.97 -29.52 28.77
CA PHE I 266 1.70 -29.81 31.46
CA ASN I 267 4.52 -27.40 30.66
CA ASN I 268 7.96 -26.53 32.02
CA PRO I 269 7.68 -22.74 32.57
CA THR I 270 11.40 -22.32 31.84
CA ASN I 271 11.00 -23.53 28.25
CA TYR I 272 8.24 -22.15 26.01
CA GLY I 273 6.44 -25.05 24.35
CA GLN I 274 8.04 -27.79 26.44
CA TYR I 275 5.18 -30.14 27.21
CA THR I 276 7.41 -33.20 27.41
CA ALA I 277 10.31 -34.38 29.64
CA LEU I 278 13.84 -33.72 28.39
CA ALA I 279 15.85 -36.85 27.70
CA ASN I 280 19.14 -38.05 26.28
CA ILE I 281 17.41 -39.02 23.05
CA PRO I 282 17.97 -37.40 19.63
CA GLY I 283 15.85 -34.26 19.55
CA ALA I 284 14.88 -34.61 23.20
CA CYS I 285 17.63 -32.41 24.69
CA SER I 286 20.57 -30.16 23.84
CA GLY I 287 23.42 -32.22 22.40
CA ALA I 288 21.36 -35.40 22.75
CA GLY I 289 23.07 -38.56 21.55
CA THR I 290 26.53 -37.14 22.10
CA ALA I 291 29.17 -36.29 24.71
CA ALA I 292 27.73 -32.78 24.96
CA ALA I 293 24.30 -34.15 25.84
CA THR I 294 22.56 -32.17 28.60
CA VAL I 295 19.13 -33.15 29.97
CA THR I 296 19.06 -29.66 31.50
CA THR I 297 18.49 -27.88 28.18
CA PRO I 298 15.98 -28.69 25.42
CA ASP I 299 16.84 -29.02 21.73
CA TYR I 300 15.00 -25.73 21.12
CA GLY I 301 14.44 -26.27 17.42
CA ASN I 302 12.88 -29.62 18.27
CA THR I 303 11.06 -28.97 21.56
CA GLY I 304 8.11 -31.12 20.54
CA THR I 305 7.82 -34.94 20.38
CA TYR I 306 5.38 -37.69 19.48
CA ASN I 307 6.99 -40.05 22.00
CA GLU I 308 4.41 -40.75 24.73
CA GLN I 309 7.23 -42.24 26.84
CA LEU I 310 8.16 -38.62 27.58
CA ALA I 311 4.70 -37.36 28.64
CA VAL I 312 3.75 -37.36 32.37
CA LEU I 313 0.01 -37.94 32.51
CA ASP I 314 -0.68 -41.63 33.24
CA SER I 315 -4.48 -41.54 33.39
CA ALA I 316 -7.30 -39.02 33.66
CA LYS I 317 -11.04 -38.52 33.96
CA ILE I 318 -13.49 -35.68 34.41
CA GLN I 319 -16.21 -35.59 37.07
CA LEU I 320 -19.54 -33.76 37.15
CA ASN I 321 -20.82 -33.11 40.65
CA GLY I 322 -18.71 -35.97 42.00
CA GLN I 323 -20.11 -38.23 39.32
CA ASP I 324 -17.74 -39.72 36.71
CA ARG I 325 -18.34 -38.16 33.29
CA PHE I 326 -16.50 -41.16 31.92
CA ALA I 327 -14.26 -44.02 33.03
CA THR I 328 -10.52 -43.41 33.45
CA ARG I 329 -8.38 -43.55 30.33
CA LYS I 330 -4.60 -43.36 29.94
CA GLY I 331 -2.97 -40.11 28.91
CA SER I 332 -2.25 -41.56 25.45
CA TYR I 333 -6.03 -41.79 24.84
CA PHE I 334 -6.58 -38.03 25.10
CA ASN I 335 -3.44 -37.43 23.00
CA LYS I 336 -3.99 -39.99 20.23
CA VAL I 337 -7.62 -41.26 20.23
CA GLN I 338 -9.70 -38.18 21.09
CA PRO I 339 -7.88 -36.24 18.30
CA TYR I 340 -8.00 -39.13 15.80
CA GLN I 341 -11.76 -39.44 16.35
CA SER I 342 -12.63 -35.73 16.18
CA ILE I 343 -9.76 -33.89 14.46
CA GLY I 344 -7.92 -36.24 12.12
CA GLY I 345 -4.40 -34.90 12.39
CA VAL I 346 -1.57 -35.77 14.77
CA THR I 347 -0.89 -34.16 18.14
CA PRO I 348 2.55 -34.19 19.79
CA ALA I 349 2.83 -35.94 23.15
CA GLY I 350 2.01 -33.64 26.06
CA VAL I 351 -1.17 -32.17 24.59
CA TYR I 352 -4.52 -33.62 25.60
CA LEU I 353 -8.03 -33.16 24.34
CA TYR I 354 -11.48 -34.24 25.40
CA SER I 355 -14.25 -33.21 23.07
CA PHE I 356 -17.93 -32.72 23.85
CA ALA I 357 -18.47 -32.22 20.11
CA LEU I 358 -18.45 -34.47 17.06
CA LYS I 359 -16.32 -31.93 15.13
CA PRO I 360 -14.46 -29.62 17.56
CA ALA I 361 -12.57 -27.94 14.73
CA GLY I 362 -15.83 -27.04 13.01
CA ARG I 363 -17.50 -23.66 13.49
CA GLN I 364 -21.03 -25.07 13.34
CA PRO I 365 -22.05 -26.58 16.74
CA SER I 366 -22.07 -30.37 16.96
CA GLY I 367 -21.95 -31.31 20.60
CA THR I 368 -21.68 -29.13 23.68
CA CYS I 369 -21.67 -29.22 27.48
CA ASN I 370 -23.05 -26.39 29.59
CA PHE I 371 -20.64 -25.58 32.41
CA SER I 372 -22.93 -22.77 33.56
CA ARG I 373 -25.03 -25.61 34.90
CA ILE I 374 -22.38 -27.85 36.47
CA ASP I 375 -21.87 -26.76 40.06
CA ASN I 376 -18.73 -28.88 40.30
CA ALA I 377 -16.45 -29.77 37.41
CA THR I 378 -13.18 -31.50 38.31
CA LEU I 379 -10.27 -33.02 36.41
CA SER I 380 -8.85 -36.05 38.22
CA LEU I 381 -5.18 -36.55 37.27
CA THR I 382 -2.77 -39.36 38.06
CA TYR I 383 0.83 -39.02 36.96
CA LYS I 384 3.36 -41.67 35.96
CA THR I 385 6.25 -42.44 38.29
CA CYS I 386 9.17 -40.44 36.92
CA SER I 387 11.82 -43.07 37.64
CA ILE I 388 13.52 -43.46 34.25
CA ASP I 389 17.07 -42.13 34.06
CA ALA I 390 16.72 -39.28 31.57
CA THR I 391 20.40 -39.38 30.56
CA SER I 392 20.21 -43.01 29.45
CA PRO I 393 19.04 -43.81 25.86
CA ALA I 394 18.68 -47.53 26.63
CA ALA I 395 16.38 -46.79 29.57
CA VAL I 396 14.15 -44.20 27.85
CA LEU I 397 13.74 -46.22 24.62
CA GLY I 398 13.07 -49.54 26.37
CA ASN I 399 10.59 -48.90 29.17
CA THR I 400 7.12 -49.42 30.66
CA GLU I 401 3.83 -47.54 30.07
CA THR I 402 3.51 -46.17 33.61
CA VAL I 403 6.86 -44.40 33.98
CA THR I 404 8.68 -41.41 32.46
CA ALA I 405 12.08 -39.79 32.91
CA ASN I 406 12.80 -38.02 36.25
CA THR I 407 13.12 -34.92 34.10
CA ALA I 408 9.30 -34.94 34.18
CA THR I 409 9.35 -33.16 37.57
CA LEU I 410 9.87 -29.81 35.84
CA LEU I 411 6.53 -30.00 34.01
CA THR I 412 4.64 -28.13 36.73
CA ALA I 413 2.51 -25.64 34.81
CA LEU I 414 -0.89 -27.22 34.15
CA ASN I 415 -2.71 -25.23 31.47
CA ILE I 416 -6.36 -26.12 30.95
CA TYR I 417 -8.35 -24.54 28.14
CA ALA I 418 -12.04 -24.62 27.30
CA LYS I 419 -13.55 -23.28 24.09
CA ASN I 420 -17.15 -22.20 24.39
CA TYR I 421 -20.01 -20.69 22.43
CA ASN I 422 -21.70 -17.38 23.18
CA VAL I 423 -23.93 -14.94 21.34
CA LEU I 424 -22.89 -11.49 20.14
CA ARG I 425 -25.96 -9.29 19.53
CA ILE I 426 -25.49 -6.11 17.49
CA MET I 427 -28.07 -3.38 17.12
CA SER I 428 -28.54 0.39 17.20
CA GLY I 429 -24.85 0.98 16.63
CA MET I 430 -23.48 -1.18 19.42
CA GLY I 431 -22.87 -4.79 20.43
CA GLY I 432 -22.61 -6.97 23.49
CA LEU I 433 -22.39 -10.58 24.57
CA ALA I 434 -25.67 -12.28 25.42
CA TYR I 435 -24.13 -14.25 28.28
CA ALA I 436 -21.59 -13.38 30.95
CA ASN I 437 -19.48 -15.69 33.16
CA THR J 25 -23.72 -14.30 1.17
CA PHE J 26 -20.45 -15.49 2.69
CA PHE J 27 -20.61 -13.06 5.58
CA LYS J 28 -23.65 -14.11 7.59
CA THR J 29 -23.69 -17.85 8.15
CA VAL J 30 -26.79 -19.21 9.90
CA TYR J 31 -25.64 -22.36 11.71
CA ARG J 32 -28.15 -25.13 12.25
CA ARG J 33 -29.72 -26.29 15.50
CA TYR J 34 -29.34 -29.97 16.34
CA THR J 35 -30.73 -32.66 18.62
CA ASN J 36 -29.43 -32.56 22.20
CA PHE J 37 -27.13 -35.46 23.03
CA ALA J 38 -24.17 -36.68 25.09
CA ILE J 39 -21.35 -39.11 24.42
CA GLU J 40 -19.49 -41.54 26.63
CA SER J 41 -16.92 -44.26 26.00
CA ILE J 42 -17.69 -47.30 28.12
CA GLN J 43 -15.52 -50.39 28.47
CA GLN J 44 -16.83 -53.71 27.24
CA THR J 45 -16.69 -57.11 28.92
CA ILE J 46 -14.35 -59.30 26.92
CA ASN J 47 -15.47 -62.94 26.81
CA GLY J 48 -12.91 -65.74 26.69
CA SER J 49 -9.21 -65.91 27.43
CA VAL J 50 -7.10 -63.20 25.78
CA GLY J 51 -3.92 -64.49 24.16
CA PHE J 52 -2.12 -65.14 20.88
CA GLY J 53 -4.20 -67.50 18.75
CA ASN J 54 -7.31 -67.21 20.87
CA LYS J 55 -10.83 -66.33 19.76
CA VAL J 56 -12.63 -63.86 22.00
CA SER J 57 -15.99 -62.11 21.80
CA THR J 58 -18.12 -59.35 23.31
CA GLN J 59 -21.82 -58.60 23.52
CA ILE J 60 -22.22 -54.82 23.48
CA SER J 61 -23.89 -53.74 26.72
CA ARG J 62 -26.98 -51.55 26.54
CA ASN J 63 -25.68 -48.50 28.36
CA GLY J 64 -26.40 -45.88 25.74
CA ASP J 65 -29.03 -45.32 23.09
CA LEU J 66 -26.72 -45.40 20.06
CA ILE J 67 -23.19 -46.62 19.45
CA THR J 68 -20.58 -45.18 17.13
CA ASP J 69 -16.82 -45.58 17.67
CA ILE J 70 -15.28 -48.79 19.02
CA VAL J 71 -11.61 -48.97 19.97
CA VAL J 72 -9.66 -52.08 20.86
CA GLU J 73 -6.81 -51.42 23.29
CA PHE J 74 -3.73 -53.62 23.40
CA VAL J 75 -0.60 -53.51 25.55
CA LEU J 76 2.42 -55.22 24.01
CA THR J 77 6.17 -55.38 24.66
CA LYS J 78 8.85 -55.25 21.93
CA GLY J 79 11.06 -58.30 21.48
CA GLY J 80 13.52 -56.55 19.20
CA ASN J 81 15.15 -53.19 18.58
CA GLY J 82 14.49 -50.49 15.98
CA GLY J 83 12.63 -51.21 12.76
CA THR J 84 11.72 -54.67 13.98
CA THR J 85 7.98 -54.02 14.17
CA TYR J 86 5.31 -53.20 11.58
CA TYR J 87 1.78 -52.38 12.70
CA PRO J 88 1.75 -55.09 15.44
CA ALA J 89 -1.55 -53.97 17.00
CA GLU J 90 -3.15 -53.99 13.57
CA GLU J 91 -1.86 -57.49 12.80
CA LEU J 92 -2.89 -58.83 16.23
CA LEU J 93 -6.52 -58.17 15.23
CA GLN J 94 -6.57 -60.92 12.60
CA ASP J 95 -10.32 -60.39 12.06
CA VAL J 96 -13.43 -58.82 13.58
CA GLU J 97 -17.00 -59.92 12.95
CA LEU J 98 -20.07 -57.79 13.66
CA GLU J 99 -23.19 -59.81 14.44
CA ILE J 100 -26.71 -58.54 15.17
CA GLY J 101 -29.46 -60.88 16.38
CA GLY J 102 -27.28 -63.85 15.50
CA GLN J 103 -26.95 -62.57 11.92
CA ARG J 104 -23.59 -61.46 10.59
CA ILE J 105 -23.55 -57.87 9.27
CA ASP J 106 -19.88 -57.53 8.32
CA LYS J 107 -16.42 -58.95 8.99
CA HIS J 108 -12.97 -57.37 8.62
CA TYR J 109 -9.48 -58.82 8.40
CA ASN J 110 -5.84 -58.03 9.06
CA ASP J 111 -4.97 -57.36 5.47
CA TRP J 112 -8.10 -55.23 5.01
CA PHE J 113 -7.08 -52.78 7.72
CA ARG J 114 -3.65 -52.66 6.05
CA THR J 115 -5.18 -52.15 2.59
CA TYR J 116 -7.64 -49.60 3.95
CA ASP J 117 -4.83 -47.60 5.55
CA ALA J 118 -2.76 -47.71 2.36
CA LEU J 119 -5.69 -46.52 0.27
CA PHE J 120 -8.03 -44.38 2.42
CA ARG J 121 -6.00 -42.90 5.26
CA MET J 122 -3.53 -40.09 4.57
CA ASN J 123 -1.21 -37.41 5.83
CA ASP J 124 -0.99 -36.78 9.62
CA ASP J 125 -4.09 -38.88 10.22
CA ARG J 126 -2.30 -41.86 8.71
CA TYR J 127 0.78 -41.14 10.81
CA ASN J 128 -1.35 -40.81 13.95
CA TYR J 129 -2.86 -44.20 13.08
CA ARG J 130 0.61 -45.78 13.04
CA ARG J 131 1.38 -44.22 16.42
CA MET J 132 -1.77 -45.96 17.68
CA THR J 133 -0.81 -49.18 15.92
CA ASP J 134 2.91 -49.56 16.72
CA TRP J 135 6.24 -48.30 17.94
CA VAL J 136 7.33 -45.25 15.96
CA ASN J 137 10.20 -43.87 18.08
CA ASN J 138 12.95 -46.46 17.58
CA GLU J 139 12.11 -48.35 20.75
CA LEU J 140 14.36 -51.20 21.87
CA VAL J 141 13.72 -54.63 23.35
CA GLY J 142 11.46 -54.58 26.39
CA ALA J 143 9.61 -51.37 25.47
CA GLN J 144 5.93 -51.65 26.49
CA LYS J 145 3.27 -49.58 24.69
CA ARG J 146 -0.49 -48.93 24.72
CA PHE J 147 -2.10 -49.58 21.32
CA TYR J 148 -5.48 -48.42 20.05
CA VAL J 149 -6.97 -50.09 17.00
CA PRO J 150 -10.08 -48.25 15.73
CA LEU J 151 -12.71 -50.42 13.99
CA ILE J 152 -14.11 -49.35 10.62
CA PHE J 153 -17.65 -50.76 10.41
CA PHE J 154 -20.45 -48.63 8.93
CA PHE J 155 -21.51 -47.20 12.28
CA ASN J 156 -17.86 -46.54 13.26
CA GLN J 157 -17.25 -44.30 10.24
CA THR J 158 -20.19 -41.88 10.53
CA PRO J 159 -22.32 -40.68 13.42
CA GLY J 160 -25.08 -40.53 10.80
CA LEU J 161 -25.12 -44.33 10.69
CA ALA J 162 -24.99 -44.72 14.48
CA LEU J 163 -26.37 -48.18 15.35
CA PRO J 164 -29.56 -47.62 17.44
CA LEU J 165 -29.38 -50.00 20.41
CA ILE J 166 -32.72 -48.73 21.74
CA ALA J 167 -34.26 -49.91 18.48
CA LEU J 168 -32.71 -53.37 18.80
CA GLN J 169 -34.31 -54.31 22.10
CA TYR J 170 -34.49 -57.96 21.01
CA HIS J 171 -31.34 -58.27 18.91
CA GLU J 172 -27.98 -58.77 20.59
CA VAL J 173 -25.03 -56.95 19.05
CA LYS J 174 -21.81 -58.96 19.25
CA LEU J 175 -18.21 -58.77 18.09
CA TYR J 176 -15.96 -61.75 17.43
CA PHE J 177 -12.18 -61.25 17.44
CA THR J 178 -9.48 -63.71 16.44
CA LEU J 179 -6.02 -62.73 17.64
CA ALA J 180 -2.99 -63.49 15.45
CA SER J 181 -0.80 -66.26 16.80
CA GLN J 182 2.54 -64.84 15.62
CA VAL J 183 3.27 -61.12 15.50
CA GLN J 184 6.70 -60.07 14.24
CA GLY J 185 8.84 -58.11 16.68
CA VAL J 186 6.59 -59.02 19.58
CA ASN J 187 5.76 -62.73 19.59
CA TYR J 188 8.34 -64.06 17.14
CA ASN J 189 11.30 -62.85 15.09
CA GLY J 190 10.76 -64.49 11.74
CA SER J 191 9.88 -68.13 12.33
CA SER J 192 11.71 -68.16 15.69
CA ALA J 193 9.67 -67.59 18.83
CA ILE J 194 10.97 -64.90 21.20
CA ALA J 195 11.48 -66.34 24.68
CA GLY J 196 9.79 -64.60 27.60
CA ALA J 197 7.43 -62.92 25.12
CA ALA J 198 4.53 -61.58 27.16
CA GLN J 199 0.95 -62.34 26.19
CA PRO J 200 -1.24 -59.48 24.95
CA THR J 201 -3.58 -57.49 27.22
CA MET J 202 -6.84 -56.53 25.53
CA SER J 203 -9.61 -54.01 26.24
CA VAL J 204 -12.71 -53.10 24.20
CA TRP J 205 -14.26 -49.64 24.38
CA VAL J 206 -17.53 -48.44 22.82
CA ASP J 207 -18.78 -44.86 22.40
CA TYR J 208 -22.45 -44.36 23.33
CA ILE J 209 -24.74 -41.53 22.39
CA PHE J 210 -27.38 -40.60 24.95
CA LEU J 211 -30.34 -38.97 23.25
CA ASP J 212 -33.01 -36.61 24.48
CA THR J 213 -36.58 -37.78 25.24
CA GLN J 214 -37.96 -36.41 21.98
CA GLU J 215 -35.64 -38.33 19.66
CA ARG J 216 -35.46 -41.36 21.97
CA THR J 217 -39.17 -41.96 21.51
CA ARG J 218 -38.82 -41.77 17.76
CA PHE J 219 -35.82 -44.13 17.63
CA ALA J 220 -37.85 -46.57 19.68
CA GLN J 221 -41.16 -46.09 17.89
CA LEU J 222 -40.47 -45.83 14.16
CA PRO J 223 -39.00 -48.29 11.61
CA HIS J 224 -35.45 -47.52 10.44
CA GLU J 225 -33.58 -48.15 7.21
CA TYR J 226 -29.84 -47.58 7.10
CA LEU J 227 -27.83 -47.66 3.90
CA ILE J 228 -24.62 -49.28 5.10
CA GLU J 229 -21.47 -50.71 3.58
CA GLN J 230 -19.88 -54.13 3.79
CA LEU J 231 -16.59 -55.75 2.93
CA GLN J 232 -16.19 -58.78 0.67
CA PHE J 233 -13.09 -60.98 0.39
CA THR J 234 -11.50 -64.28 -0.81
CA GLY J 235 -7.83 -65.45 -0.83
CA SER J 236 -6.25 -66.35 -4.23
CA GLU J 237 -2.82 -67.64 -5.32
CA THR J 238 -0.60 -65.52 -7.55
CA ALA J 239 1.78 -67.05 -10.09
CA THR J 240 4.45 -64.56 -11.16
CA PRO J 241 6.88 -65.55 -14.02
CA SER J 242 10.32 -66.27 -12.64
CA ALA J 243 11.80 -64.97 -15.91
CA THR J 244 11.90 -65.32 -19.69
CA THR J 245 8.11 -65.06 -19.41
CA GLN J 246 5.29 -62.82 -18.20
CA ALA J 247 2.70 -65.03 -16.50
CA SER J 248 -1.02 -64.21 -16.57
CA GLN J 249 -4.27 -65.21 -14.87
CA ASN J 250 -8.01 -64.64 -14.79
CA ILE J 251 -9.37 -64.56 -11.28
CA ARG J 252 -13.12 -65.14 -11.48
CA LEU J 253 -14.48 -62.62 -8.96
CA ASN J 254 -17.37 -63.77 -6.76
CA PHE J 255 -18.93 -60.56 -5.48
CA ASN J 256 -22.49 -59.24 -5.14
CA HIS J 257 -24.61 -56.15 -4.48
CA PRO J 258 -23.96 -52.53 -5.62
CA THR J 259 -20.16 -52.22 -5.34
CA LYS J 260 -18.28 -48.90 -4.87
CA TYR J 261 -14.86 -50.23 -5.71
CA LEU J 262 -12.40 -53.12 -5.81
CA ALA J 263 -9.08 -53.13 -3.94
CA TRP J 264 -6.42 -55.78 -4.25
CA ASN J 265 -2.82 -56.62 -3.41
CA PHE J 266 -0.28 -59.39 -3.97
CA ASN J 267 1.32 -60.30 -0.65
CA ASN J 268 4.09 -62.56 0.63
CA PRO J 269 2.28 -64.64 3.29
CA THR J 270 5.51 -64.92 5.32
CA ASN J 271 5.65 -61.17 5.91
CA TYR J 272 2.60 -59.25 7.12
CA GLY J 273 2.14 -56.16 4.94
CA GLN J 274 4.71 -57.14 2.30
CA TYR J 275 3.05 -56.21 -0.97
CA THR J 276 6.34 -55.52 -2.73
CA ALA J 277 9.45 -57.54 -3.71
CA LEU J 278 12.41 -57.44 -1.31
CA ALA J 279 15.54 -55.87 -2.77
CA ASN J 280 19.03 -54.76 -1.88
CA ILE J 281 17.86 -51.15 -1.74
CA PRO J 282 17.74 -48.96 1.39
CA GLY J 283 14.52 -49.82 3.20
CA ALA J 284 13.75 -52.70 0.82
CA CYS J 285 15.37 -55.50 2.87
CA SER J 286 17.13 -56.33 6.12
CA GLY J 287 20.58 -54.74 6.17
CA ALA J 288 20.00 -53.27 2.71
CA GLY J 289 22.86 -51.17 1.37
CA THR J 290 25.43 -52.96 3.47
CA ALA J 291 27.48 -56.15 3.85
CA ALA J 292 24.73 -57.62 6.04
CA ALA J 293 22.15 -57.10 3.29
CA THR J 294 19.72 -60.03 2.93
CA VAL J 295 17.00 -60.13 0.27
CA THR J 296 15.50 -62.96 2.32
CA THR J 297 14.27 -60.72 5.13
CA PRO J 298 12.34 -57.43 4.91
CA ASP J 299 13.28 -54.22 6.73
CA TYR J 300 10.25 -54.75 8.99
CA GLY J 301 9.97 -51.16 10.11
CA ASN J 302 9.91 -50.14 6.47
CA THR J 303 7.97 -52.94 4.77
CA GLY J 304 6.16 -50.51 2.48
CA THR J 305 7.48 -48.67 -0.61
CA TYR J 306 6.37 -46.19 -3.26
CA ASN J 307 8.79 -47.69 -5.78
CA GLU J 308 6.71 -49.28 -8.56
CA GLN J 309 9.87 -51.05 -9.76
CA LEU J 310 9.24 -53.46 -6.89
CA ALA J 311 5.55 -54.24 -7.61
CA VAL J 312 4.67 -57.32 -9.74
CA LEU J 313 1.50 -56.45 -11.61
CA ASP J 314 2.37 -55.35 -15.16
CA SER J 315 -1.14 -54.76 -16.51
CA ALA J 316 -4.74 -55.53 -15.63
CA LYS J 317 -8.36 -55.25 -16.71
CA ILE J 318 -11.77 -56.39 -15.52
CA GLN J 319 -14.30 -58.22 -17.67
CA LEU J 320 -18.08 -58.43 -17.43
CA ASN J 321 -19.55 -61.51 -19.05
CA GLY J 322 -16.45 -61.90 -21.22
CA GLN J 323 -16.78 -58.26 -22.26
CA ASP J 324 -14.00 -55.81 -21.37
CA ARG J 325 -15.16 -53.35 -18.68
CA PHE J 326 -12.25 -51.22 -19.79
CA ALA J 327 -9.04 -51.41 -21.81
CA THR J 328 -5.88 -52.78 -20.20
CA ARG J 329 -3.86 -50.41 -18.05
CA LYS J 330 -0.48 -50.92 -16.37
CA GLY J 331 -0.32 -51.74 -12.67
CA SER J 332 0.95 -48.22 -11.94
CA TYR J 333 -2.39 -46.83 -13.18
CA PHE J 334 -4.44 -48.57 -10.48
CA ASN J 335 -1.81 -47.63 -7.88
CA LYS J 336 -1.24 -43.97 -8.80
CA VAL J 337 -4.04 -42.69 -11.12
CA GLN J 338 -7.19 -44.37 -9.79
CA PRO J 339 -6.32 -43.12 -6.25
CA TYR J 340 -5.22 -39.64 -7.42
CA GLN J 341 -8.54 -39.25 -9.26
CA SER J 342 -10.85 -40.53 -6.52
CA ILE J 343 -8.96 -40.39 -3.21
CA GLY J 344 -6.32 -37.68 -3.31
CA GLY J 345 -3.66 -39.22 -1.11
CA VAL J 346 -0.73 -41.49 -1.94
CA THR J 347 -0.80 -45.28 -2.01
CA PRO J 348 2.35 -47.42 -1.60
CA ALA J 349 3.30 -49.65 -4.51
CA GLY J 350 1.59 -53.05 -4.35
CA VAL J 351 -1.90 -51.76 -3.60
CA TYR J 352 -4.37 -51.34 -6.45
CA LEU J 353 -7.75 -49.74 -6.72
CA TYR J 354 -10.47 -49.51 -9.33
CA SER J 355 -13.41 -47.35 -8.38
CA PHE J 356 -16.96 -47.51 -9.67
CA ALA J 357 -17.64 -44.34 -7.66
CA LEU J 358 -16.68 -40.69 -8.00
CA LYS J 359 -15.76 -40.52 -4.30
CA PRO J 360 -15.02 -44.04 -2.93
CA ALA J 361 -13.97 -42.65 0.44
CA GLY J 362 -17.31 -40.89 0.82
CA ARG J 363 -20.21 -42.43 2.71
CA GLN J 364 -22.85 -40.99 0.39
CA PRO J 365 -23.19 -43.11 -2.80
CA SER J 366 -21.66 -41.65 -5.96
CA GLY J 367 -21.19 -44.48 -8.41
CA THR J 368 -21.85 -48.17 -8.03
CA CYS J 369 -21.83 -51.47 -9.93
CA ASN J 370 -24.26 -54.28 -9.16
CA PHE J 371 -22.41 -57.60 -9.00
CA SER J 372 -25.65 -59.35 -8.11
CA ARG J 373 -26.41 -58.88 -11.77
CA ILE J 374 -23.09 -59.82 -13.37
CA ASP J 375 -23.10 -63.55 -14.04
CA ASN J 376 -19.37 -63.46 -14.73
CA ALA J 377 -16.89 -61.00 -13.24
CA THR J 378 -13.21 -61.69 -13.90
CA LEU J 379 -9.91 -59.94 -13.19
CA SER J 380 -7.39 -60.50 -15.98
CA LEU J 381 -3.84 -60.18 -14.61
CA THR J 382 -0.50 -60.14 -16.38
CA TYR J 383 2.65 -60.05 -14.30
CA LYS J 384 6.05 -58.53 -15.05
CA THR J 385 8.99 -60.81 -15.75
CA CYS J 386 10.85 -61.07 -12.45
CA SER J 387 14.34 -61.09 -13.96
CA ILE J 388 16.07 -58.28 -12.05
CA ASP J 389 18.77 -59.40 -9.63
CA ALA J 390 17.29 -58.38 -6.27
CA THR J 391 20.71 -58.19 -4.56
CA SER J 392 22.03 -55.60 -7.01
CA PRO J 393 21.31 -51.87 -6.34
CA ALA J 394 22.48 -50.84 -9.83
CA ALA J 395 20.07 -53.30 -11.46
CA VAL J 396 16.99 -52.47 -9.35
CA LEU J 397 17.46 -48.68 -9.58
CA GLY J 398 18.19 -48.63 -13.32
CA ASN J 399 15.65 -50.87 -15.03
CA THR J 400 12.68 -51.25 -17.40
CA GLU J 401 8.93 -50.90 -16.79
CA THR J 402 8.05 -54.54 -17.49
CA VAL J 403 10.39 -56.30 -15.05
CA THR J 404 10.82 -56.63 -11.27
CA ALA J 405 13.27 -58.41 -8.98
CA ASN J 406 13.17 -62.25 -8.90
CA THR J 407 12.21 -61.78 -5.28
CA ALA J 408 8.73 -61.08 -6.68
CA THR J 409 8.03 -64.84 -6.85
CA LEU J 410 7.15 -64.87 -3.15
CA LEU J 411 4.19 -62.51 -3.61
CA THR J 412 1.68 -65.35 -4.09
CA ALA J 413 -1.26 -64.30 -1.93
CA LEU J 414 -3.73 -62.36 -4.10
CA ASN J 415 -6.18 -60.52 -1.87
CA ILE J 416 -9.14 -58.93 -3.63
CA TYR J 417 -11.59 -56.75 -1.73
CA ALA J 418 -14.92 -55.25 -2.73
CA LYS J 419 -16.82 -52.70 -0.64
CA ASN J 420 -20.56 -52.71 -1.20
CA TYR J 421 -23.77 -51.07 -0.07
CA ASN J 422 -26.67 -52.83 1.63
CA VAL J 423 -29.69 -51.83 3.67
CA LEU J 424 -30.15 -52.49 7.38
CA ARG J 425 -33.84 -52.29 8.35
CA ILE J 426 -34.70 -51.98 12.04
CA MET J 427 -38.17 -52.32 13.49
CA SER J 428 -40.13 -53.93 16.30
CA GLY J 429 -37.01 -54.44 18.38
CA MET J 430 -34.90 -56.21 15.79
CA GLY J 431 -32.87 -55.65 12.64
CA GLY J 432 -31.76 -57.44 9.50
CA LEU J 433 -30.08 -56.87 6.17
CA ALA J 434 -32.39 -56.22 3.24
CA TYR J 435 -30.19 -58.18 0.84
CA ALA J 436 -28.25 -61.42 1.16
CA ASN J 437 -25.40 -62.78 -1.00
CA THR K 25 -15.39 -14.29 -54.83
CA PHE K 26 -11.92 -15.60 -55.73
CA PHE K 27 -12.84 -19.22 -55.12
CA LYS K 28 -15.48 -20.03 -57.72
CA THR K 29 -14.42 -18.81 -61.14
CA VAL K 30 -17.00 -19.25 -63.90
CA TYR K 31 -15.02 -19.60 -67.14
CA ARG K 32 -16.60 -18.41 -70.36
CA ARG K 33 -17.82 -20.49 -73.28
CA TYR K 34 -16.38 -19.63 -76.68
CA THR K 35 -16.94 -20.19 -80.39
CA ASN K 36 -15.80 -23.59 -81.68
CA PHE K 37 -12.76 -23.34 -83.94
CA ALA K 38 -9.61 -25.05 -85.22
CA ILE K 39 -6.19 -23.80 -86.23
CA GLU K 40 -3.73 -24.93 -88.87
CA SER K 41 -0.46 -23.54 -90.21
CA ILE K 42 -0.35 -23.90 -93.98
CA GLN K 43 2.64 -23.15 -96.20
CA GLN K 44 2.39 -20.35 -98.73
CA THR K 45 3.50 -20.30 -102.36
CA ILE K 46 6.42 -17.93 -102.65
CA ASN K 47 6.42 -16.00 -105.94
CA GLY K 48 9.70 -15.02 -107.59
CA SER K 49 13.27 -16.17 -107.16
CA VAL K 50 14.51 -16.28 -103.56
CA GLY K 51 17.95 -14.76 -103.07
CA PHE K 52 19.92 -11.86 -101.60
CA GLY K 53 18.67 -8.61 -103.09
CA ASN K 54 15.56 -10.12 -104.63
CA LYS K 55 11.97 -9.00 -104.24
CA VAL K 56 9.48 -11.80 -103.69
CA SER K 57 5.75 -11.91 -102.98
CA THR K 58 2.89 -14.15 -101.91
CA GLN K 59 -0.88 -14.09 -102.30
CA ILE K 60 -2.37 -15.71 -99.21
CA SER K 61 -4.34 -18.78 -100.29
CA ARG K 62 -7.93 -19.14 -99.13
CA ASN K 63 -7.62 -22.33 -97.10
CA GLY K 64 -9.03 -21.10 -93.83
CA ASP K 65 -11.67 -18.63 -92.76
CA LEU K 66 -9.39 -16.29 -90.79
CA ILE K 67 -5.65 -15.75 -90.63
CA THR K 68 -3.53 -14.77 -87.66
CA ASP K 69 0.16 -15.64 -87.30
CA ILE K 70 2.56 -15.61 -90.26
CA VAL K 71 6.10 -16.95 -89.95
CA VAL K 72 8.87 -16.61 -92.49
CA GLU K 73 11.36 -19.49 -92.39
CA PHE K 74 14.95 -19.06 -93.52
CA VAL K 75 17.86 -21.48 -93.68
CA LEU K 76 21.28 -19.83 -93.62
CA THR K 77 24.90 -20.91 -93.12
CA LYS K 78 27.47 -18.98 -91.03
CA GLY K 79 30.48 -17.54 -92.82
CA GLY K 80 32.36 -16.72 -89.64
CA ASN K 81 32.94 -17.95 -86.10
CA GLY K 82 31.55 -16.79 -82.76
CA GLY K 83 30.04 -13.35 -82.28
CA THR K 84 30.17 -12.72 -86.02
CA THR K 85 26.41 -12.60 -86.48
CA TYR K 86 23.65 -10.28 -85.23
CA TYR K 87 20.02 -11.08 -85.97
CA PRO K 88 20.75 -12.26 -89.56
CA ALA K 89 17.24 -13.62 -90.20
CA GLU K 90 15.77 -10.35 -88.98
CA GLU K 91 18.05 -8.29 -91.22
CA LEU K 92 17.39 -10.53 -94.25
CA LEU K 93 13.76 -9.39 -94.14
CA GLN K 94 14.56 -5.83 -95.20
CA ASP K 95 10.83 -5.01 -95.44
CA VAL K 96 7.38 -6.59 -95.63
CA GLU K 97 4.29 -4.97 -97.15
CA LEU K 98 0.72 -6.09 -96.47
CA GLU K 99 -1.67 -5.36 -99.32
CA ILE K 100 -5.42 -6.04 -99.49
CA GLY K 101 -7.38 -5.61 -102.73
CA GLY K 102 -4.40 -3.83 -104.25
CA GLN K 103 -4.42 -1.32 -101.38
CA ARG K 104 -1.51 -1.17 -98.96
CA ILE K 105 -2.51 -1.64 -95.30
CA ASP K 106 0.92 -1.55 -93.64
CA LYS K 107 4.63 -2.04 -94.29
CA HIS K 108 7.46 -2.96 -91.91
CA TYR K 109 11.23 -2.64 -92.14
CA ASN K 110 14.47 -4.14 -90.89
CA ASP K 111 15.15 -1.43 -88.39
CA TRP K 112 11.54 -1.51 -87.17
CA PHE K 113 11.75 -5.16 -86.14
CA ARG K 114 15.03 -4.29 -84.38
CA THR K 115 13.46 -1.25 -82.68
CA TYR K 116 10.35 -3.22 -81.80
CA ASP K 117 12.41 -5.96 -80.18
CA ALA K 118 14.48 -3.42 -78.22
CA LEU K 119 11.36 -1.69 -76.95
CA PHE K 120 8.46 -4.18 -76.78
CA ARG K 121 9.91 -7.65 -76.39
CA MET K 122 11.46 -8.71 -73.07
CA ASN K 123 12.86 -11.39 -70.83
CA ASP K 124 12.83 -15.03 -72.07
CA ASP K 125 10.48 -14.12 -74.90
CA ARG K 126 13.09 -11.72 -76.25
CA TYR K 127 15.78 -14.37 -75.86
CA ASN K 128 13.61 -16.95 -77.63
CA TYR K 129 13.18 -14.40 -80.43
CA ARG K 130 16.95 -14.19 -80.87
CA ARG K 131 17.17 -18.00 -81.00
CA MET K 132 14.65 -17.81 -83.84
CA THR K 133 16.55 -14.96 -85.47
CA ASP K 134 20.19 -16.06 -85.24
CA TRP K 135 23.00 -18.22 -83.92
CA VAL K 136 23.18 -18.04 -80.14
CA ASN K 137 25.46 -20.98 -79.28
CA ASN K 138 28.86 -19.79 -80.52
CA GLU K 139 28.57 -21.59 -83.84
CA LEU K 140 31.54 -21.62 -86.22
CA VAL K 141 31.92 -21.27 -89.97
CA GLY K 142 29.69 -23.60 -91.95
CA ALA K 143 27.00 -23.97 -89.28
CA GLN K 144 23.53 -24.15 -90.92
CA LYS K 145 20.42 -23.11 -88.99
CA ARG K 146 16.64 -22.85 -89.39
CA PHE K 147 15.35 -19.33 -88.72
CA TYR K 148 11.80 -18.20 -87.98
CA VAL K 149 10.91 -14.54 -88.31
CA PRO K 150 7.42 -13.77 -86.93
CA LEU K 151 5.58 -10.87 -88.58
CA ILE K 152 3.98 -8.18 -86.41
CA PHE K 153 1.02 -6.80 -88.39
CA PHE K 154 -2.25 -6.03 -86.59
CA PHE K 155 -3.75 -9.46 -87.26
CA ASN K 156 -0.47 -11.18 -86.26
CA GLN K 157 -0.51 -9.64 -82.77
CA THR K 158 -4.04 -10.55 -81.61
CA PRO K 159 -6.47 -13.30 -82.52
CA GLY K 160 -9.10 -10.63 -81.84
CA LEU K 161 -8.03 -8.81 -84.99
CA ALA K 162 -7.85 -11.97 -87.09
CA LEU K 163 -8.15 -10.96 -90.77
CA PRO K 164 -11.40 -12.54 -92.11
CA LEU K 165 -10.59 -14.10 -95.49
CA ILE K 166 -14.16 -15.32 -95.90
CA ALA K 167 -15.25 -11.69 -95.71
CA LEU K 168 -12.74 -10.63 -98.39
CA GLN K 169 -14.05 -12.87 -101.16
CA TYR K 170 -13.13 -10.21 -103.75
CA HIS K 171 -9.99 -8.72 -102.21
CA GLU K 172 -6.66 -10.49 -102.60
CA VAL K 173 -4.35 -10.43 -99.59
CA LYS K 174 -0.69 -10.20 -100.56
CA LEU K 175 2.71 -9.82 -98.94
CA TYR K 176 5.75 -8.23 -100.57
CA PHE K 177 9.21 -9.06 -99.20
CA THR K 178 12.54 -7.47 -100.11
CA LEU K 179 15.54 -9.51 -99.00
CA ALA K 180 18.69 -7.72 -97.83
CA SER K 181 21.58 -7.99 -100.25
CA GLN K 182 24.37 -8.11 -97.66
CA VAL K 183 23.97 -9.80 -94.29
CA GLN K 184 26.96 -9.71 -91.93
CA GLY K 185 28.40 -13.07 -90.91
CA VAL K 186 26.45 -14.85 -93.64
CA ASN K 187 26.76 -13.06 -96.97
CA TYR K 188 29.66 -10.70 -96.27
CA ASN K 189 32.17 -9.90 -93.53
CA GLY K 190 32.19 -6.14 -93.44
CA SER K 191 32.41 -4.87 -97.01
CA SER K 192 34.12 -8.09 -98.17
CA ALA K 193 31.94 -10.78 -99.71
CA ILE K 194 32.35 -14.29 -98.27
CA ALA K 195 33.20 -16.77 -101.02
CA GLY K 196 31.03 -19.86 -101.37
CA ALA K 197 28.32 -18.08 -99.37
CA ALA K 198 25.13 -20.03 -99.95
CA GLN K 199 21.94 -18.27 -101.01
CA PRO K 200 19.02 -18.15 -98.56
CA THR K 201 16.16 -20.67 -98.56
CA MET K 202 12.79 -19.13 -97.77
CA SER K 203 9.39 -20.45 -96.70
CA VAL K 204 6.20 -18.59 -95.73
CA TRP K 205 3.69 -20.09 -93.28
CA VAL K 206 0.25 -18.76 -92.36
CA ASP K 207 -2.00 -19.82 -89.46
CA TYR K 208 -5.66 -20.29 -90.40
CA ILE K 209 -8.68 -20.40 -88.14
CA PHE K 210 -11.52 -22.66 -89.26
CA LEU K 211 -14.79 -21.44 -87.82
CA ASP K 212 -18.06 -23.18 -87.10
CA THR K 213 -21.15 -22.76 -89.33
CA GLN K 214 -22.81 -20.31 -86.98
CA GLU K 215 -19.99 -17.77 -86.88
CA ARG K 216 -18.96 -18.45 -90.49
CA THR K 217 -22.32 -17.19 -91.72
CA ARG K 218 -21.97 -14.04 -89.67
CA PHE K 219 -18.42 -13.32 -90.83
CA ALA K 220 -19.67 -13.70 -94.38
CA GLN K 221 -22.94 -11.84 -93.95
CA LEU K 222 -22.31 -8.78 -91.77
CA PRO K 223 -20.13 -5.66 -92.26
CA HIS K 224 -16.95 -5.53 -90.16
CA GLU K 225 -14.92 -2.70 -88.67
CA TYR K 226 -11.52 -3.43 -87.18
CA LEU K 227 -9.52 -0.91 -85.22
CA ILE K 228 -5.99 -1.73 -86.36
CA GLU K 229 -2.54 -0.23 -86.02
CA GLN K 230 -0.01 0.89 -88.60
CA LEU K 231 3.62 1.86 -88.74
CA GLN K 232 4.94 5.16 -90.10
CA PHE K 233 8.55 5.92 -91.03
CA THR K 234 11.06 8.24 -92.83
CA GLY K 235 14.91 8.21 -92.88
CA SER K 236 16.75 11.35 -91.62
CA GLU K 237 20.42 12.36 -91.32
CA THR K 238 21.95 13.02 -87.91
CA ALA K 239 24.72 15.56 -87.38
CA THR K 240 26.55 14.96 -84.10
CA PRO K 241 29.21 17.55 -82.96
CA SER K 242 32.69 16.13 -83.36
CA ALA K 243 33.78 18.17 -80.34
CA THR K 244 34.04 21.64 -78.79
CA THR K 245 30.34 21.86 -79.66
CA GLN K 246 26.97 20.22 -79.06
CA ALA K 247 25.11 20.12 -82.38
CA SER K 248 21.32 20.39 -82.59
CA GLN K 249 18.48 19.87 -85.06
CA ASN K 250 14.74 20.13 -85.57
CA ILE K 251 13.35 17.21 -87.52
CA ARG K 252 9.94 18.23 -88.85
CA LEU K 253 7.86 15.08 -88.29
CA ASN K 254 5.41 14.12 -91.04
CA PHE K 255 2.94 11.79 -89.34
CA ASN K 256 -0.85 11.45 -89.28
CA HIS K 257 -3.80 9.80 -87.53
CA PRO K 258 -4.23 9.06 -83.79
CA THR K 259 -0.70 8.08 -82.69
CA LYS K 260 0.12 5.86 -79.66
CA TYR K 261 3.80 6.67 -79.52
CA LEU K 262 7.00 7.68 -81.28
CA ALA K 263 10.14 5.55 -81.35
CA TRP K 264 13.47 6.60 -82.76
CA ASN K 265 17.14 5.68 -82.97
CA PHE K 266 20.40 7.04 -84.39
CA ASN K 267 22.13 4.30 -86.34
CA ASN K 268 25.43 3.78 -88.17
CA PRO K 269 24.27 2.65 -91.64
CA THR K 270 27.41 0.51 -92.04
CA ASN K 271 26.42 -1.75 -89.13
CA TYR K 272 22.91 -3.20 -88.86
CA GLY K 273 21.61 -2.61 -85.34
CA GLN K 274 24.40 -0.27 -84.25
CA TYR K 275 22.59 2.45 -82.32
CA THR K 276 25.57 3.16 -80.06
CA ALA K 277 29.14 4.45 -80.52
CA LEU K 278 31.89 1.85 -80.84
CA ALA K 279 34.44 1.95 -78.02
CA ASN K 280 37.44 0.10 -76.64
CA ILE K 281 35.26 -1.46 -73.97
CA PRO K 282 34.45 -5.19 -73.67
CA GLY K 283 31.59 -5.88 -76.06
CA ALA K 284 31.75 -2.38 -77.53
CA CYS K 285 34.08 -3.15 -80.47
CA SER K 286 35.95 -5.90 -82.28
CA GLY K 287 38.79 -7.20 -80.10
CA ALA K 288 37.85 -4.75 -77.34
CA GLY K 289 39.98 -4.96 -74.23
CA THR K 290 42.94 -6.39 -76.09
CA ALA K 291 45.83 -5.59 -78.44
CA ALA K 292 43.59 -6.44 -81.41
CA ALA K 293 41.03 -3.84 -80.31
CA THR K 294 39.59 -1.82 -83.22
CA VAL K 295 37.06 0.97 -82.70
CA THR K 296 36.42 0.70 -86.44
CA THR K 297 34.54 -2.61 -86.21
CA PRO K 298 31.72 -3.59 -83.84
CA ASP K 299 31.64 -6.79 -81.76
CA TYR K 300 28.87 -8.07 -84.05
CA GLY K 301 27.53 -10.65 -81.64
CA ASN K 302 27.24 -7.91 -79.04
CA THR K 303 26.23 -4.84 -81.08
CA GLY K 304 23.83 -3.65 -78.40
CA THR K 305 24.59 -1.98 -75.03
CA TYR K 306 22.85 -0.60 -71.96
CA ASN K 307 25.64 1.91 -71.40
CA GLU K 308 24.16 5.40 -71.93
CA GLN K 309 27.72 6.76 -72.05
CA LEU K 310 27.79 5.44 -75.60
CA ALA K 311 24.51 7.00 -76.85
CA VAL K 312 24.61 10.40 -78.64
CA LEU K 313 21.35 12.13 -77.81
CA ASP K 314 21.92 14.61 -74.96
CA SER K 315 18.41 16.08 -74.70
CA ALA K 316 15.19 16.22 -76.68
CA LYS K 317 11.66 17.59 -76.84
CA ILE K 318 8.72 17.60 -79.22
CA GLN K 319 6.88 20.71 -80.36
CA LEU K 320 3.32 21.18 -81.60
CA ASN K 321 2.86 24.22 -83.79
CA GLY K 322 5.96 25.84 -82.29
CA GLN K 323 4.60 25.15 -78.82
CA ASP K 324 6.51 22.81 -76.49
CA ARG K 325 4.64 19.52 -76.00
CA PHE K 326 6.80 19.07 -72.94
CA ALA K 327 9.96 20.43 -71.32
CA THR K 328 13.35 19.15 -72.47
CA ARG K 329 14.56 15.87 -70.99
CA LYS K 330 17.91 14.11 -71.38
CA GLY K 331 18.25 11.21 -73.80
CA SER K 332 18.40 8.78 -70.87
CA TYR K 333 14.82 9.75 -69.95
CA PHE K 334 13.33 8.49 -73.22
CA ASN K 335 15.53 5.37 -73.01
CA LYS K 336 15.01 4.44 -69.34
CA VAL K 337 12.00 6.32 -67.86
CA GLN K 338 9.45 6.40 -70.70
CA PRO K 339 9.87 2.60 -71.14
CA TYR K 340 9.91 1.88 -67.37
CA GLN K 341 6.65 3.82 -66.98
CA SER K 342 4.78 2.36 -69.97
CA ILE K 343 6.48 -0.90 -70.96
CA GLY K 344 8.21 -2.45 -67.97
CA GLY K 345 11.17 -4.10 -69.64
CA VAL K 346 14.66 -2.78 -70.43
CA THR K 347 15.71 -0.99 -73.60
CA PRO K 348 19.34 -0.87 -74.80
CA ALA K 349 20.96 2.55 -75.05
CA GLY K 350 20.31 4.20 -78.41
CA VAL K 351 16.59 3.51 -78.55
CA TYR K 352 14.16 6.20 -77.47
CA LEU K 353 10.45 6.23 -76.83
CA TYR K 354 7.83 8.84 -76.07
CA SER K 355 4.38 7.48 -75.45
CA PHE K 356 1.05 9.25 -75.86
CA ALA K 357 -0.56 6.14 -74.33
CA LEU K 358 -0.73 4.64 -70.85
CA LYS K 359 0.05 1.17 -72.26
CA PRO K 360 1.77 1.46 -75.68
CA ALA K 361 2.31 -2.29 -75.87
CA GLY K 362 -1.41 -2.91 -75.40
CA ARG K 363 -3.76 -3.43 -78.35
CA GLN K 364 -6.66 -1.63 -76.67
CA PRO K 365 -6.31 2.18 -77.01
CA SER K 366 -5.23 4.06 -73.89
CA GLY K 367 -3.91 7.42 -74.97
CA THR K 368 -3.45 8.87 -78.44
CA CYS K 369 -2.43 12.02 -80.29
CA ASN K 370 -3.94 12.99 -83.64
CA PHE K 371 -1.19 14.06 -86.03
CA SER K 372 -3.78 14.59 -88.75
CA ARG K 373 -4.59 17.71 -86.79
CA ILE K 374 -1.11 19.03 -85.97
CA ASP K 375 -0.01 21.31 -88.79
CA ASN K 376 3.53 21.29 -87.45
CA ALA K 377 5.14 18.49 -85.47
CA THR K 378 8.88 18.81 -84.80
CA LEU K 379 11.50 16.87 -82.86
CA SER K 380 14.13 19.18 -81.36
CA LEU K 381 17.40 17.30 -80.85
CA THR K 382 20.61 18.31 -79.13
CA TYR K 383 23.57 15.95 -79.26
CA LYS K 384 26.37 15.38 -76.77
CA THR K 385 29.87 16.60 -77.60
CA CYS K 386 31.67 13.52 -78.94
CA SER K 387 35.03 14.32 -77.36
CA ILE K 388 35.82 11.09 -75.48
CA ASP K 389 38.70 9.06 -76.90
CA ALA K 390 36.92 5.87 -78.02
CA THR K 391 40.10 3.75 -77.84
CA SER K 392 40.63 4.52 -74.15
CA PRO K 393 38.83 2.37 -71.51
CA ALA K 394 39.72 4.78 -68.68
CA ALA K 395 38.16 7.69 -70.56
CA VAL K 396 34.94 5.95 -71.65
CA LEU K 397 34.28 4.35 -68.23
CA GLY K 398 35.02 7.50 -66.22
CA ASN K 399 33.29 10.40 -67.93
CA THR K 400 30.60 13.12 -67.84
CA GLU K 401 26.90 13.01 -68.80
CA THR K 402 27.14 15.41 -71.73
CA VAL K 403 29.85 13.71 -73.81
CA THR K 404 30.31 10.48 -75.78
CA ALA K 405 33.13 8.90 -77.76
CA ASN K 406 34.16 10.57 -81.05
CA THR K 407 33.06 7.33 -82.64
CA ALA K 408 29.55 8.79 -82.25
CA THR K 409 29.99 10.75 -85.50
CA LEU K 410 29.10 7.66 -87.52
CA LEU K 411 25.58 7.46 -86.07
CA THR K 412 24.02 9.56 -88.85
CA ALA K 413 20.87 7.64 -89.74
CA LEU K 414 17.98 9.04 -87.68
CA ASN K 415 15.06 6.62 -87.82
CA ILE K 416 11.79 7.90 -86.40
CA TYR K 417 8.77 5.64 -86.08
CA ALA K 418 5.16 6.33 -85.18
CA LYS K 419 2.56 3.66 -84.52
CA ASN K 420 -0.99 4.73 -85.19
CA TYR K 421 -4.56 3.49 -85.17
CA ASN K 422 -6.84 3.25 -88.19
CA VAL K 423 -10.06 1.47 -89.09
CA LEU K 424 -10.36 -1.42 -91.53
CA ARG K 425 -13.96 -1.79 -92.75
CA ILE K 426 -14.93 -5.04 -94.47
CA MET K 427 -18.18 -5.61 -96.33
CA SER K 428 -19.63 -7.05 -99.53
CA GLY K 429 -16.53 -9.12 -100.16
CA MET K 430 -13.94 -6.37 -99.88
CA GLY K 431 -12.12 -4.17 -97.40
CA GLY K 432 -10.47 -0.79 -97.12
CA LEU K 433 -9.00 1.62 -94.62
CA ALA K 434 -11.34 4.27 -93.24
CA TYR K 435 -8.62 6.92 -93.20
CA ALA K 436 -5.82 7.81 -95.58
CA ASN K 437 -2.65 9.87 -94.97
CA THR L 25 -15.32 -15.40 -79.34
CA PHE L 26 -11.56 -14.83 -79.47
CA PHE L 27 -11.62 -13.48 -83.01
CA LYS L 28 -13.62 -10.26 -82.80
CA THR L 29 -12.48 -8.12 -79.89
CA VAL L 30 -14.51 -4.96 -79.29
CA TYR L 31 -12.11 -2.50 -77.65
CA ARG L 32 -13.53 0.09 -75.28
CA ARG L 33 -13.81 3.83 -75.78
CA TYR L 34 -12.22 6.02 -73.13
CA THR L 35 -12.17 9.57 -71.84
CA ASN L 36 -10.06 11.99 -73.90
CA PHE L 37 -6.91 13.12 -72.10
CA ALA L 38 -3.31 14.28 -72.44
CA ILE L 39 -0.20 13.78 -70.32
CA GLU L 40 2.77 16.00 -69.60
CA SER L 41 5.72 15.75 -67.23
CA ILE L 42 6.40 19.12 -65.64
CA GLN L 43 9.36 19.99 -63.43
CA GLN L 44 8.75 20.93 -59.81
CA THR L 45 10.25 23.75 -57.79
CA ILE L 46 12.50 22.24 -55.16
CA ASN L 47 12.43 24.17 -51.88
CA GLY L 48 15.55 24.39 -49.72
CA SER L 49 19.21 23.72 -50.36
CA VAL L 50 19.98 20.40 -52.06
CA GLY L 51 22.84 18.49 -50.47
CA PHE L 52 23.84 15.44 -48.44
CA GLY L 53 22.02 15.51 -45.11
CA ASN L 54 19.61 18.24 -46.11
CA LYS L 55 15.82 18.22 -45.90
CA VAL L 56 14.06 19.61 -48.96
CA SER L 57 10.40 19.90 -49.97
CA THR L 58 8.08 20.68 -52.86
CA GLN L 59 4.49 21.86 -53.20
CA ILE L 60 3.07 20.30 -56.36
CA SER L 61 2.08 23.09 -58.74
CA ARG L 62 -1.43 23.09 -60.17
CA ASN L 63 -0.60 22.75 -63.86
CA GLY L 64 -2.66 19.71 -64.68
CA ASP L 65 -5.93 18.24 -63.51
CA LEU L 66 -4.58 14.95 -62.14
CA ILE L 67 -1.13 13.71 -61.19
CA THR L 68 0.29 10.23 -61.51
CA ASP L 69 4.00 9.47 -61.86
CA ILE L 70 6.66 11.44 -59.98
CA VAL L 71 10.37 10.98 -60.73
CA VAL L 72 13.26 12.37 -58.74
CA GLU L 73 16.35 13.04 -60.86
CA PHE L 74 19.84 12.98 -59.37
CA VAL L 75 23.26 13.56 -60.91
CA LEU L 76 26.12 11.96 -59.01
CA THR L 77 29.80 11.20 -59.62
CA LYS L 78 31.53 7.92 -58.62
CA GLY L 79 34.30 8.11 -56.04
CA GLY L 80 35.50 4.56 -56.63
CA ASN L 81 35.92 1.98 -59.36
CA GLY L 82 33.89 -1.11 -60.26
CA GLY L 83 31.52 -2.76 -57.80
CA THR L 84 31.95 0.13 -55.37
CA THR L 85 28.37 1.34 -55.62
CA TYR L 86 25.00 -0.18 -54.69
CA TYR L 87 21.78 1.67 -55.57
CA PRO L 88 23.23 5.11 -54.67
CA ALA L 89 20.28 7.10 -56.05
CA GLU L 90 17.90 4.89 -54.10
CA GLU L 91 19.87 5.34 -50.86
CA LEU L 92 20.17 9.11 -51.37
CA LEU L 93 16.38 9.32 -51.01
CA GLN L 94 16.40 8.41 -47.32
CA ASP L 95 12.64 9.10 -47.08
CA VAL L 96 9.73 10.78 -48.86
CA GLU L 97 6.57 12.05 -47.20
CA LEU L 98 3.32 12.79 -49.05
CA GLU L 99 1.20 15.47 -47.38
CA ILE L 100 -2.22 16.79 -48.44
CA GLY L 101 -3.80 19.81 -46.77
CA GLY L 102 -1.20 19.61 -44.03
CA GLN L 103 -2.18 16.00 -43.32
CA ARG L 104 0.27 13.18 -43.96
CA ILE L 105 -1.02 10.50 -46.35
CA ASP L 106 2.04 8.24 -46.57
CA LYS L 107 5.81 8.16 -46.08
CA HIS L 108 8.46 5.90 -47.62
CA TYR L 109 12.03 5.10 -46.66
CA ASN L 110 15.36 3.96 -48.06
CA ASP L 111 15.03 0.41 -46.89
CA TRP L 112 11.42 0.23 -48.13
CA PHE L 113 12.41 0.98 -51.71
CA ARG L 114 15.11 -1.68 -51.34
CA THR L 115 12.65 -4.19 -49.84
CA TYR L 116 10.03 -3.31 -52.44
CA ASP L 117 12.49 -3.91 -55.26
CA ALA L 118 13.60 -7.23 -53.77
CA LEU L 119 10.02 -8.39 -53.41
CA PHE L 120 7.83 -6.74 -56.06
CA ARG L 121 10.04 -5.81 -59.00
CA MET L 122 11.36 -8.52 -61.32
CA ASN L 123 13.10 -9.52 -64.50
CA ASP L 124 14.12 -6.78 -67.00
CA ASP L 125 11.99 -4.22 -65.16
CA ARG L 126 14.08 -4.78 -62.05
CA TYR L 127 17.26 -4.51 -64.08
CA ASN L 128 16.04 -1.30 -65.72
CA TYR L 129 15.35 0.03 -62.23
CA ARG L 130 18.98 -0.57 -61.25
CA ARG L 131 20.14 1.24 -64.39
CA MET L 132 18.04 4.18 -63.20
CA THR L 133 19.36 3.83 -59.66
CA ASP L 134 23.11 3.30 -60.15
CA TRP L 135 26.17 2.53 -62.21
CA VAL L 136 25.82 -0.85 -63.92
CA ASN L 137 28.63 -0.76 -66.51
CA ASN L 138 31.76 -1.02 -64.35
CA GLU L 139 32.34 2.71 -64.27
CA LEU L 140 35.49 4.08 -62.64
CA VAL L 141 36.25 7.06 -60.41
CA GLY L 142 34.93 10.34 -61.76
CA ALA L 143 32.10 8.83 -63.81
CA GLN L 144 29.03 11.12 -63.69
CA LYS L 145 25.53 9.71 -64.24
CA ARG L 146 21.88 10.79 -64.40
CA PHE L 147 19.68 8.89 -61.94
CA TYR L 148 15.90 8.56 -61.92
CA VAL L 149 14.19 7.35 -58.75
CA PRO L 150 10.47 6.63 -59.34
CA LEU L 151 8.19 7.12 -56.32
CA ILE L 152 5.71 4.39 -55.35
CA PHE L 153 2.78 6.14 -53.65
CA PHE L 154 -0.78 4.99 -54.40
CA PHE L 155 -1.29 7.49 -57.22
CA ASN L 156 2.17 6.67 -58.68
CA GLN L 157 1.31 2.98 -59.11
CA THR L 158 -2.00 3.21 -61.00
CA PRO L 159 -3.53 5.83 -63.27
CA GLY L 160 -6.82 4.61 -61.75
CA LEU L 161 -5.84 6.23 -58.46
CA ALA L 162 -4.62 9.45 -60.07
CA LEU L 163 -4.71 12.20 -57.42
CA PRO L 164 -7.27 14.83 -58.61
CA LEU L 165 -5.69 18.25 -58.12
CA ILE L 166 -8.76 19.99 -59.50
CA ALA L 167 -10.72 18.41 -56.67
CA LEU L 168 -8.24 19.63 -54.05
CA GLN L 169 -8.60 23.34 -54.76
CA TYR L 170 -8.06 24.13 -51.07
CA HIS L 171 -5.61 21.40 -50.07
CA GLU L 172 -1.91 21.78 -50.88
CA VAL L 173 -0.08 18.64 -51.97
CA LYS L 174 3.50 18.53 -50.72
CA LEU L 175 6.47 16.17 -50.68
CA TYR L 176 9.21 16.14 -48.04
CA PHE L 177 12.56 14.56 -48.90
CA THR L 178 15.47 13.84 -46.59
CA LEU L 179 18.72 13.14 -48.41
CA ALA L 180 21.15 10.59 -46.99
CA SER L 181 24.31 12.12 -45.56
CA GLN L 182 26.70 9.31 -46.52
CA VAL L 183 26.31 7.30 -49.71
CA GLN L 184 28.86 4.54 -50.35
CA GLY L 185 30.95 4.90 -53.50
CA VAL L 186 29.86 8.49 -53.95
CA ASN L 187 30.12 10.45 -50.71
CA TYR L 188 32.24 8.10 -48.60
CA ASN L 189 34.12 4.82 -48.91
CA GLY L 190 33.19 2.99 -45.75
CA SER L 191 33.53 5.41 -42.85
CA SER L 192 36.12 7.50 -44.74
CA ALA L 193 34.89 10.56 -46.60
CA ILE L 194 35.97 10.85 -50.25
CA ALA L 195 37.75 14.15 -50.86
CA GLY L 196 36.47 16.38 -53.65
CA ALA L 197 33.18 14.46 -53.55
CA ALA L 198 30.65 16.60 -55.42
CA GLN L 199 27.29 17.43 -53.88
CA PRO L 200 24.15 15.95 -55.46
CA THR L 201 22.03 17.76 -58.04
CA MET L 202 18.31 17.15 -57.65
CA SER L 203 15.24 17.62 -59.84
CA VAL L 204 11.59 16.67 -59.24
CA TRP L 205 9.25 15.84 -62.12
CA VAL L 206 5.49 15.22 -61.98
CA ASP L 207 3.23 13.75 -64.68
CA TYR L 208 -0.05 15.62 -65.18
CA ILE L 209 -3.21 14.43 -66.86
CA PHE L 210 -5.24 17.08 -68.67
CA LEU L 211 -8.86 16.03 -68.86
CA ASP L 212 -11.67 16.97 -71.21
CA THR L 213 -14.45 19.40 -70.21
CA GLN L 214 -16.95 16.63 -69.55
CA GLU L 215 -14.89 14.72 -66.99
CA ARG L 216 -13.28 17.90 -65.61
CA THR L 217 -16.66 19.15 -64.45
CA ARG L 218 -17.37 15.86 -62.73
CA PHE L 219 -13.98 15.71 -60.99
CA ALA L 220 -14.65 19.21 -59.74
CA GLN L 221 -18.31 18.73 -58.87
CA LEU L 222 -18.72 15.31 -57.25
CA PRO L 223 -17.34 13.79 -54.02
CA HIS L 224 -14.58 11.20 -54.46
CA GLU L 225 -13.52 8.15 -52.48
CA TYR L 226 -10.26 6.44 -53.33
CA LEU L 227 -9.20 3.13 -51.85
CA ILE L 228 -5.46 3.66 -51.43
CA GLU L 229 -2.55 1.89 -49.78
CA GLN L 230 -0.09 3.01 -47.15
CA LEU L 231 3.18 1.84 -45.69
CA GLN L 232 3.79 1.19 -41.99
CA PHE L 233 7.19 0.79 -40.32
CA THR L 234 9.26 0.70 -37.07
CA GLY L 235 12.97 -0.13 -36.46
CA SER L 236 13.80 -3.09 -34.14
CA GLU L 237 17.04 -4.64 -32.85
CA THR L 238 17.93 -8.23 -33.77
CA ALA L 239 19.88 -10.49 -31.43
CA THR L 240 21.40 -13.44 -33.30
CA PRO L 241 23.17 -16.23 -31.25
CA SER L 242 26.90 -16.03 -31.72
CA ALA L 243 27.07 -19.82 -31.33
CA THR L 244 26.27 -22.80 -29.11
CA THR L 245 22.77 -21.30 -29.06
CA GLN L 246 19.86 -20.28 -31.27
CA ALA L 247 18.50 -16.97 -29.98
CA SER L 248 14.83 -16.04 -30.23
CA GLN L 249 12.53 -13.03 -29.89
CA ASN L 250 8.94 -11.86 -30.00
CA ILE L 251 8.57 -8.51 -31.71
CA ARG L 252 5.21 -7.06 -30.71
CA LEU L 253 3.92 -5.61 -33.98
CA ASN L 254 2.14 -2.25 -33.81
CA PHE L 255 0.14 -2.06 -37.03
CA ASN L 256 -3.42 -1.08 -37.94
CA HIS L 257 -6.07 -1.14 -40.68
CA PRO L 258 -6.76 -3.91 -43.24
CA THR L 259 -3.26 -5.21 -44.08
CA LYS L 260 -2.32 -6.98 -47.36
CA TYR L 261 1.00 -8.32 -46.18
CA LEU L 262 4.05 -8.01 -43.93
CA ALA L 263 7.60 -7.69 -45.24
CA TRP L 264 10.71 -7.74 -43.11
CA ASN L 265 14.50 -7.97 -43.23
CA PHE L 266 17.48 -8.14 -40.85
CA ASN L 267 20.06 -5.58 -41.95
CA ASN L 268 23.59 -4.55 -40.97
CA PRO L 269 23.18 -0.78 -40.38
CA THR L 270 26.78 -0.17 -41.51
CA ASN L 271 26.03 -1.40 -45.04
CA TYR L 272 22.98 -0.16 -46.96
CA GLY L 273 21.15 -3.14 -48.42
CA GLN L 274 23.10 -5.81 -46.54
CA TYR L 275 20.46 -8.29 -45.47
CA THR L 276 22.85 -11.24 -45.53
CA ALA L 277 26.03 -12.27 -43.65
CA LEU L 278 29.36 -11.43 -45.28
CA ALA L 279 31.44 -14.47 -46.21
CA ASN L 280 34.60 -15.50 -48.00
CA ILE L 281 32.56 -16.56 -51.02
CA PRO L 282 32.66 -14.91 -54.46
CA GLY L 283 30.39 -11.88 -54.30
CA ALA L 284 29.86 -12.28 -50.56
CA CYS L 285 32.65 -9.94 -49.38
CA SER L 286 35.36 -7.55 -50.53
CA GLY L 287 38.13 -9.47 -52.29
CA ALA L 288 36.28 -12.75 -51.72
CA GLY L 289 38.00 -15.81 -53.13
CA THR L 290 41.42 -14.24 -52.96
CA ALA L 291 44.30 -13.25 -50.66
CA ALA L 292 42.72 -9.81 -50.24
CA ALA L 293 39.47 -11.35 -48.98
CA THR L 294 37.96 -9.46 -46.04
CA VAL L 295 34.77 -10.61 -44.30
CA THR L 296 34.69 -7.13 -42.76
CA THR L 297 33.67 -5.38 -45.97
CA PRO L 298 30.91 -6.32 -48.44
CA ASP L 299 31.37 -6.60 -52.21
CA TYR L 300 29.30 -3.40 -52.58
CA GLY L 301 28.37 -3.97 -56.21
CA ASN L 302 27.07 -7.39 -55.20
CA THR L 303 25.61 -6.83 -51.72
CA GLY L 304 22.66 -9.14 -52.43
CA THR L 305 22.56 -12.96 -52.56
CA TYR L 306 20.16 -15.82 -53.21
CA ASN L 307 22.15 -18.10 -50.90
CA GLU L 308 19.94 -18.93 -47.90
CA GLN L 309 23.04 -20.27 -46.13
CA LEU L 310 23.88 -16.62 -45.48
CA ALA L 311 20.50 -15.53 -44.03
CA VAL L 312 19.98 -15.57 -40.22
CA LEU L 313 16.31 -16.34 -39.66
CA ASP L 314 15.88 -20.05 -38.88
CA SER L 315 12.12 -20.15 -38.30
CA ALA L 316 9.23 -17.77 -37.71
CA LYS L 317 5.52 -17.46 -37.00
CA ILE L 318 3.00 -14.74 -36.26
CA GLN L 319 0.60 -14.78 -33.31
CA LEU L 320 -2.78 -13.12 -32.84
CA ASN L 321 -3.70 -12.53 -29.23
CA GLY L 322 -1.31 -15.28 -28.12
CA GLN L 323 -2.89 -17.61 -30.66
CA ASP L 324 -0.76 -18.98 -33.51
CA ARG L 325 -1.81 -17.45 -36.84
CA PHE L 326 0.01 -20.37 -38.43
CA ALA L 327 2.49 -23.11 -37.59
CA THR L 328 6.22 -22.31 -37.58
CA ARG L 329 8.00 -22.35 -40.92
CA LYS L 330 11.71 -21.97 -41.72
CA GLY L 331 13.05 -18.64 -42.93
CA SER L 332 13.44 -20.06 -46.44
CA TYR L 333 9.64 -20.48 -46.63
CA PHE L 334 8.94 -16.76 -46.30
CA ASN L 335 11.79 -16.00 -48.73
CA LYS L 336 11.06 -18.58 -51.43
CA VAL L 337 7.52 -20.03 -51.03
CA GLN L 338 5.41 -17.05 -49.94
CA PRO L 339 6.80 -15.03 -52.89
CA TYR L 340 6.55 -17.92 -55.38
CA GLN L 341 2.88 -18.40 -54.42
CA SER L 342 1.83 -14.75 -54.46
CA ILE L 343 4.38 -12.78 -56.49
CA GLY L 344 6.06 -15.03 -59.03
CA GLY L 345 9.52 -13.50 -59.15
CA VAL L 346 12.64 -14.24 -57.10
CA THR L 347 13.61 -12.60 -53.83
CA PRO L 348 17.21 -12.47 -52.56
CA ALA L 349 17.96 -14.20 -49.27
CA GLY L 350 17.35 -11.94 -46.27
CA VAL L 351 13.97 -10.63 -47.37
CA TYR L 352 10.82 -12.24 -46.00
CA LEU L 353 7.18 -11.95 -46.86
CA TYR L 354 3.92 -13.20 -45.43
CA SER L 355 0.86 -12.30 -47.42
CA PHE L 356 -2.73 -12.00 -46.23
CA ALA L 357 -3.71 -11.52 -49.89
CA LEU L 358 -3.92 -13.76 -52.93
CA LYS L 359 -2.14 -11.14 -55.07
CA PRO L 360 -0.13 -8.73 -52.86
CA ALA L 361 1.34 -6.96 -55.86
CA GLY L 362 -2.14 -6.23 -57.21
CA ARG L 363 -3.90 -2.93 -56.53
CA GLN L 364 -7.35 -4.52 -56.29
CA PRO L 365 -7.91 -6.07 -52.82
CA SER L 366 -7.72 -9.86 -52.61
CA GLY L 367 -7.15 -10.79 -49.01
CA THR L 368 -6.64 -8.59 -45.97
CA CYS L 369 -6.21 -8.69 -42.19
CA ASN L 370 -7.48 -5.92 -39.92
CA PHE L 371 -4.81 -5.00 -37.39
CA SER L 372 -7.09 -2.31 -35.98
CA ARG L 373 -8.88 -5.25 -34.42
CA ILE L 374 -5.96 -7.35 -33.16
CA ASP L 375 -5.12 -6.24 -29.65
CA ASN L 376 -1.87 -8.20 -29.78
CA ALA L 377 0.11 -8.97 -32.92
CA THR L 378 3.54 -10.55 -32.40
CA LEU L 379 6.30 -11.93 -34.62
CA SER L 380 8.06 -14.88 -33.00
CA LEU L 381 11.61 -15.21 -34.35
CA THR L 382 14.23 -17.88 -33.84
CA TYR L 383 17.67 -17.36 -35.33
CA LYS L 384 20.20 -19.89 -36.63
CA THR L 385 23.36 -20.53 -34.65
CA CYS L 386 26.01 -18.38 -36.32
CA SER L 387 28.84 -20.87 -35.91
CA ILE L 388 30.17 -21.19 -39.47
CA ASP L 389 33.62 -19.68 -40.05
CA ALA L 390 32.84 -16.85 -42.48
CA THR L 391 36.40 -16.77 -43.88
CA SER L 392 36.26 -20.41 -44.99
CA PRO L 393 34.74 -21.26 -48.42
CA ALA L 394 34.64 -25.00 -47.65
CA ALA L 395 32.66 -24.36 -44.47
CA VAL L 396 30.13 -21.88 -45.91
CA LEU L 397 29.46 -23.94 -49.08
CA GLY L 398 29.15 -27.28 -47.29
CA ASN L 399 26.96 -26.75 -44.22
CA THR L 400 23.71 -27.45 -42.36
CA GLU L 401 20.29 -25.73 -42.56
CA THR L 402 20.31 -24.39 -39.00
CA VAL L 403 23.58 -22.45 -39.00
CA THR L 404 25.07 -19.37 -40.70
CA ALA L 405 28.42 -17.59 -40.62
CA ASN L 406 29.41 -15.78 -37.38
CA THR L 407 29.34 -12.68 -39.52
CA ALA L 408 25.57 -12.87 -39.02
CA THR L 409 25.90 -11.09 -35.65
CA LEU L 410 26.07 -7.73 -37.42
CA LEU L 411 22.56 -8.08 -38.86
CA THR L 412 20.88 -6.30 -35.93
CA ALA L 413 18.45 -3.92 -37.60
CA LEU L 414 15.07 -5.67 -37.87
CA ASN L 415 12.87 -3.77 -40.32
CA ILE L 416 9.23 -4.83 -40.44
CA TYR L 417 6.86 -3.36 -43.01
CA ALA L 418 3.10 -3.62 -43.42
CA LYS L 419 1.19 -2.36 -46.44
CA ASN L 420 -2.40 -1.46 -45.74
CA TYR L 421 -5.54 -0.09 -47.35
CA ASN L 422 -7.29 3.13 -46.41
CA VAL L 423 -9.83 5.46 -47.96
CA LEU L 424 -9.10 8.97 -49.25
CA ARG L 425 -12.31 11.01 -49.51
CA ILE L 426 -12.23 14.21 -51.57
CA MET L 427 -14.98 16.81 -51.63
CA SER L 428 -15.62 20.54 -51.48
CA GLY L 429 -12.04 21.33 -52.45
CA MET L 430 -10.27 19.23 -49.85
CA GLY L 431 -9.37 15.66 -48.94
CA GLY L 432 -8.67 13.48 -45.94
CA LEU L 433 -8.15 9.89 -44.91
CA ALA L 434 -11.23 8.03 -43.71
CA TYR L 435 -9.29 6.15 -41.05
CA ALA L 436 -6.51 7.14 -38.66
CA ASN L 437 -4.05 4.94 -36.72
CA THR M 25 -11.92 6.10 -68.03
CA PHE M 26 -8.43 5.08 -66.89
CA PHE M 27 -8.39 7.50 -63.99
CA LYS M 28 -11.13 6.30 -61.66
CA THR M 29 -10.92 2.57 -61.11
CA VAL M 30 -13.74 1.05 -59.04
CA TYR M 31 -12.25 -2.03 -57.38
CA ARG M 32 -14.54 -4.93 -56.58
CA ARG M 33 -15.68 -6.16 -53.19
CA TYR M 34 -15.02 -9.81 -52.41
CA THR M 35 -16.01 -12.57 -50.00
CA ASN M 36 -14.33 -12.40 -46.59
CA PHE M 37 -11.81 -15.18 -46.04
CA ALA M 38 -8.60 -16.26 -44.32
CA ILE M 39 -5.74 -18.55 -45.33
CA GLU M 40 -3.53 -20.89 -43.35
CA SER M 41 -0.93 -23.48 -44.28
CA ILE M 42 -1.30 -26.55 -42.10
CA GLN M 43 1.04 -29.53 -42.00
CA GLN M 44 -0.23 -32.92 -43.10
CA THR M 45 0.26 -36.30 -41.48
CA ILE M 46 2.48 -38.37 -43.73
CA ASN M 47 1.53 -42.07 -43.74
CA GLY M 48 4.19 -44.73 -44.15
CA SER M 49 7.96 -44.72 -43.84
CA VAL M 50 9.74 -41.91 -45.70
CA GLY M 51 12.76 -43.05 -47.66
CA PHE M 52 14.21 -43.61 -51.13
CA GLY M 53 12.03 -46.07 -53.02
CA ASN M 54 9.17 -45.93 -50.57
CA LYS M 55 5.50 -45.21 -51.28
CA VAL M 56 3.85 -42.84 -48.83
CA SER M 57 0.40 -41.27 -48.65
CA THR M 58 -1.67 -38.61 -46.89
CA GLN M 59 -5.36 -38.03 -46.28
CA ILE M 60 -5.95 -34.28 -46.24
CA SER M 61 -7.29 -33.30 -42.83
CA ARG M 62 -10.49 -31.25 -42.66
CA ASN M 63 -9.14 -28.14 -40.97
CA GLY M 64 -10.27 -25.56 -43.48
CA ASP M 65 -13.21 -25.14 -45.82
CA LEU M 66 -11.26 -25.10 -49.09
CA ILE M 67 -7.76 -26.14 -50.09
CA THR M 68 -5.49 -24.59 -52.68
CA ASP M 69 -1.70 -24.80 -52.58
CA ILE M 70 0.14 -27.92 -51.42
CA VAL M 71 3.91 -27.92 -50.88
CA VAL M 72 6.10 -30.92 -50.24
CA GLU M 73 9.17 -30.14 -48.13
CA PHE M 74 12.35 -32.18 -48.38
CA VAL M 75 15.68 -31.92 -46.59
CA LEU M 76 18.59 -33.48 -48.46
CA THR M 77 22.39 -33.45 -48.24
CA LYS M 78 24.73 -33.19 -51.26
CA GLY M 79 27.02 -36.12 -51.97
CA GLY M 80 29.13 -34.26 -54.51
CA ASN M 81 30.52 -30.82 -55.29
CA GLY M 82 29.43 -28.16 -57.77
CA GLY M 83 27.26 -28.97 -60.77
CA THR M 84 26.66 -32.48 -59.47
CA THR M 85 22.96 -31.99 -58.86
CA TYR M 86 19.97 -31.32 -61.15
CA TYR M 87 16.54 -30.67 -59.63
CA PRO M 88 16.97 -33.37 -56.91
CA ALA M 89 13.81 -32.42 -54.98
CA GLU M 90 11.83 -32.52 -58.22
CA GLU M 91 13.20 -35.95 -59.15
CA LEU M 92 12.62 -37.34 -55.63
CA LEU M 93 8.88 -36.86 -56.21
CA GLN M 94 8.67 -39.62 -58.83
CA ASP M 95 4.86 -39.27 -58.96
CA VAL M 96 1.87 -37.85 -57.08
CA GLU M 97 -1.70 -39.13 -57.32
CA LEU M 98 -4.77 -37.15 -56.26
CA GLU M 99 -7.67 -39.32 -55.14
CA ILE M 100 -11.15 -38.23 -54.02
CA GLY M 101 -13.63 -40.71 -52.53
CA GLY M 102 -11.42 -43.55 -53.66
CA GLN M 103 -11.56 -42.26 -57.24
CA ARG M 104 -8.43 -40.99 -58.94
CA ILE M 105 -8.70 -37.40 -60.24
CA ASP M 106 -5.19 -36.88 -61.58
CA LYS M 107 -1.61 -38.13 -61.31
CA HIS M 108 1.70 -36.37 -62.05
CA TYR M 109 5.20 -37.65 -62.67
CA ASN M 110 8.86 -36.70 -62.42
CA ASP M 111 9.28 -35.98 -66.09
CA TRP M 112 6.02 -34.00 -66.18
CA PHE M 113 7.23 -31.51 -63.59
CA ARG M 114 10.43 -31.22 -65.63
CA THR M 115 8.50 -30.78 -68.89
CA TYR M 116 6.09 -28.36 -67.25
CA ASP M 117 8.95 -26.23 -65.96
CA ALA M 118 10.66 -26.23 -69.37
CA LEU M 119 7.45 -25.18 -71.10
CA PHE M 120 5.27 -23.17 -68.70
CA ARG M 121 7.53 -21.59 -66.09
CA MET M 122 9.77 -18.66 -67.05
CA ASN M 123 12.08 -15.87 -66.04
CA ASP M 124 12.69 -15.22 -62.30
CA ASP M 125 9.79 -17.48 -61.36
CA ARG M 126 11.54 -20.37 -63.08
CA TYR M 127 14.79 -19.50 -61.34
CA ASN M 128 13.02 -19.28 -57.97
CA TYR M 129 11.59 -22.74 -58.69
CA ARG M 130 15.10 -24.13 -59.12
CA ARG M 131 16.17 -22.54 -55.83
CA MET M 132 13.26 -24.43 -54.26
CA THR M 133 14.18 -27.61 -56.12
CA ASP M 134 17.98 -27.80 -55.74
CA TRP M 135 21.37 -26.39 -54.90
CA VAL M 136 22.08 -23.29 -56.98
CA ASN M 137 25.08 -21.75 -55.17
CA ASN M 138 27.89 -24.20 -55.99
CA GLU M 139 27.51 -26.13 -52.75
CA LEU M 140 30.00 -28.87 -51.91
CA VAL M 141 29.70 -32.33 -50.39
CA GLY M 142 27.80 -32.39 -47.11
CA ALA M 143 25.71 -29.28 -47.81
CA GLN M 144 22.17 -29.73 -46.39
CA LYS M 145 19.23 -27.80 -47.86
CA ARG M 146 15.47 -27.33 -47.42
CA PHE M 147 13.53 -28.06 -50.61
CA TYR M 148 9.97 -27.07 -51.50
CA VAL M 149 8.23 -28.82 -54.36
CA PRO M 150 4.91 -27.13 -55.27
CA LEU M 151 2.21 -29.42 -56.70
CA ILE M 152 0.40 -28.43 -59.90
CA PHE M 153 -3.07 -30.02 -59.71
CA PHE M 154 -6.11 -28.02 -60.87
CA PHE M 155 -6.86 -26.64 -57.41
CA ASN M 156 -3.16 -25.81 -56.85
CA GLN M 157 -3.02 -23.54 -59.90
CA THR M 158 -6.01 -21.26 -59.26
CA PRO M 159 -7.86 -20.17 -56.16
CA GLY M 160 -10.91 -20.16 -58.45
CA LEU M 161 -10.77 -23.95 -58.57
CA ALA M 162 -10.20 -24.33 -54.83
CA LEU M 163 -11.30 -27.85 -53.82
CA PRO M 164 -14.26 -27.46 -51.39
CA LEU M 165 -13.64 -29.82 -48.46
CA ILE M 166 -16.85 -28.72 -46.77
CA ALA M 167 -18.70 -29.97 -49.85
CA LEU M 168 -16.95 -33.35 -49.72
CA GLN M 169 -18.12 -34.36 -46.26
CA TYR M 170 -18.26 -38.02 -47.35
CA HIS M 171 -15.35 -38.18 -49.79
CA GLU M 172 -11.79 -38.51 -48.49
CA VAL M 173 -9.13 -36.55 -50.35
CA LYS M 174 -5.81 -38.40 -50.51
CA LEU M 175 -2.37 -38.03 -52.07
CA TYR M 176 -0.07 -40.90 -52.99
CA PHE M 177 3.66 -40.22 -53.40
CA THR M 178 6.34 -42.53 -54.72
CA LEU M 179 9.87 -41.40 -53.91
CA ALA M 180 12.65 -42.00 -56.42
CA SER M 181 15.13 -44.66 -55.34
CA GLN M 182 18.24 -43.08 -56.88
CA VAL M 183 18.76 -39.34 -57.06
CA GLN M 184 21.98 -38.10 -58.69
CA GLY M 185 24.29 -36.04 -56.49
CA VAL M 186 22.41 -37.06 -53.37
CA ASN M 187 21.77 -40.80 -53.28
CA TYR M 188 24.12 -42.01 -56.01
CA ASN M 189 26.78 -40.67 -58.37
CA GLY M 190 25.94 -42.33 -61.65
CA SER M 191 25.31 -46.01 -60.98
CA SER M 192 27.51 -45.94 -57.85
CA ALA M 193 25.81 -45.47 -54.50
CA ILE M 194 27.23 -42.72 -52.27
CA ALA M 195 28.19 -44.14 -48.88
CA GLY M 196 26.76 -42.47 -45.78
CA ALA M 197 24.07 -40.93 -47.97
CA ALA M 198 21.35 -39.73 -45.61
CA GLN M 199 17.72 -40.65 -46.18
CA PRO M 200 15.27 -37.91 -47.15
CA THR M 201 13.10 -36.03 -44.63
CA MET M 202 9.63 -35.23 -45.93
CA SER M 203 6.84 -32.86 -44.91
CA VAL M 204 3.48 -32.11 -46.58
CA TRP M 205 1.80 -28.71 -46.21
CA VAL M 206 -1.67 -27.68 -47.39
CA ASP M 207 -3.14 -24.17 -47.65
CA TYR M 208 -6.70 -23.85 -46.32
CA ILE M 209 -9.22 -21.13 -46.98
CA PHE M 210 -11.60 -20.34 -44.12
CA LEU M 211 -14.81 -18.85 -45.49
CA ASP M 212 -17.43 -16.63 -43.94
CA THR M 213 -20.84 -17.97 -42.80
CA GLN M 214 -22.64 -16.68 -45.87
CA GLU M 215 -20.50 -18.47 -48.45
CA ARG M 216 -19.92 -21.49 -46.20
CA THR M 217 -23.62 -22.28 -46.23
CA ARG M 218 -23.69 -22.07 -50.01
CA PHE M 219 -20.62 -24.27 -50.48
CA ALA M 220 -22.29 -26.82 -48.23
CA GLN M 221 -25.79 -26.49 -49.63
CA LEU M 222 -25.54 -26.21 -53.42
CA PRO M 223 -24.25 -28.59 -56.13
CA HIS M 224 -20.89 -27.65 -57.68
CA GLU M 225 -19.37 -28.19 -61.11
CA TYR M 226 -15.71 -27.43 -61.63
CA LEU M 227 -14.06 -27.41 -65.03
CA ILE M 228 -10.65 -28.88 -64.21
CA GLU M 229 -7.63 -30.14 -66.09
CA GLN M 230 -5.86 -33.48 -66.07
CA LEU M 231 -2.62 -34.94 -67.29
CA GLN M 232 -2.32 -37.95 -69.60
CA PHE M 233 0.84 -39.99 -70.25
CA THR M 234 2.43 -43.21 -71.64
CA GLY M 235 6.13 -44.20 -72.07
CA SER M 236 7.37 -45.02 -75.63
CA GLU M 237 10.71 -46.14 -77.09
CA THR M 238 12.56 -43.91 -79.56
CA ALA M 239 14.71 -45.32 -82.34
CA THR M 240 17.12 -42.71 -83.70
CA PRO M 241 19.26 -43.58 -86.82
CA SER M 242 22.86 -44.13 -85.84
CA ALA M 243 23.91 -42.77 -89.24
CA THR M 244 23.60 -43.10 -93.01
CA THR M 245 19.87 -43.03 -92.30
CA GLN M 246 17.09 -40.93 -90.78
CA ALA M 247 14.81 -43.26 -88.81
CA SER M 248 11.08 -42.63 -88.46
CA GLN M 249 8.09 -43.78 -86.42
CA ASN M 250 4.35 -43.41 -85.92
CA ILE M 251 3.39 -43.39 -82.27
CA ARG M 252 -0.32 -44.15 -82.05
CA LEU M 253 -1.52 -41.70 -79.38
CA ASN M 254 -4.08 -43.00 -76.88
CA PHE M 255 -5.64 -39.86 -75.42
CA ASN M 256 -9.20 -38.72 -74.69
CA HIS M 257 -11.39 -35.74 -73.77
CA PRO M 258 -11.05 -32.09 -74.95
CA THR M 259 -7.25 -31.59 -75.10
CA LYS M 260 -5.50 -28.19 -74.82
CA TYR M 261 -2.13 -29.34 -76.04
CA LEU M 262 0.44 -32.10 -76.44
CA ALA M 263 3.94 -31.95 -74.95
CA TRP M 264 6.68 -34.48 -75.57
CA ASN M 265 10.39 -35.13 -75.14
CA PHE M 266 12.99 -37.78 -76.00
CA ASN M 267 14.98 -38.61 -72.88
CA ASN M 268 17.99 -40.73 -71.94
CA PRO M 269 16.60 -42.89 -69.09
CA THR M 270 20.04 -43.02 -67.45
CA ASN M 271 20.07 -39.26 -66.85
CA TYR M 272 17.07 -37.48 -65.30
CA GLY M 273 16.22 -34.43 -67.40
CA GLN M 274 18.53 -35.27 -70.31
CA TYR M 275 16.47 -34.43 -73.37
CA THR M 276 19.51 -33.57 -75.48
CA ALA M 277 22.58 -35.45 -76.81
CA LEU M 278 25.78 -35.20 -74.75
CA ALA M 279 28.65 -33.48 -76.57
CA ASN M 280 32.16 -32.19 -76.06
CA ILE M 281 30.84 -28.65 -75.77
CA PRO M 282 30.96 -26.48 -72.63
CA GLY M 283 28.00 -27.50 -70.48
CA ALA M 284 27.12 -30.40 -72.77
CA CYS M 285 29.09 -33.13 -70.94
CA SER M 286 31.25 -33.86 -67.91
CA GLY M 287 34.60 -32.10 -68.23
CA ALA M 288 33.56 -30.66 -71.59
CA GLY M 289 36.13 -28.43 -73.24
CA THR M 290 39.02 -30.09 -71.45
CA ALA M 291 41.25 -33.17 -71.31
CA ALA M 292 38.84 -34.77 -68.83
CA ALA M 293 35.94 -34.40 -71.28
CA THR M 294 33.65 -37.44 -71.37
CA VAL M 295 30.65 -37.66 -73.71
CA THR M 296 29.52 -40.57 -71.54
CA THR M 297 28.51 -38.39 -68.58
CA PRO M 298 26.40 -35.20 -68.58
CA ASP M 299 27.38 -31.95 -66.85
CA TYR M 300 24.65 -32.62 -64.28
CA GLY M 301 24.34 -29.04 -63.10
CA ASN M 302 23.82 -28.03 -66.71
CA THR M 303 21.84 -30.93 -68.20
CA GLY M 304 19.66 -28.59 -70.26
CA THR M 305 20.53 -26.68 -73.47
CA TYR M 306 19.03 -24.27 -75.96
CA ASN M 307 21.21 -25.64 -78.75
CA GLU M 308 18.90 -27.33 -81.29
CA GLN M 309 22.00 -28.94 -82.84
CA LEU M 310 21.81 -31.38 -79.93
CA ALA M 311 18.12 -32.34 -80.25
CA VAL M 312 17.15 -35.47 -82.27
CA LEU M 313 13.75 -34.75 -83.77
CA ASP M 314 14.16 -33.61 -87.39
CA SER M 315 10.51 -33.19 -88.34
CA ALA M 316 7.07 -34.14 -87.07
CA LYS M 317 3.33 -34.04 -87.73
CA ILE M 318 0.14 -35.35 -86.17
CA GLN M 319 -2.52 -37.30 -88.04
CA LEU M 320 -6.23 -37.69 -87.38
CA ASN M 321 -7.72 -40.84 -88.84
CA GLY M 322 -4.88 -41.08 -91.36
CA GLN M 323 -5.50 -37.47 -92.32
CA ASP M 324 -2.76 -34.88 -91.73
CA ARG M 325 -3.73 -32.48 -88.93
CA PHE M 326 -1.07 -30.20 -90.34
CA ALA M 327 1.90 -30.22 -92.71
CA THR M 328 5.28 -31.46 -91.46
CA ARG M 329 7.42 -28.99 -89.54
CA LYS M 330 10.99 -29.33 -88.25
CA GLY M 331 11.59 -30.14 -84.60
CA SER M 332 12.76 -26.56 -84.00
CA TYR M 333 9.23 -25.34 -84.85
CA PHE M 334 7.60 -27.17 -81.94
CA ASN M 335 10.46 -26.09 -79.65
CA LYS M 336 10.73 -22.42 -80.61
CA VAL M 337 7.64 -21.28 -82.59
CA GLN M 338 4.74 -23.11 -80.93
CA PRO M 339 5.94 -21.83 -77.51
CA TYR M 340 6.72 -18.30 -78.77
CA GLN M 341 3.20 -18.06 -80.23
CA SER M 342 1.28 -19.46 -77.25
CA ILE M 343 3.52 -19.23 -74.16
CA GLY M 344 6.00 -16.39 -74.55
CA GLY M 345 8.96 -17.79 -72.66
CA VAL M 346 11.89 -19.92 -73.83
CA THR M 347 12.00 -23.71 -73.92
CA PRO M 348 15.27 -25.69 -73.88
CA ALA M 349 16.00 -27.88 -76.89
CA GLY M 350 14.49 -31.35 -76.55
CA VAL M 351 11.04 -30.23 -75.41
CA TYR M 352 8.26 -29.94 -77.95
CA LEU M 353 4.78 -28.50 -77.84
CA TYR M 354 1.79 -28.40 -80.14
CA SER M 355 -1.13 -26.39 -78.84
CA PHE M 356 -4.79 -26.74 -79.74
CA ALA M 357 -5.40 -23.60 -77.64
CA LEU M 358 -4.67 -19.90 -78.07
CA LYS M 359 -3.34 -19.69 -74.49
CA PRO M 360 -2.28 -23.17 -73.24
CA ALA M 361 -0.93 -21.73 -70.00
CA GLY M 362 -4.29 -20.13 -69.23
CA ARG M 363 -6.88 -21.82 -67.03
CA GLN M 364 -9.83 -20.51 -69.05
CA PRO M 365 -10.42 -22.64 -72.19
CA SER M 366 -9.32 -21.11 -75.49
CA GLY M 367 -9.00 -23.91 -78.00
CA THR M 368 -9.42 -27.63 -77.57
CA CYS M 369 -9.46 -30.93 -79.47
CA ASN M 370 -11.65 -33.85 -78.44
CA PHE M 371 -9.63 -37.07 -78.50
CA SER M 372 -12.66 -38.98 -77.27
CA ARG M 373 -13.85 -38.56 -80.83
CA ILE M 374 -10.69 -39.33 -82.80
CA ASP M 375 -10.58 -43.06 -83.48
CA ASN M 376 -6.97 -42.79 -84.59
CA ALA M 377 -4.47 -40.19 -83.36
CA THR M 378 -0.85 -40.71 -84.43
CA LEU M 379 2.42 -38.81 -84.08
CA SER M 380 4.64 -39.24 -87.14
CA LEU M 381 8.29 -38.75 -86.19
CA THR M 382 11.42 -38.54 -88.31
CA TYR M 383 14.77 -38.29 -86.60
CA LYS M 384 17.99 -36.60 -87.71
CA THR M 385 20.94 -38.75 -88.76
CA CYS M 386 23.16 -38.91 -85.68
CA SER M 387 26.45 -38.76 -87.57
CA ILE M 388 28.25 -35.87 -85.85
CA ASP M 389 31.25 -36.86 -83.75
CA ALA M 390 30.12 -35.91 -80.24
CA THR M 391 33.68 -35.55 -78.91
CA SER M 392 34.60 -32.88 -81.48
CA PRO M 393 33.77 -29.20 -80.73
CA ALA M 394 34.50 -28.12 -84.31
CA ALA M 395 32.04 -30.69 -85.68
CA VAL M 396 29.18 -30.01 -83.24
CA LEU M 397 29.44 -26.20 -83.50
CA GLY M 398 29.74 -26.12 -87.29
CA ASN M 399 27.13 -28.49 -88.71
CA THR M 400 23.94 -29.01 -90.75
CA GLU M 401 20.27 -28.84 -89.72
CA THR M 402 19.49 -32.52 -90.34
CA VAL M 403 22.18 -34.17 -88.18
CA THR M 404 23.05 -34.48 -84.48
CA ALA M 405 25.82 -36.13 -82.49
CA ASN M 406 25.92 -39.97 -82.41
CA THR M 407 25.35 -39.55 -78.70
CA ALA M 408 21.70 -39.03 -79.71
CA THR M 409 21.17 -42.80 -79.82
CA LEU M 410 20.71 -42.88 -76.04
CA LEU M 411 17.61 -40.68 -76.16
CA THR M 412 15.20 -43.62 -76.37
CA ALA M 413 12.47 -42.73 -73.90
CA LEU M 414 9.69 -40.91 -75.76
CA ASN M 415 7.42 -39.18 -73.25
CA ILE M 416 4.21 -37.75 -74.66
CA TYR M 417 1.87 -35.69 -72.49
CA ALA M 418 -1.62 -34.36 -73.10
CA LYS M 419 -3.40 -31.91 -70.81
CA ASN M 420 -7.16 -32.11 -70.94
CA TYR M 421 -10.30 -30.62 -69.46
CA ASN M 422 -12.91 -32.52 -67.45
CA VAL M 423 -15.73 -31.68 -65.07
CA LEU M 424 -15.72 -32.35 -61.34
CA ARG M 425 -19.29 -32.33 -59.97
CA ILE M 426 -19.75 -32.06 -56.20
CA MET M 427 -23.01 -32.57 -54.38
CA SER M 428 -24.57 -34.28 -51.37
CA GLY M 429 -21.21 -34.63 -49.67
CA MET M 430 -19.32 -36.29 -52.47
CA GLY M 431 -17.68 -35.64 -55.83
CA GLY M 432 -16.84 -37.37 -59.08
CA LEU M 433 -15.59 -36.73 -62.58
CA ALA M 434 -18.24 -36.19 -65.23
CA TYR M 435 -16.23 -38.04 -67.87
CA ALA M 436 -14.11 -41.17 -67.79
CA ASN M 437 -11.45 -42.39 -70.25
#